data_8S7S
#
_entry.id   8S7S
#
_cell.length_a   90.804
_cell.length_b   144.145
_cell.length_c   289.452
_cell.angle_alpha   90.00
_cell.angle_beta   90.00
_cell.angle_gamma   90.00
#
_symmetry.space_group_name_H-M   'C 2 2 21'
#
loop_
_entity.id
_entity.type
_entity.pdbx_description
1 polymer Oxidoreductase
2 non-polymer 'FLAVIN-ADENINE DINUCLEOTIDE'
3 water water
#
_entity_poly.entity_id   1
_entity_poly.type   'polypeptide(L)'
_entity_poly.pdbx_seq_one_letter_code
;MAAPLPEGVSAEAMSSALDRFARIVGADWVFTEDKITPYEDPYTISNDETEHRPYAAVAPASTEEVQEIVRVANEFGVPL
WPVSRGKNFAYGGAAPVMSGTVVLDMNRMNRILEVNEEFGYALVEPGVSYFELYDYIQEKGLKLWIDVPDGGWGSVVGNA
LDHGIGYTPYGDHFAMQCGMEVVLPNGEVVRTGMGAMPGNNTWQLFKYGYGPYVDGIFSQSNFGVVTKMGIWLMPEPAGY
RPYLITFENEDDIETVTERLRPLKVAGVIQNGATVRSLVLDAAITRTKSQYYDGDGPIPPSVAKTMMADLDLGMWNFCGA
LYGPPPVMDTLWTAIRDSFADIPGVKFYFPEDRRHKVDLLLHRAETMKGVPKLTEFNFLNWDGGGGHVGFSPVSPITGKD
AIKQYNMVSSRVREYGFDYMGLLAIGWRDLHHVTVIVYDKTDPDERKKLDELFNILVDEAAAEGYGEYRTHIRYMDRIAK
TYSWNDNALWKMHETIKDALDPNGILAPGKSGIWGKNRRKA
;
_entity_poly.pdbx_strand_id   A,B,C
#
loop_
_chem_comp.id
_chem_comp.type
_chem_comp.name
_chem_comp.formula
FAD non-polymer 'FLAVIN-ADENINE DINUCLEOTIDE' 'C27 H33 N9 O15 P2'
#
# COMPACT_ATOMS: atom_id res chain seq x y z
N ALA A 2 -27.08 -27.21 5.47
CA ALA A 2 -26.68 -28.30 4.55
C ALA A 2 -25.63 -27.76 3.57
N ALA A 3 -25.19 -28.62 2.63
CA ALA A 3 -24.28 -28.27 1.54
C ALA A 3 -25.08 -28.05 0.25
N PRO A 4 -24.72 -27.03 -0.56
CA PRO A 4 -25.42 -26.76 -1.81
C PRO A 4 -24.90 -27.61 -2.99
N LEU A 5 -25.77 -27.83 -3.98
CA LEU A 5 -25.39 -28.36 -5.27
C LEU A 5 -24.18 -27.59 -5.83
N PRO A 6 -23.30 -28.21 -6.65
CA PRO A 6 -22.19 -27.48 -7.26
C PRO A 6 -22.72 -26.69 -8.47
N GLU A 7 -22.20 -25.48 -8.68
CA GLU A 7 -22.81 -24.56 -9.65
C GLU A 7 -22.81 -25.23 -11.03
N GLY A 8 -23.96 -25.18 -11.70
CA GLY A 8 -24.09 -25.69 -13.05
C GLY A 8 -24.66 -27.12 -13.10
N VAL A 9 -25.10 -27.66 -11.96
CA VAL A 9 -25.46 -29.08 -11.87
C VAL A 9 -26.88 -29.20 -11.35
N SER A 10 -27.80 -29.66 -12.21
CA SER A 10 -29.20 -29.77 -11.83
C SER A 10 -29.36 -30.78 -10.70
N ALA A 11 -30.39 -30.60 -9.87
CA ALA A 11 -30.70 -31.51 -8.76
C ALA A 11 -31.14 -32.87 -9.29
N GLU A 12 -31.72 -32.93 -10.50
CA GLU A 12 -32.11 -34.21 -11.07
C GLU A 12 -30.86 -35.00 -11.43
N ALA A 13 -29.93 -34.32 -12.12
CA ALA A 13 -28.71 -34.92 -12.66
C ALA A 13 -27.85 -35.47 -11.52
N MET A 14 -27.88 -34.78 -10.36
CA MET A 14 -27.11 -35.19 -9.20
C MET A 14 -27.71 -36.45 -8.59
N SER A 15 -29.03 -36.56 -8.56
CA SER A 15 -29.66 -37.72 -7.94
C SER A 15 -29.62 -38.92 -8.90
N SER A 16 -29.57 -38.66 -10.22
CA SER A 16 -29.32 -39.71 -11.20
C SER A 16 -27.92 -40.30 -11.03
N ALA A 17 -26.94 -39.40 -10.82
CA ALA A 17 -25.56 -39.77 -10.58
C ALA A 17 -25.45 -40.60 -9.30
N LEU A 18 -26.11 -40.18 -8.22
CA LEU A 18 -25.97 -40.87 -6.96
C LEU A 18 -26.55 -42.28 -7.08
N ASP A 19 -27.57 -42.45 -7.92
CA ASP A 19 -28.20 -43.74 -8.05
C ASP A 19 -27.26 -44.66 -8.84
N ARG A 20 -26.66 -44.13 -9.93
CA ARG A 20 -25.82 -44.96 -10.77
C ARG A 20 -24.49 -45.25 -10.06
N PHE A 21 -24.03 -44.36 -9.17
CA PHE A 21 -22.92 -44.67 -8.28
C PHE A 21 -23.28 -45.82 -7.35
N ALA A 22 -24.55 -45.88 -6.94
CA ALA A 22 -24.99 -46.82 -5.91
C ALA A 22 -25.12 -48.20 -6.52
N ARG A 23 -25.39 -48.26 -7.82
CA ARG A 23 -25.40 -49.51 -8.55
C ARG A 23 -23.96 -50.03 -8.62
N ILE A 24 -23.00 -49.10 -8.74
CA ILE A 24 -21.62 -49.47 -8.99
C ILE A 24 -20.99 -50.02 -7.72
N VAL A 25 -21.18 -49.35 -6.58
CA VAL A 25 -20.45 -49.73 -5.37
C VAL A 25 -21.38 -50.41 -4.39
N GLY A 26 -22.67 -50.49 -4.74
CA GLY A 26 -23.69 -50.96 -3.80
C GLY A 26 -24.18 -49.81 -2.91
N ALA A 27 -25.46 -49.87 -2.55
CA ALA A 27 -26.12 -48.79 -1.83
C ALA A 27 -25.45 -48.46 -0.50
N ASP A 28 -24.78 -49.41 0.16
CA ASP A 28 -24.15 -49.16 1.48
C ASP A 28 -23.05 -48.11 1.43
N TRP A 29 -22.53 -47.78 0.22
CA TRP A 29 -21.26 -47.08 0.07
C TRP A 29 -21.44 -45.71 -0.61
N VAL A 30 -22.67 -45.17 -0.57
CA VAL A 30 -22.98 -43.81 -0.98
C VAL A 30 -23.54 -43.05 0.21
N PHE A 31 -22.88 -41.96 0.59
CA PHE A 31 -23.13 -41.26 1.85
C PHE A 31 -23.70 -39.86 1.59
N THR A 32 -24.74 -39.48 2.33
CA THR A 32 -25.40 -38.18 2.21
C THR A 32 -25.63 -37.62 3.62
N GLU A 33 -26.10 -36.36 3.71
CA GLU A 33 -26.77 -35.81 4.88
C GLU A 33 -25.87 -35.88 6.12
N ASP A 34 -26.21 -36.72 7.11
CA ASP A 34 -25.57 -36.73 8.42
C ASP A 34 -24.30 -37.60 8.44
N LYS A 35 -24.16 -38.46 7.43
CA LYS A 35 -23.02 -39.35 7.29
C LYS A 35 -21.75 -38.59 6.84
N ILE A 36 -21.89 -37.30 6.48
CA ILE A 36 -20.91 -36.55 5.70
C ILE A 36 -20.02 -35.65 6.57
N THR A 37 -20.11 -35.75 7.90
CA THR A 37 -19.38 -34.82 8.77
C THR A 37 -17.95 -35.30 9.02
N PRO A 38 -17.61 -36.62 8.98
CA PRO A 38 -16.20 -37.02 8.83
C PRO A 38 -15.42 -36.25 7.74
N TYR A 39 -16.09 -35.83 6.64
CA TYR A 39 -15.42 -35.25 5.49
C TYR A 39 -15.43 -33.71 5.50
N GLU A 40 -15.78 -33.10 6.64
CA GLU A 40 -15.61 -31.67 6.84
C GLU A 40 -14.16 -31.38 7.16
N ASP A 41 -13.73 -30.16 6.84
CA ASP A 41 -12.50 -29.62 7.40
C ASP A 41 -12.57 -29.70 8.93
N PRO A 42 -11.71 -30.51 9.63
CA PRO A 42 -11.69 -30.52 11.11
C PRO A 42 -11.13 -29.27 11.78
N TYR A 43 -10.22 -28.57 11.10
CA TYR A 43 -9.66 -27.30 11.56
C TYR A 43 -10.26 -26.15 10.72
N THR A 44 -11.49 -25.73 11.09
CA THR A 44 -12.21 -24.62 10.47
C THR A 44 -11.33 -23.36 10.44
N ILE A 45 -11.20 -22.74 9.26
CA ILE A 45 -10.55 -21.46 9.09
C ILE A 45 -11.59 -20.42 8.64
N SER A 46 -12.54 -20.83 7.79
CA SER A 46 -13.54 -19.94 7.25
C SER A 46 -14.65 -19.65 8.28
N ASN A 47 -15.18 -18.42 8.25
CA ASN A 47 -16.38 -18.05 8.99
C ASN A 47 -17.64 -18.21 8.14
N ASP A 48 -17.47 -18.47 6.83
CA ASP A 48 -18.56 -18.63 5.88
C ASP A 48 -18.86 -20.13 5.72
N GLU A 49 -20.10 -20.55 6.01
CA GLU A 49 -20.50 -21.96 6.03
C GLU A 49 -21.08 -22.44 4.70
N THR A 50 -20.65 -21.83 3.59
CA THR A 50 -21.02 -22.26 2.24
C THR A 50 -19.75 -22.69 1.48
N GLU A 51 -18.59 -22.71 2.17
CA GLU A 51 -17.27 -22.86 1.55
C GLU A 51 -16.63 -24.19 1.98
N HIS A 52 -15.94 -24.85 1.03
CA HIS A 52 -15.35 -26.16 1.27
C HIS A 52 -16.34 -27.13 1.93
N ARG A 53 -17.59 -27.18 1.41
CA ARG A 53 -18.64 -28.07 1.90
C ARG A 53 -18.87 -29.21 0.90
N PRO A 54 -18.45 -30.46 1.24
CA PRO A 54 -18.75 -31.63 0.41
C PRO A 54 -20.21 -32.05 0.44
N TYR A 55 -20.73 -32.53 -0.71
CA TYR A 55 -22.16 -32.76 -0.89
C TYR A 55 -22.55 -34.22 -0.67
N ALA A 56 -21.67 -35.16 -1.06
CA ALA A 56 -21.88 -36.60 -0.87
C ALA A 56 -20.52 -37.30 -0.87
N ALA A 57 -20.50 -38.60 -0.55
CA ALA A 57 -19.28 -39.38 -0.66
C ALA A 57 -19.61 -40.74 -1.26
N VAL A 58 -18.68 -41.28 -2.07
CA VAL A 58 -18.79 -42.60 -2.67
C VAL A 58 -17.48 -43.34 -2.41
N ALA A 59 -17.56 -44.60 -2.02
CA ALA A 59 -16.40 -45.33 -1.53
C ALA A 59 -16.24 -46.63 -2.30
N PRO A 60 -15.50 -46.67 -3.42
CA PRO A 60 -15.40 -47.88 -4.23
C PRO A 60 -14.44 -48.92 -3.65
N ALA A 61 -14.54 -50.13 -4.21
CA ALA A 61 -13.84 -51.30 -3.68
C ALA A 61 -12.60 -51.59 -4.52
N SER A 62 -12.61 -51.10 -5.78
CA SER A 62 -11.69 -51.59 -6.79
C SER A 62 -11.34 -50.49 -7.78
N THR A 63 -10.31 -50.71 -8.57
CA THR A 63 -9.92 -49.75 -9.59
C THR A 63 -11.07 -49.59 -10.59
N GLU A 64 -11.69 -50.73 -10.97
CA GLU A 64 -12.71 -50.74 -12.00
C GLU A 64 -13.96 -49.98 -11.54
N GLU A 65 -14.29 -50.02 -10.24
CA GLU A 65 -15.40 -49.25 -9.71
C GLU A 65 -15.07 -47.76 -9.86
N VAL A 66 -13.84 -47.36 -9.51
CA VAL A 66 -13.37 -46.01 -9.74
C VAL A 66 -13.61 -45.59 -11.19
N GLN A 67 -13.24 -46.43 -12.16
CA GLN A 67 -13.39 -45.99 -13.53
C GLN A 67 -14.87 -45.74 -13.84
N GLU A 68 -15.76 -46.55 -13.25
CA GLU A 68 -17.18 -46.55 -13.60
C GLU A 68 -17.78 -45.25 -13.06
N ILE A 69 -17.44 -44.94 -11.80
CA ILE A 69 -17.78 -43.65 -11.24
C ILE A 69 -17.32 -42.53 -12.16
N VAL A 70 -16.07 -42.59 -12.60
CA VAL A 70 -15.53 -41.48 -13.35
C VAL A 70 -16.30 -41.37 -14.66
N ARG A 71 -16.75 -42.49 -15.22
CA ARG A 71 -17.45 -42.42 -16.49
C ARG A 71 -18.83 -41.79 -16.25
N VAL A 72 -19.48 -42.20 -15.15
CA VAL A 72 -20.76 -41.67 -14.72
C VAL A 72 -20.62 -40.16 -14.49
N ALA A 73 -19.64 -39.79 -13.66
CA ALA A 73 -19.38 -38.40 -13.34
C ALA A 73 -19.32 -37.55 -14.61
N ASN A 74 -18.72 -38.10 -15.68
CA ASN A 74 -18.71 -37.43 -16.97
C ASN A 74 -20.14 -37.26 -17.53
N GLU A 75 -20.93 -38.33 -17.55
CA GLU A 75 -22.24 -38.32 -18.18
C GLU A 75 -23.11 -37.21 -17.60
N PHE A 76 -23.10 -37.04 -16.26
CA PHE A 76 -23.94 -36.07 -15.58
C PHE A 76 -23.21 -34.79 -15.16
N GLY A 77 -21.95 -34.61 -15.59
CA GLY A 77 -21.15 -33.44 -15.24
C GLY A 77 -21.06 -33.18 -13.74
N VAL A 78 -20.92 -34.22 -12.90
CA VAL A 78 -20.74 -34.04 -11.46
C VAL A 78 -19.26 -34.11 -11.08
N PRO A 79 -18.76 -33.22 -10.22
CA PRO A 79 -17.35 -33.24 -9.85
C PRO A 79 -17.05 -34.14 -8.67
N LEU A 80 -15.83 -34.72 -8.68
CA LEU A 80 -15.37 -35.66 -7.68
C LEU A 80 -14.15 -35.07 -7.01
N TRP A 81 -13.98 -35.42 -5.72
CA TRP A 81 -12.85 -34.97 -4.93
C TRP A 81 -12.22 -36.19 -4.29
N PRO A 82 -11.13 -36.77 -4.86
CA PRO A 82 -10.55 -38.01 -4.36
C PRO A 82 -9.69 -37.79 -3.14
N VAL A 83 -9.89 -38.65 -2.14
CA VAL A 83 -9.00 -38.75 -1.00
C VAL A 83 -8.61 -40.21 -0.86
N SER A 84 -7.33 -40.44 -0.48
CA SER A 84 -6.85 -41.79 -0.26
C SER A 84 -7.37 -42.29 1.07
N ARG A 85 -7.11 -41.52 2.13
CA ARG A 85 -7.73 -41.72 3.43
C ARG A 85 -8.30 -40.41 3.98
N GLY A 86 -7.73 -39.27 3.52
CA GLY A 86 -8.28 -37.95 3.78
C GLY A 86 -7.94 -37.44 5.17
N LYS A 87 -6.82 -37.93 5.73
CA LYS A 87 -6.30 -37.54 7.02
C LYS A 87 -5.22 -36.45 6.87
N ASN A 88 -5.51 -35.49 5.97
CA ASN A 88 -4.63 -34.40 5.57
C ASN A 88 -4.88 -33.20 6.48
N PHE A 89 -4.43 -33.30 7.74
CA PHE A 89 -4.71 -32.31 8.75
C PHE A 89 -3.84 -31.06 8.49
N ALA A 90 -4.45 -29.87 8.68
CA ALA A 90 -3.85 -28.54 8.47
C ALA A 90 -3.89 -28.13 6.99
N TYR A 91 -4.35 -29.05 6.13
CA TYR A 91 -4.43 -28.83 4.70
C TYR A 91 -5.89 -28.87 4.21
N GLY A 92 -6.86 -29.14 5.10
CA GLY A 92 -8.26 -29.26 4.69
C GLY A 92 -8.95 -30.56 5.11
N GLY A 93 -8.17 -31.51 5.68
CA GLY A 93 -8.66 -32.86 5.94
C GLY A 93 -9.09 -33.56 4.64
N ALA A 94 -10.39 -33.85 4.55
CA ALA A 94 -10.92 -34.58 3.41
C ALA A 94 -11.75 -33.63 2.54
N ALA A 95 -11.80 -32.35 2.90
CA ALA A 95 -12.80 -31.45 2.34
C ALA A 95 -12.36 -30.92 0.96
N PRO A 96 -13.29 -30.63 0.02
CA PRO A 96 -12.95 -30.04 -1.27
C PRO A 96 -12.91 -28.50 -1.30
N VAL A 97 -12.07 -27.93 -2.18
CA VAL A 97 -12.00 -26.49 -2.37
C VAL A 97 -13.36 -25.91 -2.75
N MET A 98 -13.92 -26.44 -3.84
CA MET A 98 -15.25 -26.02 -4.24
C MET A 98 -16.28 -26.82 -3.44
N SER A 99 -17.35 -26.12 -3.03
CA SER A 99 -18.54 -26.74 -2.45
C SER A 99 -19.27 -27.54 -3.52
N GLY A 100 -20.01 -28.55 -3.08
CA GLY A 100 -20.88 -29.28 -4.00
C GLY A 100 -20.21 -30.55 -4.49
N THR A 101 -18.96 -30.75 -4.07
CA THR A 101 -18.15 -31.77 -4.67
C THR A 101 -18.47 -33.09 -4.00
N VAL A 102 -18.70 -34.16 -4.78
CA VAL A 102 -18.80 -35.52 -4.26
C VAL A 102 -17.40 -36.04 -3.95
N VAL A 103 -17.17 -36.43 -2.70
CA VAL A 103 -15.89 -36.99 -2.26
C VAL A 103 -15.79 -38.46 -2.70
N LEU A 104 -14.75 -38.76 -3.47
CA LEU A 104 -14.42 -40.13 -3.84
C LEU A 104 -13.44 -40.67 -2.79
N ASP A 105 -13.93 -41.55 -1.93
CA ASP A 105 -13.20 -41.98 -0.74
C ASP A 105 -12.61 -43.34 -1.04
N MET A 106 -11.30 -43.49 -0.84
CA MET A 106 -10.67 -44.71 -1.31
C MET A 106 -10.09 -45.52 -0.14
N ASN A 107 -10.62 -45.25 1.06
CA ASN A 107 -10.28 -45.99 2.26
C ASN A 107 -10.37 -47.49 2.03
N ARG A 108 -11.43 -47.94 1.37
CA ARG A 108 -11.71 -49.37 1.37
C ARG A 108 -10.63 -50.09 0.55
N MET A 109 -10.01 -49.39 -0.40
CA MET A 109 -8.96 -49.92 -1.25
C MET A 109 -7.65 -49.85 -0.48
N ASN A 110 -7.44 -50.86 0.38
CA ASN A 110 -6.42 -50.82 1.42
C ASN A 110 -5.60 -52.10 1.41
N ARG A 111 -5.49 -52.76 0.27
CA ARG A 111 -4.70 -53.97 0.21
C ARG A 111 -3.22 -53.57 0.05
N ILE A 112 -2.34 -54.29 0.76
CA ILE A 112 -0.91 -54.23 0.47
C ILE A 112 -0.58 -55.32 -0.54
N LEU A 113 -0.30 -54.95 -1.78
CA LEU A 113 -0.21 -55.90 -2.88
C LEU A 113 1.12 -56.64 -2.83
N GLU A 114 2.18 -55.94 -2.44
CA GLU A 114 3.49 -56.57 -2.29
C GLU A 114 4.37 -55.75 -1.36
N VAL A 115 5.16 -56.47 -0.57
CA VAL A 115 6.30 -55.91 0.14
C VAL A 115 7.43 -56.85 -0.17
N ASN A 116 8.49 -56.32 -0.79
CA ASN A 116 9.56 -57.15 -1.26
C ASN A 116 10.80 -56.81 -0.45
N GLU A 117 11.43 -57.81 0.16
CA GLU A 117 12.54 -57.55 1.05
C GLU A 117 13.85 -57.47 0.25
N GLU A 118 14.07 -58.37 -0.71
CA GLU A 118 15.32 -58.34 -1.49
C GLU A 118 15.54 -56.97 -2.17
N PHE A 119 14.47 -56.34 -2.67
CA PHE A 119 14.54 -55.15 -3.49
C PHE A 119 14.11 -53.89 -2.75
N GLY A 120 13.70 -54.00 -1.48
CA GLY A 120 13.34 -52.84 -0.68
C GLY A 120 12.24 -51.99 -1.32
N TYR A 121 11.06 -52.57 -1.56
CA TYR A 121 9.92 -51.77 -2.00
C TYR A 121 8.60 -52.34 -1.49
N ALA A 122 7.53 -51.58 -1.74
CA ALA A 122 6.14 -51.99 -1.48
C ALA A 122 5.25 -51.48 -2.60
N LEU A 123 4.18 -52.23 -2.89
CA LEU A 123 3.14 -51.80 -3.80
C LEU A 123 1.84 -51.77 -3.01
N VAL A 124 1.23 -50.56 -2.93
CA VAL A 124 0.13 -50.30 -2.03
C VAL A 124 -1.00 -49.58 -2.75
N GLU A 125 -2.23 -49.84 -2.26
CA GLU A 125 -3.41 -49.10 -2.68
C GLU A 125 -3.54 -47.86 -1.79
N PRO A 126 -4.42 -46.91 -2.14
CA PRO A 126 -4.51 -45.65 -1.41
C PRO A 126 -4.99 -45.74 0.04
N GLY A 127 -5.81 -46.76 0.33
CA GLY A 127 -6.35 -46.98 1.67
C GLY A 127 -5.34 -47.35 2.76
N VAL A 128 -4.12 -47.80 2.37
CA VAL A 128 -3.13 -48.28 3.32
C VAL A 128 -2.49 -47.09 4.04
N SER A 129 -2.50 -47.17 5.35
CA SER A 129 -1.95 -46.14 6.21
C SER A 129 -0.54 -46.57 6.62
N TYR A 130 0.19 -45.62 7.21
CA TYR A 130 1.51 -45.85 7.75
C TYR A 130 1.42 -46.89 8.85
N PHE A 131 0.36 -46.82 9.69
CA PHE A 131 0.18 -47.80 10.75
C PHE A 131 0.03 -49.20 10.18
N GLU A 132 -0.79 -49.39 9.13
CA GLU A 132 -1.03 -50.71 8.57
C GLU A 132 0.26 -51.26 7.94
N LEU A 133 1.02 -50.40 7.26
CA LEU A 133 2.20 -50.84 6.56
C LEU A 133 3.31 -51.21 7.56
N TYR A 134 3.50 -50.38 8.61
CA TYR A 134 4.47 -50.67 9.65
C TYR A 134 4.12 -52.01 10.30
N ASP A 135 2.84 -52.23 10.62
CA ASP A 135 2.43 -53.40 11.39
C ASP A 135 2.62 -54.68 10.55
N TYR A 136 2.28 -54.61 9.26
CA TYR A 136 2.48 -55.71 8.33
C TYR A 136 3.96 -56.10 8.29
N ILE A 137 4.83 -55.10 8.22
CA ILE A 137 6.25 -55.33 8.06
C ILE A 137 6.75 -56.01 9.33
N GLN A 138 6.27 -55.58 10.51
CA GLN A 138 6.78 -56.10 11.79
C GLN A 138 6.32 -57.54 11.94
N GLU A 139 5.08 -57.81 11.50
CA GLU A 139 4.42 -59.09 11.73
C GLU A 139 5.12 -60.17 10.90
N LYS A 140 5.57 -59.82 9.69
CA LYS A 140 6.18 -60.79 8.77
C LYS A 140 7.70 -60.87 9.01
N GLY A 141 8.22 -60.03 9.91
CA GLY A 141 9.62 -60.04 10.30
C GLY A 141 10.60 -59.43 9.28
N LEU A 142 10.09 -58.66 8.30
CA LEU A 142 10.91 -58.10 7.23
C LEU A 142 11.79 -56.95 7.73
N LYS A 143 13.06 -56.91 7.29
CA LYS A 143 14.05 -55.93 7.72
C LYS A 143 14.00 -54.66 6.85
N LEU A 144 12.87 -53.96 6.90
CA LEU A 144 12.67 -52.76 6.12
C LEU A 144 12.15 -51.71 7.08
N TRP A 145 12.58 -50.46 6.87
CA TRP A 145 12.01 -49.31 7.56
C TRP A 145 11.06 -48.59 6.61
N ILE A 146 10.08 -47.92 7.21
CA ILE A 146 9.22 -47.04 6.43
C ILE A 146 9.65 -45.64 6.80
N ASP A 147 9.04 -44.65 6.15
CA ASP A 147 9.33 -43.27 6.47
C ASP A 147 8.01 -42.54 6.74
N VAL A 148 7.85 -42.05 7.97
CA VAL A 148 6.53 -41.61 8.40
C VAL A 148 6.57 -40.11 8.60
N PRO A 149 5.42 -39.45 8.36
CA PRO A 149 5.20 -38.09 8.83
C PRO A 149 4.99 -38.14 10.34
N ASP A 150 4.64 -37.02 10.96
CA ASP A 150 4.48 -36.98 12.40
C ASP A 150 3.17 -37.64 12.84
N GLY A 151 2.19 -37.81 11.93
CA GLY A 151 1.05 -38.67 12.22
C GLY A 151 0.85 -39.82 11.22
N GLY A 152 0.88 -41.03 11.76
CA GLY A 152 0.86 -42.25 10.96
C GLY A 152 -0.52 -42.86 10.65
N TRP A 153 -1.60 -42.12 10.90
CA TRP A 153 -2.95 -42.60 10.56
C TRP A 153 -3.32 -42.30 9.12
N GLY A 154 -2.42 -41.57 8.42
CA GLY A 154 -2.60 -41.10 7.05
C GLY A 154 -2.02 -42.06 6.02
N SER A 155 -2.13 -41.65 4.74
CA SER A 155 -1.98 -42.52 3.58
C SER A 155 -0.57 -42.48 3.00
N VAL A 156 0.07 -43.63 2.88
CA VAL A 156 1.34 -43.71 2.16
C VAL A 156 1.20 -43.04 0.78
N VAL A 157 0.10 -43.33 0.07
CA VAL A 157 -0.11 -42.76 -1.26
C VAL A 157 -0.38 -41.26 -1.15
N GLY A 158 -1.45 -40.86 -0.46
CA GLY A 158 -1.93 -39.49 -0.45
C GLY A 158 -0.87 -38.50 0.01
N ASN A 159 -0.13 -38.88 1.02
CA ASN A 159 0.93 -38.03 1.52
C ASN A 159 2.03 -37.88 0.46
N ALA A 160 2.38 -38.97 -0.22
CA ALA A 160 3.42 -38.88 -1.25
C ALA A 160 2.87 -38.04 -2.39
N LEU A 161 1.58 -38.17 -2.72
CA LEU A 161 1.12 -37.40 -3.86
C LEU A 161 1.16 -35.94 -3.49
N ASP A 162 1.04 -35.62 -2.19
CA ASP A 162 1.01 -34.21 -1.80
C ASP A 162 2.41 -33.64 -1.54
N HIS A 163 3.45 -34.40 -1.84
CA HIS A 163 4.85 -33.98 -1.63
C HIS A 163 5.20 -33.97 -0.15
N GLY A 164 4.73 -34.99 0.58
CA GLY A 164 4.99 -35.13 2.01
C GLY A 164 6.45 -35.42 2.33
N ILE A 165 6.80 -35.21 3.61
CA ILE A 165 8.15 -35.43 4.09
C ILE A 165 8.13 -36.31 5.35
N GLY A 166 9.27 -36.94 5.61
CA GLY A 166 9.52 -37.63 6.86
C GLY A 166 10.95 -37.33 7.30
N TYR A 167 11.47 -38.18 8.19
CA TYR A 167 12.61 -37.82 9.02
C TYR A 167 13.68 -38.91 8.99
N THR A 168 13.61 -39.83 8.01
CA THR A 168 14.69 -40.75 7.68
C THR A 168 15.31 -40.33 6.35
N PRO A 169 16.36 -41.05 5.91
CA PRO A 169 16.94 -40.73 4.61
C PRO A 169 15.94 -40.89 3.44
N TYR A 170 14.82 -41.58 3.70
CA TYR A 170 13.79 -41.73 2.70
C TYR A 170 12.72 -40.66 2.92
N GLY A 171 13.15 -39.53 3.48
CA GLY A 171 12.24 -38.47 3.90
C GLY A 171 11.48 -37.84 2.75
N ASP A 172 12.01 -37.86 1.53
CA ASP A 172 11.31 -37.23 0.41
C ASP A 172 10.36 -38.28 -0.21
N HIS A 173 9.10 -38.30 0.24
CA HIS A 173 8.20 -39.41 -0.09
C HIS A 173 7.97 -39.54 -1.59
N PHE A 174 7.69 -38.46 -2.28
CA PHE A 174 7.37 -38.64 -3.68
C PHE A 174 8.64 -39.05 -4.42
N ALA A 175 9.81 -38.66 -3.91
CA ALA A 175 11.05 -38.97 -4.61
C ALA A 175 11.28 -40.48 -4.62
N MET A 176 10.69 -41.18 -3.65
CA MET A 176 10.91 -42.61 -3.48
C MET A 176 9.78 -43.38 -4.13
N GLN A 177 8.81 -42.67 -4.73
CA GLN A 177 7.70 -43.28 -5.45
C GLN A 177 8.23 -43.92 -6.71
N CYS A 178 7.73 -45.11 -7.03
CA CYS A 178 8.18 -45.81 -8.23
C CYS A 178 7.03 -46.63 -8.79
N GLY A 179 6.42 -46.13 -9.87
CA GLY A 179 5.34 -46.85 -10.54
C GLY A 179 3.98 -46.45 -9.98
N MET A 180 3.00 -46.20 -10.86
CA MET A 180 1.65 -45.98 -10.40
C MET A 180 0.64 -46.45 -11.45
N GLU A 181 -0.54 -46.82 -10.94
CA GLU A 181 -1.69 -47.06 -11.79
C GLU A 181 -2.58 -45.87 -11.58
N VAL A 182 -3.18 -45.34 -12.67
CA VAL A 182 -3.95 -44.12 -12.62
C VAL A 182 -5.23 -44.26 -13.44
N VAL A 183 -6.35 -43.83 -12.86
CA VAL A 183 -7.55 -43.71 -13.67
C VAL A 183 -7.60 -42.27 -14.14
N LEU A 184 -7.56 -42.08 -15.45
CA LEU A 184 -7.58 -40.74 -16.03
C LEU A 184 -8.97 -40.13 -15.83
N PRO A 185 -9.13 -38.81 -16.00
CA PRO A 185 -10.45 -38.18 -15.85
C PRO A 185 -11.51 -38.64 -16.86
N ASN A 186 -11.11 -39.28 -17.96
CA ASN A 186 -12.05 -39.91 -18.88
C ASN A 186 -12.44 -41.31 -18.42
N GLY A 187 -11.81 -41.85 -17.38
CA GLY A 187 -12.12 -43.21 -16.94
C GLY A 187 -11.22 -44.32 -17.53
N GLU A 188 -10.20 -43.99 -18.33
CA GLU A 188 -9.27 -45.01 -18.84
C GLU A 188 -8.23 -45.31 -17.75
N VAL A 189 -7.64 -46.50 -17.79
CA VAL A 189 -6.65 -46.86 -16.77
C VAL A 189 -5.29 -46.98 -17.45
N VAL A 190 -4.25 -46.37 -16.85
CA VAL A 190 -2.87 -46.45 -17.33
C VAL A 190 -1.97 -46.89 -16.18
N ARG A 191 -0.83 -47.48 -16.54
CA ARG A 191 0.27 -47.67 -15.60
C ARG A 191 1.51 -47.01 -16.19
N THR A 192 2.23 -46.34 -15.32
CA THR A 192 3.41 -45.60 -15.70
C THR A 192 4.66 -46.50 -15.61
N GLY A 193 5.77 -46.00 -16.19
CA GLY A 193 7.04 -46.69 -16.10
C GLY A 193 6.95 -48.10 -16.65
N MET A 194 7.64 -49.05 -16.01
CA MET A 194 7.75 -50.39 -16.52
C MET A 194 6.42 -51.12 -16.41
N GLY A 195 5.48 -50.61 -15.59
CA GLY A 195 4.19 -51.26 -15.43
C GLY A 195 3.34 -51.25 -16.71
N ALA A 196 3.64 -50.29 -17.61
CA ALA A 196 3.14 -50.27 -18.96
C ALA A 196 3.63 -51.45 -19.77
N MET A 197 4.62 -52.18 -19.28
CA MET A 197 5.14 -53.27 -20.08
C MET A 197 4.60 -54.57 -19.51
N PRO A 198 3.77 -55.31 -20.27
CA PRO A 198 3.14 -56.52 -19.76
C PRO A 198 4.21 -57.55 -19.46
N GLY A 199 4.08 -58.27 -18.36
CA GLY A 199 5.06 -59.28 -17.97
C GLY A 199 6.30 -58.74 -17.23
N ASN A 200 6.35 -57.42 -16.99
CA ASN A 200 7.49 -56.86 -16.27
C ASN A 200 7.50 -57.40 -14.84
N ASN A 201 8.70 -57.46 -14.26
CA ASN A 201 8.88 -57.67 -12.84
C ASN A 201 9.66 -56.48 -12.31
N THR A 202 9.49 -55.31 -12.94
CA THR A 202 10.37 -54.19 -12.71
C THR A 202 9.60 -52.90 -12.42
N TRP A 203 8.30 -53.00 -12.18
CA TRP A 203 7.46 -51.82 -11.98
C TRP A 203 8.00 -50.92 -10.85
N GLN A 204 8.50 -51.53 -9.78
CA GLN A 204 8.94 -50.80 -8.59
C GLN A 204 10.47 -50.74 -8.47
N LEU A 205 11.17 -50.94 -9.61
CA LEU A 205 12.62 -51.04 -9.61
C LEU A 205 13.25 -49.90 -10.41
N PHE A 206 12.51 -49.35 -11.38
CA PHE A 206 13.08 -48.41 -12.32
C PHE A 206 12.00 -47.39 -12.59
N LYS A 207 12.24 -46.13 -12.26
CA LYS A 207 11.18 -45.14 -12.27
C LYS A 207 10.67 -44.84 -13.67
N TYR A 208 11.59 -44.66 -14.62
CA TYR A 208 11.30 -43.93 -15.84
C TYR A 208 10.48 -44.75 -16.81
N GLY A 209 10.80 -46.02 -16.98
CA GLY A 209 10.39 -46.73 -18.18
C GLY A 209 10.99 -46.06 -19.42
N TYR A 210 10.12 -45.73 -20.38
CA TYR A 210 10.56 -45.21 -21.65
C TYR A 210 9.67 -44.05 -22.08
N GLY A 211 10.27 -43.01 -22.65
CA GLY A 211 9.52 -41.84 -23.08
C GLY A 211 9.25 -40.90 -21.91
N PRO A 212 8.28 -39.96 -22.09
CA PRO A 212 8.08 -38.87 -21.16
C PRO A 212 7.80 -39.40 -19.77
N TYR A 213 8.49 -38.86 -18.78
CA TYR A 213 8.28 -39.25 -17.38
C TYR A 213 7.10 -38.48 -16.76
N VAL A 214 5.97 -39.16 -16.48
CA VAL A 214 4.69 -38.49 -16.19
C VAL A 214 4.16 -38.72 -14.78
N ASP A 215 4.79 -39.60 -13.98
CA ASP A 215 4.35 -39.84 -12.61
C ASP A 215 4.05 -38.53 -11.90
N GLY A 216 5.00 -37.61 -12.00
CA GLY A 216 4.93 -36.33 -11.30
C GLY A 216 3.69 -35.51 -11.64
N ILE A 217 3.07 -35.70 -12.83
CA ILE A 217 1.92 -34.87 -13.19
C ILE A 217 0.65 -35.26 -12.40
N PHE A 218 0.66 -36.43 -11.76
CA PHE A 218 -0.42 -36.88 -10.90
C PHE A 218 -0.17 -36.57 -9.42
N SER A 219 0.91 -35.82 -9.11
CA SER A 219 1.10 -35.35 -7.74
C SER A 219 0.63 -33.89 -7.65
N GLN A 220 0.13 -33.45 -6.46
CA GLN A 220 -0.50 -32.14 -6.24
C GLN A 220 -1.33 -31.71 -7.45
N SER A 221 -2.26 -32.58 -7.86
CA SER A 221 -2.84 -32.45 -9.18
C SER A 221 -4.29 -32.95 -9.18
N ASN A 222 -5.00 -32.57 -10.23
CA ASN A 222 -6.29 -33.16 -10.50
C ASN A 222 -6.32 -33.69 -11.93
N PHE A 223 -5.20 -34.27 -12.41
CA PHE A 223 -5.11 -34.89 -13.72
C PHE A 223 -5.42 -36.38 -13.66
N GLY A 224 -5.63 -36.94 -12.46
CA GLY A 224 -6.05 -38.33 -12.38
C GLY A 224 -6.27 -38.83 -10.95
N VAL A 225 -6.81 -40.05 -10.85
CA VAL A 225 -6.96 -40.73 -9.59
C VAL A 225 -5.95 -41.87 -9.53
N VAL A 226 -5.02 -41.80 -8.56
CA VAL A 226 -4.06 -42.86 -8.33
C VAL A 226 -4.71 -43.99 -7.50
N THR A 227 -4.68 -45.21 -8.07
CA THR A 227 -5.30 -46.40 -7.49
C THR A 227 -4.27 -47.45 -7.02
N LYS A 228 -3.04 -47.39 -7.54
CA LYS A 228 -1.94 -48.16 -6.98
C LYS A 228 -0.64 -47.37 -7.13
N MET A 229 0.29 -47.58 -6.18
CA MET A 229 1.51 -46.82 -6.17
C MET A 229 2.57 -47.62 -5.43
N GLY A 230 3.78 -47.62 -6.02
CA GLY A 230 4.94 -48.26 -5.45
C GLY A 230 5.80 -47.24 -4.72
N ILE A 231 6.50 -47.67 -3.69
CA ILE A 231 7.38 -46.77 -2.97
C ILE A 231 8.57 -47.59 -2.49
N TRP A 232 9.75 -47.00 -2.59
CA TRP A 232 10.97 -47.65 -2.16
C TRP A 232 11.06 -47.56 -0.65
N LEU A 233 11.64 -48.62 -0.06
CA LEU A 233 11.74 -48.80 1.40
C LEU A 233 13.19 -49.02 1.81
N MET A 234 13.61 -48.31 2.87
CA MET A 234 15.01 -48.36 3.29
C MET A 234 15.28 -49.71 3.91
N PRO A 235 16.25 -50.50 3.42
CA PRO A 235 16.72 -51.69 4.16
C PRO A 235 17.07 -51.27 5.58
N GLU A 236 16.71 -52.08 6.58
CA GLU A 236 17.16 -51.88 7.94
C GLU A 236 18.67 -51.70 7.97
N PRO A 237 19.20 -50.56 8.50
CA PRO A 237 20.63 -50.31 8.56
C PRO A 237 21.29 -51.01 9.74
N ALA A 238 22.63 -50.96 9.79
CA ALA A 238 23.38 -51.73 10.76
C ALA A 238 23.61 -50.94 12.04
N GLY A 239 22.86 -49.86 12.25
CA GLY A 239 23.13 -48.96 13.35
C GLY A 239 22.30 -47.68 13.22
N TYR A 240 22.13 -46.99 14.34
CA TYR A 240 21.17 -45.90 14.43
C TYR A 240 21.39 -45.12 15.72
N ARG A 241 21.78 -43.86 15.62
CA ARG A 241 22.05 -43.07 16.81
C ARG A 241 21.39 -41.71 16.66
N PRO A 242 20.25 -41.44 17.35
CA PRO A 242 19.63 -40.11 17.26
C PRO A 242 20.29 -39.17 18.25
N TYR A 243 20.25 -37.86 17.95
CA TYR A 243 20.90 -36.88 18.80
C TYR A 243 20.08 -35.60 18.92
N LEU A 244 20.44 -34.77 19.90
CA LEU A 244 19.89 -33.44 19.97
C LEU A 244 21.03 -32.48 20.29
N ILE A 245 21.16 -31.44 19.45
CA ILE A 245 22.05 -30.34 19.76
C ILE A 245 21.18 -29.12 20.09
N THR A 246 21.42 -28.44 21.22
CA THR A 246 20.62 -27.27 21.60
C THR A 246 21.49 -26.02 21.54
N PHE A 247 20.86 -24.86 21.34
CA PHE A 247 21.55 -23.55 21.32
C PHE A 247 20.80 -22.54 22.19
N GLU A 248 21.55 -21.71 22.96
CA GLU A 248 21.02 -20.82 24.00
C GLU A 248 20.29 -19.58 23.46
N ASN A 249 20.75 -18.97 22.35
CA ASN A 249 20.24 -17.65 21.94
C ASN A 249 19.44 -17.73 20.63
N GLU A 250 18.50 -16.82 20.45
CA GLU A 250 17.63 -16.86 19.28
C GLU A 250 18.44 -16.48 18.05
N ASP A 251 19.47 -15.61 18.21
CA ASP A 251 20.33 -15.20 17.10
C ASP A 251 21.25 -16.35 16.63
N ASP A 252 21.30 -17.45 17.39
CA ASP A 252 22.17 -18.57 17.06
C ASP A 252 21.76 -19.20 15.73
N ILE A 253 20.53 -18.97 15.28
CA ILE A 253 20.03 -19.64 14.08
C ILE A 253 20.78 -19.17 12.82
N GLU A 254 21.40 -17.98 12.83
CA GLU A 254 22.19 -17.51 11.68
C GLU A 254 23.45 -18.36 11.51
N THR A 255 24.30 -18.47 12.52
CA THR A 255 25.51 -19.26 12.35
C THR A 255 25.14 -20.75 12.18
N VAL A 256 24.12 -21.24 12.93
CA VAL A 256 23.74 -22.64 12.88
C VAL A 256 23.37 -23.01 11.44
N THR A 257 22.62 -22.14 10.75
CA THR A 257 22.22 -22.42 9.39
C THR A 257 23.41 -22.40 8.45
N GLU A 258 24.37 -21.49 8.64
CA GLU A 258 25.61 -21.50 7.88
C GLU A 258 26.36 -22.82 7.94
N ARG A 259 26.44 -23.43 9.12
CA ARG A 259 27.22 -24.64 9.29
C ARG A 259 26.49 -25.87 8.76
N LEU A 260 25.15 -25.84 8.72
CA LEU A 260 24.40 -26.97 8.20
C LEU A 260 24.56 -27.06 6.68
N ARG A 261 24.73 -25.91 6.01
CA ARG A 261 24.81 -25.91 4.55
C ARG A 261 25.80 -26.95 4.05
N PRO A 262 27.11 -26.86 4.32
CA PRO A 262 28.06 -27.84 3.79
C PRO A 262 27.73 -29.27 4.20
N LEU A 263 27.11 -29.48 5.38
CA LEU A 263 26.86 -30.83 5.88
C LEU A 263 25.71 -31.49 5.11
N LYS A 264 24.74 -30.68 4.77
CA LYS A 264 23.55 -31.14 4.07
C LYS A 264 23.80 -31.33 2.57
N VAL A 265 24.39 -30.33 1.90
CA VAL A 265 24.72 -30.39 0.49
C VAL A 265 25.58 -31.63 0.21
N ALA A 266 26.52 -31.94 1.10
CA ALA A 266 27.44 -33.06 0.90
C ALA A 266 26.80 -34.38 1.31
N GLY A 267 25.75 -34.34 2.15
CA GLY A 267 25.08 -35.53 2.63
C GLY A 267 25.71 -36.16 3.88
N VAL A 268 26.49 -35.40 4.67
CA VAL A 268 27.09 -35.89 5.91
C VAL A 268 25.97 -36.17 6.92
N ILE A 269 25.01 -35.25 7.02
CA ILE A 269 23.72 -35.48 7.65
C ILE A 269 22.85 -36.26 6.68
N GLN A 270 22.31 -37.41 7.11
CA GLN A 270 21.70 -38.38 6.21
C GLN A 270 20.18 -38.20 6.11
N ASN A 271 19.59 -37.57 7.13
CA ASN A 271 18.16 -37.31 7.10
C ASN A 271 17.98 -35.80 6.96
N GLY A 272 16.73 -35.37 6.85
CA GLY A 272 16.47 -33.94 6.86
C GLY A 272 16.97 -33.38 8.18
N ALA A 273 17.60 -32.20 8.15
CA ALA A 273 17.99 -31.51 9.38
C ALA A 273 16.80 -30.70 9.85
N THR A 274 16.45 -30.81 11.13
CA THR A 274 15.34 -30.04 11.68
C THR A 274 15.86 -29.30 12.91
N VAL A 275 15.74 -27.97 12.91
CA VAL A 275 16.09 -27.11 14.03
C VAL A 275 14.82 -26.42 14.53
N ARG A 276 14.28 -26.87 15.67
CA ARG A 276 12.94 -26.49 16.10
C ARG A 276 13.00 -25.41 17.17
N SER A 277 12.13 -24.42 17.10
CA SER A 277 12.10 -23.39 18.13
C SER A 277 11.71 -23.99 19.48
N LEU A 278 11.96 -23.22 20.53
CA LEU A 278 11.69 -23.64 21.91
C LEU A 278 10.25 -24.08 22.13
N VAL A 279 9.27 -23.26 21.76
CA VAL A 279 7.89 -23.58 22.10
C VAL A 279 7.43 -24.79 21.30
N LEU A 280 7.93 -24.94 20.07
CA LEU A 280 7.45 -26.04 19.26
C LEU A 280 7.88 -27.36 19.90
N ASP A 281 9.09 -27.40 20.47
CA ASP A 281 9.60 -28.61 21.14
C ASP A 281 8.95 -28.81 22.51
N ALA A 282 8.94 -27.77 23.36
CA ALA A 282 8.32 -27.82 24.69
C ALA A 282 6.88 -28.35 24.64
N ALA A 283 6.12 -27.93 23.61
CA ALA A 283 4.69 -28.21 23.54
C ALA A 283 4.40 -29.69 23.32
N ILE A 284 5.45 -30.50 23.05
CA ILE A 284 5.33 -31.95 22.98
C ILE A 284 5.01 -32.53 24.36
N THR A 285 5.51 -31.90 25.42
CA THR A 285 5.41 -32.49 26.74
C THR A 285 4.91 -31.49 27.78
N ARG A 286 4.58 -30.24 27.39
CA ARG A 286 4.07 -29.25 28.32
C ARG A 286 3.03 -28.40 27.62
N THR A 287 2.33 -27.56 28.41
CA THR A 287 1.34 -26.63 27.90
C THR A 287 1.66 -25.24 28.43
N LYS A 288 1.10 -24.19 27.78
CA LYS A 288 1.49 -22.82 28.07
C LYS A 288 1.13 -22.45 29.51
N SER A 289 -0.02 -22.94 29.97
CA SER A 289 -0.58 -22.53 31.25
C SER A 289 0.20 -23.11 32.43
N GLN A 290 1.05 -24.10 32.15
CA GLN A 290 1.94 -24.67 33.15
C GLN A 290 3.11 -23.74 33.41
N TYR A 291 3.24 -22.68 32.60
CA TYR A 291 4.37 -21.77 32.70
C TYR A 291 3.95 -20.30 32.77
N TYR A 292 2.79 -19.93 32.22
CA TYR A 292 2.43 -18.53 32.20
C TYR A 292 0.92 -18.34 32.27
N ASP A 293 0.52 -17.35 33.08
CA ASP A 293 -0.88 -17.00 33.31
C ASP A 293 -1.50 -16.22 32.15
N GLY A 294 -0.74 -15.30 31.53
CA GLY A 294 -1.33 -14.29 30.66
C GLY A 294 -1.91 -14.86 29.37
N ASP A 295 -2.86 -14.14 28.74
CA ASP A 295 -3.46 -14.54 27.47
C ASP A 295 -2.48 -14.31 26.30
N GLY A 296 -1.45 -13.48 26.53
CA GLY A 296 -0.49 -13.14 25.49
C GLY A 296 0.48 -14.28 25.19
N PRO A 297 1.45 -14.05 24.28
CA PRO A 297 2.52 -15.01 24.07
C PRO A 297 3.48 -14.87 25.25
N ILE A 298 4.43 -15.81 25.34
CA ILE A 298 5.25 -15.96 26.54
C ILE A 298 6.31 -14.86 26.55
N PRO A 299 6.53 -14.21 27.69
CA PRO A 299 7.67 -13.31 27.86
C PRO A 299 8.99 -14.06 27.92
N PRO A 300 10.13 -13.36 27.68
CA PRO A 300 11.46 -13.95 27.77
C PRO A 300 11.82 -14.69 29.05
N SER A 301 11.33 -14.20 30.19
CA SER A 301 11.71 -14.80 31.48
C SER A 301 11.13 -16.21 31.57
N VAL A 302 9.95 -16.42 30.95
CA VAL A 302 9.32 -17.72 30.96
C VAL A 302 10.08 -18.65 30.02
N ALA A 303 10.43 -18.15 28.84
CA ALA A 303 11.27 -18.90 27.93
C ALA A 303 12.47 -19.48 28.68
N LYS A 304 13.15 -18.69 29.52
CA LYS A 304 14.33 -19.18 30.23
C LYS A 304 13.94 -20.32 31.17
N THR A 305 12.82 -20.17 31.87
CA THR A 305 12.35 -21.18 32.79
C THR A 305 12.22 -22.53 32.03
N MET A 306 11.53 -22.48 30.89
CA MET A 306 11.26 -23.67 30.10
C MET A 306 12.57 -24.30 29.63
N MET A 307 13.53 -23.49 29.19
CA MET A 307 14.81 -24.01 28.77
C MET A 307 15.48 -24.78 29.91
N ALA A 308 15.56 -24.19 31.11
CA ALA A 308 16.21 -24.82 32.26
C ALA A 308 15.47 -26.08 32.72
N ASP A 309 14.13 -26.08 32.72
CA ASP A 309 13.39 -27.26 33.13
C ASP A 309 13.59 -28.44 32.16
N LEU A 310 13.50 -28.16 30.87
CA LEU A 310 13.28 -29.18 29.87
C LEU A 310 14.58 -29.64 29.23
N ASP A 311 15.70 -28.96 29.55
CA ASP A 311 16.98 -29.07 28.84
C ASP A 311 16.80 -28.94 27.32
N LEU A 312 16.29 -27.77 26.91
CA LEU A 312 16.07 -27.36 25.54
C LEU A 312 16.67 -25.98 25.39
N GLY A 313 17.13 -25.65 24.18
CA GLY A 313 17.61 -24.31 23.88
C GLY A 313 16.50 -23.47 23.24
N MET A 314 16.89 -22.30 22.71
CA MET A 314 15.96 -21.49 21.92
C MET A 314 15.82 -22.13 20.54
N TRP A 315 16.91 -22.77 20.10
CA TRP A 315 16.87 -23.66 18.94
C TRP A 315 17.37 -25.05 19.30
N ASN A 316 16.76 -26.04 18.67
CA ASN A 316 16.94 -27.44 19.01
C ASN A 316 17.11 -28.24 17.72
N PHE A 317 18.32 -28.74 17.47
CA PHE A 317 18.63 -29.49 16.26
C PHE A 317 18.57 -30.98 16.57
N CYS A 318 17.52 -31.65 16.06
CA CYS A 318 17.33 -33.08 16.28
C CYS A 318 17.66 -33.80 14.97
N GLY A 319 18.66 -34.69 15.07
CA GLY A 319 19.16 -35.39 13.91
C GLY A 319 19.39 -36.86 14.22
N ALA A 320 19.90 -37.61 13.23
CA ALA A 320 20.19 -39.00 13.44
C ALA A 320 21.25 -39.52 12.46
N LEU A 321 22.19 -40.29 13.01
CA LEU A 321 23.17 -41.05 12.28
C LEU A 321 22.61 -42.43 11.95
N TYR A 322 23.00 -42.91 10.75
CA TYR A 322 22.57 -44.21 10.23
C TYR A 322 23.79 -44.94 9.68
N GLY A 323 23.84 -46.26 9.87
CA GLY A 323 24.90 -47.08 9.27
C GLY A 323 25.78 -47.74 10.32
N PRO A 324 26.87 -48.45 9.91
CA PRO A 324 27.71 -49.18 10.87
C PRO A 324 28.43 -48.22 11.82
N PRO A 325 28.76 -48.65 13.06
CA PRO A 325 29.33 -47.75 14.06
C PRO A 325 30.52 -46.93 13.57
N PRO A 326 31.49 -47.47 12.80
CA PRO A 326 32.59 -46.65 12.27
C PRO A 326 32.16 -45.47 11.41
N VAL A 327 31.13 -45.64 10.59
CA VAL A 327 30.65 -44.53 9.75
C VAL A 327 29.99 -43.47 10.64
N MET A 328 29.17 -43.93 11.58
CA MET A 328 28.48 -43.06 12.52
C MET A 328 29.49 -42.25 13.32
N ASP A 329 30.54 -42.90 13.84
CA ASP A 329 31.56 -42.21 14.61
C ASP A 329 32.16 -41.11 13.75
N THR A 330 32.52 -41.45 12.52
CA THR A 330 33.12 -40.48 11.63
C THR A 330 32.16 -39.30 11.33
N LEU A 331 30.88 -39.58 11.04
CA LEU A 331 29.96 -38.51 10.66
C LEU A 331 29.72 -37.59 11.86
N TRP A 332 29.64 -38.21 13.05
CA TRP A 332 29.46 -37.48 14.28
C TRP A 332 30.60 -36.50 14.52
N THR A 333 31.85 -36.93 14.27
CA THR A 333 33.00 -36.05 14.45
C THR A 333 32.84 -34.80 13.58
N ALA A 334 32.45 -34.99 12.33
CA ALA A 334 32.23 -33.87 11.44
C ALA A 334 31.07 -32.98 11.90
N ILE A 335 29.97 -33.59 12.37
CA ILE A 335 28.78 -32.83 12.75
C ILE A 335 29.08 -32.03 14.01
N ARG A 336 29.56 -32.71 15.06
CA ARG A 336 29.80 -32.08 16.35
C ARG A 336 30.77 -30.93 16.20
N ASP A 337 31.89 -31.18 15.52
CA ASP A 337 32.95 -30.19 15.34
C ASP A 337 32.44 -28.94 14.64
N SER A 338 31.42 -29.09 13.77
CA SER A 338 30.80 -27.98 13.07
C SER A 338 30.08 -27.01 14.01
N PHE A 339 29.75 -27.48 15.22
CA PHE A 339 28.97 -26.69 16.15
C PHE A 339 29.68 -26.39 17.47
N ALA A 340 30.81 -27.04 17.77
CA ALA A 340 31.44 -26.97 19.11
C ALA A 340 31.79 -25.55 19.56
N ASP A 341 32.24 -24.68 18.66
CA ASP A 341 32.73 -23.37 19.07
C ASP A 341 31.61 -22.35 19.36
N ILE A 342 30.33 -22.74 19.40
CA ILE A 342 29.25 -21.77 19.57
C ILE A 342 28.89 -21.66 21.04
N PRO A 343 29.05 -20.49 21.70
CA PRO A 343 28.74 -20.34 23.12
C PRO A 343 27.36 -20.90 23.49
N GLY A 344 27.32 -21.75 24.52
CA GLY A 344 26.06 -22.24 25.04
C GLY A 344 25.63 -23.57 24.43
N VAL A 345 26.31 -24.02 23.36
CA VAL A 345 25.88 -25.21 22.66
C VAL A 345 25.90 -26.40 23.63
N LYS A 346 24.89 -27.28 23.53
CA LYS A 346 24.94 -28.53 24.28
C LYS A 346 24.63 -29.73 23.37
N PHE A 347 25.32 -30.87 23.60
CA PHE A 347 25.14 -32.08 22.79
C PHE A 347 24.59 -33.25 23.61
N TYR A 348 23.50 -33.85 23.15
CA TYR A 348 22.88 -34.96 23.85
C TYR A 348 22.67 -36.16 22.91
N PHE A 349 23.00 -37.36 23.41
CA PHE A 349 22.43 -38.62 22.90
C PHE A 349 21.32 -39.06 23.87
N PRO A 350 20.48 -40.08 23.58
CA PRO A 350 19.33 -40.40 24.44
C PRO A 350 19.70 -40.73 25.89
N GLU A 351 20.83 -41.43 26.09
CA GLU A 351 21.34 -41.76 27.41
C GLU A 351 21.54 -40.50 28.23
N ASP A 352 21.90 -39.37 27.61
CA ASP A 352 22.23 -38.16 28.35
C ASP A 352 20.99 -37.27 28.56
N ARG A 353 19.77 -37.76 28.27
CA ARG A 353 18.57 -36.99 28.53
C ARG A 353 18.00 -37.41 29.89
N ARG A 354 17.87 -36.48 30.82
CA ARG A 354 17.60 -36.89 32.19
C ARG A 354 16.09 -37.09 32.40
N HIS A 355 15.26 -36.57 31.51
CA HIS A 355 13.83 -36.83 31.55
C HIS A 355 13.50 -38.09 30.75
N LYS A 356 12.51 -38.84 31.25
CA LYS A 356 12.12 -40.09 30.65
C LYS A 356 10.91 -39.84 29.74
N VAL A 357 10.35 -38.64 29.81
CA VAL A 357 9.41 -38.14 28.81
C VAL A 357 10.02 -36.87 28.18
N ASP A 358 10.58 -37.05 27.00
CA ASP A 358 11.55 -36.09 26.49
C ASP A 358 11.43 -36.01 24.98
N LEU A 359 11.73 -34.81 24.48
CA LEU A 359 11.72 -34.54 23.05
C LEU A 359 12.52 -35.59 22.29
N LEU A 360 13.77 -35.81 22.71
CA LEU A 360 14.66 -36.67 21.94
C LEU A 360 14.11 -38.11 21.90
N LEU A 361 13.43 -38.55 22.94
CA LEU A 361 12.98 -39.92 22.96
C LEU A 361 11.72 -40.03 22.13
N HIS A 362 10.96 -38.94 21.98
CA HIS A 362 9.86 -38.95 21.03
C HIS A 362 10.38 -39.06 19.59
N ARG A 363 11.40 -38.27 19.24
CA ARG A 363 11.82 -38.10 17.84
C ARG A 363 12.80 -39.17 17.38
N ALA A 364 13.49 -39.84 18.31
CA ALA A 364 14.15 -41.11 18.03
C ALA A 364 13.18 -42.10 17.36
N GLU A 365 11.92 -42.14 17.78
CA GLU A 365 10.98 -43.05 17.16
C GLU A 365 10.71 -42.61 15.72
N THR A 366 10.55 -41.29 15.52
CA THR A 366 10.16 -40.79 14.20
C THR A 366 11.29 -40.97 13.18
N MET A 367 12.53 -40.82 13.67
CA MET A 367 13.68 -40.78 12.80
C MET A 367 14.12 -42.20 12.47
N LYS A 368 13.44 -43.24 13.01
CA LYS A 368 13.62 -44.60 12.50
C LYS A 368 12.32 -45.19 11.99
N GLY A 369 11.39 -44.33 11.59
CA GLY A 369 10.24 -44.77 10.81
C GLY A 369 9.16 -45.46 11.62
N VAL A 370 9.04 -45.09 12.90
CA VAL A 370 8.01 -45.65 13.77
C VAL A 370 6.88 -44.62 13.86
N PRO A 371 5.69 -44.95 13.33
CA PRO A 371 4.55 -44.04 13.36
C PRO A 371 3.99 -44.00 14.78
N LYS A 372 3.50 -42.82 15.19
CA LYS A 372 3.17 -42.47 16.57
C LYS A 372 2.26 -41.24 16.54
N LEU A 373 1.44 -41.07 17.60
CA LEU A 373 0.36 -40.10 17.67
C LEU A 373 0.81 -38.79 18.33
N THR A 374 1.94 -38.88 19.05
CA THR A 374 2.28 -37.97 20.15
C THR A 374 2.85 -36.63 19.66
N GLU A 375 3.13 -36.46 18.35
CA GLU A 375 3.51 -35.14 17.86
C GLU A 375 2.34 -34.16 18.00
N PHE A 376 1.11 -34.67 17.82
CA PHE A 376 -0.09 -33.86 17.82
C PHE A 376 -0.29 -33.12 19.14
N ASN A 377 0.69 -33.25 20.05
CA ASN A 377 0.62 -32.72 21.40
C ASN A 377 0.82 -31.20 21.37
N PHE A 378 1.55 -30.70 20.38
CA PHE A 378 1.75 -29.27 20.27
C PHE A 378 0.39 -28.58 20.10
N LEU A 379 -0.62 -29.34 19.66
CA LEU A 379 -1.96 -28.82 19.52
C LEU A 379 -2.55 -28.38 20.86
N ASN A 380 -2.04 -28.91 21.98
CA ASN A 380 -2.63 -28.63 23.28
C ASN A 380 -1.98 -27.44 23.98
N TRP A 381 -0.95 -26.86 23.37
CA TRP A 381 -0.18 -25.77 23.97
C TRP A 381 -1.04 -24.72 24.67
N ASP A 382 -2.18 -24.38 24.07
CA ASP A 382 -2.94 -23.23 24.46
C ASP A 382 -4.38 -23.64 24.77
N GLY A 383 -4.56 -24.88 25.24
CA GLY A 383 -5.88 -25.31 25.69
C GLY A 383 -6.59 -26.25 24.72
N GLY A 384 -6.05 -26.38 23.49
CA GLY A 384 -6.59 -27.29 22.49
C GLY A 384 -7.21 -26.54 21.32
N GLY A 385 -6.60 -26.66 20.13
CA GLY A 385 -7.22 -26.16 18.92
C GLY A 385 -6.73 -26.86 17.65
N GLY A 386 -6.81 -26.15 16.52
CA GLY A 386 -6.26 -26.61 15.25
C GLY A 386 -4.92 -25.95 14.96
N HIS A 387 -4.25 -26.41 13.89
CA HIS A 387 -2.99 -25.83 13.43
C HIS A 387 -3.13 -25.37 11.98
N VAL A 388 -2.36 -24.33 11.63
CA VAL A 388 -2.01 -24.00 10.26
C VAL A 388 -0.49 -24.02 10.10
N GLY A 389 -0.03 -24.53 8.95
CA GLY A 389 1.38 -24.51 8.58
C GLY A 389 1.69 -23.61 7.38
N PHE A 390 2.86 -22.96 7.42
CA PHE A 390 3.37 -22.20 6.30
C PHE A 390 4.86 -22.48 6.16
N SER A 391 5.25 -23.07 5.03
CA SER A 391 6.57 -23.68 4.91
C SER A 391 7.28 -23.32 3.60
N PRO A 392 7.47 -22.03 3.26
CA PRO A 392 8.07 -21.67 1.99
C PRO A 392 9.53 -22.10 1.87
N VAL A 393 10.03 -22.05 0.64
CA VAL A 393 11.38 -22.46 0.32
C VAL A 393 12.33 -21.26 0.26
N SER A 394 13.59 -21.47 0.65
CA SER A 394 14.63 -20.46 0.69
C SER A 394 16.03 -21.08 0.56
N PRO A 395 17.03 -20.32 0.11
CA PRO A 395 18.41 -20.80 0.13
C PRO A 395 18.89 -21.07 1.55
N ILE A 396 19.77 -22.06 1.68
CA ILE A 396 20.30 -22.42 3.00
C ILE A 396 21.34 -21.39 3.40
N THR A 397 20.85 -20.34 4.09
CA THR A 397 21.66 -19.18 4.47
C THR A 397 21.24 -18.65 5.85
N GLY A 398 22.20 -18.39 6.74
CA GLY A 398 21.94 -17.72 8.01
C GLY A 398 21.04 -16.48 7.86
N LYS A 399 21.37 -15.66 6.87
CA LYS A 399 20.72 -14.42 6.51
C LYS A 399 19.25 -14.68 6.13
N ASP A 400 18.95 -15.75 5.39
CA ASP A 400 17.58 -16.07 5.04
C ASP A 400 16.86 -16.68 6.23
N ALA A 401 17.59 -17.48 7.02
CA ALA A 401 17.03 -18.10 8.21
C ALA A 401 16.55 -17.01 9.16
N ILE A 402 17.42 -16.06 9.51
CA ILE A 402 17.09 -15.10 10.55
C ILE A 402 16.10 -14.04 10.04
N LYS A 403 16.18 -13.67 8.75
CA LYS A 403 15.18 -12.76 8.22
C LYS A 403 13.78 -13.37 8.40
N GLN A 404 13.64 -14.65 8.07
CA GLN A 404 12.36 -15.29 8.15
C GLN A 404 11.89 -15.38 9.60
N TYR A 405 12.80 -15.78 10.50
CA TYR A 405 12.51 -15.81 11.91
C TYR A 405 11.98 -14.44 12.40
N ASN A 406 12.70 -13.35 12.14
CA ASN A 406 12.28 -12.05 12.65
C ASN A 406 10.96 -11.62 12.07
N MET A 407 10.82 -11.81 10.75
CA MET A 407 9.62 -11.40 10.03
C MET A 407 8.40 -12.06 10.65
N VAL A 408 8.47 -13.39 10.84
CA VAL A 408 7.32 -14.19 11.20
C VAL A 408 7.06 -14.04 12.70
N SER A 409 8.09 -14.28 13.54
CA SER A 409 7.90 -14.20 14.98
C SER A 409 7.21 -12.88 15.39
N SER A 410 7.64 -11.73 14.88
CA SER A 410 7.02 -10.46 15.28
C SER A 410 5.52 -10.45 15.00
N ARG A 411 5.12 -10.85 13.81
CA ARG A 411 3.72 -10.74 13.42
C ARG A 411 2.90 -11.80 14.16
N VAL A 412 3.38 -13.02 14.18
CA VAL A 412 2.67 -14.04 14.93
C VAL A 412 2.41 -13.56 16.36
N ARG A 413 3.41 -12.93 16.98
CA ARG A 413 3.31 -12.54 18.38
C ARG A 413 2.49 -11.26 18.56
N GLU A 414 2.41 -10.37 17.55
CA GLU A 414 1.60 -9.16 17.66
C GLU A 414 0.13 -9.57 17.63
N TYR A 415 -0.12 -10.65 16.91
CA TYR A 415 -1.46 -11.20 16.78
C TYR A 415 -1.84 -12.01 18.03
N GLY A 416 -0.90 -12.14 18.98
CA GLY A 416 -1.19 -12.79 20.26
C GLY A 416 -0.93 -14.32 20.27
N PHE A 417 -0.60 -14.91 19.13
CA PHE A 417 -0.15 -16.29 19.10
C PHE A 417 1.31 -16.42 19.53
N ASP A 418 1.70 -17.61 19.98
CA ASP A 418 3.11 -17.89 20.28
C ASP A 418 3.78 -18.32 18.97
N TYR A 419 5.03 -17.83 18.80
CA TYR A 419 5.89 -18.24 17.71
C TYR A 419 6.27 -19.69 17.89
N MET A 420 5.83 -20.53 16.94
CA MET A 420 6.31 -21.92 16.87
C MET A 420 6.87 -22.15 15.47
N GLY A 421 8.16 -22.35 15.40
CA GLY A 421 8.77 -22.44 14.10
C GLY A 421 9.86 -23.49 14.09
N LEU A 422 10.31 -23.76 12.87
CA LEU A 422 11.18 -24.87 12.59
C LEU A 422 12.00 -24.45 11.35
N LEU A 423 13.32 -24.64 11.40
CA LEU A 423 14.10 -24.56 10.17
C LEU A 423 14.46 -25.96 9.68
N ALA A 424 13.84 -26.37 8.57
CA ALA A 424 14.07 -27.70 8.01
C ALA A 424 14.93 -27.59 6.73
N ILE A 425 15.78 -28.59 6.52
CA ILE A 425 16.53 -28.70 5.28
C ILE A 425 16.34 -30.08 4.69
N GLY A 426 15.93 -30.14 3.43
CA GLY A 426 15.79 -31.40 2.72
C GLY A 426 17.15 -31.89 2.23
N TRP A 427 17.68 -31.18 1.23
CA TRP A 427 19.01 -31.47 0.68
C TRP A 427 19.72 -30.16 0.30
N ARG A 428 19.20 -29.41 -0.67
CA ARG A 428 19.74 -28.07 -0.93
C ARG A 428 18.73 -26.96 -0.55
N ASP A 429 17.60 -27.35 0.04
CA ASP A 429 16.46 -26.47 0.25
C ASP A 429 16.24 -26.22 1.74
N LEU A 430 16.18 -24.94 2.15
CA LEU A 430 15.78 -24.59 3.51
C LEU A 430 14.29 -24.26 3.49
N HIS A 431 13.56 -24.76 4.49
CA HIS A 431 12.24 -24.24 4.79
C HIS A 431 12.22 -23.70 6.20
N HIS A 432 11.77 -22.44 6.32
CA HIS A 432 11.27 -21.89 7.58
C HIS A 432 9.79 -22.25 7.72
N VAL A 433 9.49 -23.23 8.58
CA VAL A 433 8.12 -23.65 8.85
C VAL A 433 7.56 -22.93 10.10
N THR A 434 6.46 -22.22 9.88
CA THR A 434 5.69 -21.53 10.88
C THR A 434 4.49 -22.41 11.19
N VAL A 435 4.27 -22.77 12.45
CA VAL A 435 3.04 -23.47 12.78
C VAL A 435 2.28 -22.61 13.76
N ILE A 436 1.00 -22.39 13.46
CA ILE A 436 0.18 -21.55 14.31
C ILE A 436 -0.99 -22.36 14.86
N VAL A 437 -0.97 -22.59 16.18
CA VAL A 437 -2.04 -23.22 16.90
C VAL A 437 -3.09 -22.17 17.25
N TYR A 438 -4.34 -22.43 16.92
CA TYR A 438 -5.41 -21.45 17.12
C TYR A 438 -6.67 -22.16 17.56
N ASP A 439 -7.58 -21.38 18.15
CA ASP A 439 -8.86 -21.88 18.60
C ASP A 439 -9.86 -21.91 17.45
N LYS A 440 -10.08 -23.10 16.88
CA LYS A 440 -10.84 -23.29 15.65
C LYS A 440 -12.34 -23.01 15.87
N THR A 441 -12.76 -22.87 17.14
CA THR A 441 -14.18 -22.78 17.49
C THR A 441 -14.61 -21.33 17.70
N ASP A 442 -13.63 -20.43 17.75
CA ASP A 442 -13.87 -19.03 18.08
C ASP A 442 -13.75 -18.22 16.79
N PRO A 443 -14.85 -17.62 16.24
CA PRO A 443 -14.77 -16.87 14.97
C PRO A 443 -13.88 -15.63 14.95
N ASP A 444 -13.67 -15.01 16.12
CA ASP A 444 -12.78 -13.86 16.19
C ASP A 444 -11.33 -14.28 15.98
N GLU A 445 -10.93 -15.44 16.51
CA GLU A 445 -9.59 -15.96 16.26
C GLU A 445 -9.46 -16.51 14.84
N ARG A 446 -10.55 -16.99 14.23
CA ARG A 446 -10.48 -17.38 12.83
C ARG A 446 -10.21 -16.15 11.96
N LYS A 447 -10.87 -15.02 12.21
CA LYS A 447 -10.64 -13.86 11.37
C LYS A 447 -9.16 -13.49 11.48
N LYS A 448 -8.65 -13.47 12.71
CA LYS A 448 -7.26 -13.10 13.01
C LYS A 448 -6.26 -14.00 12.28
N LEU A 449 -6.43 -15.31 12.41
CA LEU A 449 -5.53 -16.27 11.80
C LEU A 449 -5.53 -16.16 10.28
N ASP A 450 -6.71 -16.05 9.66
CA ASP A 450 -6.82 -15.92 8.21
C ASP A 450 -6.02 -14.71 7.72
N GLU A 451 -6.19 -13.57 8.39
CA GLU A 451 -5.52 -12.32 8.01
C GLU A 451 -4.00 -12.48 8.14
N LEU A 452 -3.54 -12.94 9.31
CA LEU A 452 -2.14 -13.23 9.59
C LEU A 452 -1.51 -14.10 8.51
N PHE A 453 -2.20 -15.19 8.14
CA PHE A 453 -1.71 -16.12 7.16
C PHE A 453 -1.50 -15.44 5.82
N ASN A 454 -2.54 -14.74 5.35
CA ASN A 454 -2.46 -13.95 4.13
C ASN A 454 -1.25 -13.02 4.17
N ILE A 455 -1.01 -12.33 5.29
CA ILE A 455 0.07 -11.36 5.34
C ILE A 455 1.40 -12.11 5.29
N LEU A 456 1.49 -13.21 6.03
CA LEU A 456 2.78 -13.87 6.07
C LEU A 456 3.16 -14.26 4.63
N VAL A 457 2.23 -14.88 3.92
CA VAL A 457 2.44 -15.35 2.55
C VAL A 457 2.92 -14.18 1.70
N ASP A 458 2.16 -13.07 1.74
CA ASP A 458 2.48 -11.85 1.02
C ASP A 458 3.92 -11.39 1.31
N GLU A 459 4.33 -11.34 2.58
CA GLU A 459 5.64 -10.78 2.90
C GLU A 459 6.77 -11.76 2.54
N ALA A 460 6.50 -13.06 2.66
CA ALA A 460 7.48 -14.08 2.30
C ALA A 460 7.71 -14.11 0.79
N ALA A 461 6.64 -14.12 -0.02
CA ALA A 461 6.81 -14.13 -1.47
C ALA A 461 7.67 -12.95 -1.93
N ALA A 462 7.45 -11.77 -1.37
CA ALA A 462 8.14 -10.56 -1.80
C ALA A 462 9.64 -10.66 -1.58
N GLU A 463 10.07 -11.59 -0.73
CA GLU A 463 11.49 -11.76 -0.42
C GLU A 463 12.03 -12.99 -1.17
N GLY A 464 11.18 -13.65 -1.94
CA GLY A 464 11.62 -14.74 -2.80
C GLY A 464 11.24 -16.13 -2.29
N TYR A 465 10.44 -16.19 -1.22
CA TYR A 465 10.14 -17.45 -0.56
C TYR A 465 8.75 -17.91 -0.90
N GLY A 466 8.65 -19.08 -1.55
CA GLY A 466 7.38 -19.58 -2.05
C GLY A 466 6.97 -20.94 -1.44
N GLU A 467 5.65 -21.11 -1.26
CA GLU A 467 5.06 -22.22 -0.54
C GLU A 467 5.02 -23.41 -1.50
N TYR A 468 5.18 -24.64 -0.99
CA TYR A 468 5.16 -25.81 -1.86
C TYR A 468 4.00 -26.73 -1.56
N ARG A 469 3.33 -26.51 -0.43
CA ARG A 469 2.24 -27.34 0.03
C ARG A 469 1.32 -26.50 0.93
N THR A 470 0.02 -26.56 0.68
CA THR A 470 -0.87 -25.66 1.38
C THR A 470 -2.26 -26.29 1.61
N HIS A 471 -3.07 -25.54 2.37
CA HIS A 471 -4.43 -25.89 2.79
C HIS A 471 -5.34 -25.61 1.60
N ILE A 472 -6.41 -26.43 1.48
CA ILE A 472 -7.37 -26.30 0.39
C ILE A 472 -7.79 -24.85 0.24
N ARG A 473 -7.87 -24.15 1.37
CA ARG A 473 -8.43 -22.82 1.39
C ARG A 473 -7.50 -21.88 0.64
N TYR A 474 -6.19 -22.14 0.64
CA TYR A 474 -5.22 -21.16 0.16
C TYR A 474 -4.65 -21.55 -1.20
N MET A 475 -5.15 -22.64 -1.80
CA MET A 475 -4.59 -23.20 -3.01
C MET A 475 -4.47 -22.18 -4.13
N ASP A 476 -5.53 -21.39 -4.41
CA ASP A 476 -5.47 -20.37 -5.45
C ASP A 476 -4.41 -19.33 -5.15
N ARG A 477 -4.38 -18.91 -3.89
CA ARG A 477 -3.49 -17.85 -3.47
C ARG A 477 -2.04 -18.30 -3.70
N ILE A 478 -1.76 -19.57 -3.41
CA ILE A 478 -0.39 -20.06 -3.47
C ILE A 478 -0.01 -20.23 -4.94
N ALA A 479 -1.01 -20.55 -5.79
CA ALA A 479 -0.79 -20.65 -7.24
C ALA A 479 -0.39 -19.30 -7.80
N LYS A 480 -1.01 -18.24 -7.31
CA LYS A 480 -0.78 -16.92 -7.88
C LYS A 480 0.63 -16.44 -7.52
N THR A 481 1.38 -17.17 -6.68
CA THR A 481 2.75 -16.76 -6.36
C THR A 481 3.69 -17.14 -7.48
N TYR A 482 3.33 -18.14 -8.27
CA TYR A 482 4.14 -18.70 -9.35
C TYR A 482 3.76 -18.08 -10.70
N SER A 483 3.96 -16.76 -10.81
CA SER A 483 3.26 -15.93 -11.78
C SER A 483 4.14 -15.42 -12.94
N TRP A 484 5.37 -15.90 -13.03
CA TRP A 484 6.28 -15.39 -14.04
C TRP A 484 5.68 -15.56 -15.44
N ASN A 485 5.75 -14.46 -16.22
CA ASN A 485 5.28 -14.40 -17.60
C ASN A 485 3.78 -14.59 -17.66
N ASP A 486 3.07 -13.68 -16.98
CA ASP A 486 1.63 -13.70 -16.85
C ASP A 486 1.11 -15.12 -16.61
N ASN A 487 1.67 -15.83 -15.63
CA ASN A 487 1.11 -17.09 -15.15
C ASN A 487 1.26 -18.16 -16.25
N ALA A 488 2.45 -18.23 -16.84
CA ALA A 488 2.64 -19.07 -18.02
C ALA A 488 2.55 -20.54 -17.61
N LEU A 489 3.01 -20.83 -16.39
CA LEU A 489 3.05 -22.20 -15.93
C LEU A 489 1.64 -22.75 -15.73
N TRP A 490 0.82 -22.02 -14.98
CA TRP A 490 -0.54 -22.46 -14.73
C TRP A 490 -1.34 -22.53 -16.02
N LYS A 491 -1.02 -21.67 -17.00
CA LYS A 491 -1.72 -21.74 -18.28
C LYS A 491 -1.45 -23.08 -18.94
N MET A 492 -0.21 -23.59 -18.80
CA MET A 492 0.13 -24.89 -19.35
C MET A 492 -0.63 -25.98 -18.56
N HIS A 493 -0.61 -25.91 -17.22
CA HIS A 493 -1.48 -26.77 -16.42
C HIS A 493 -2.93 -26.74 -16.92
N GLU A 494 -3.46 -25.56 -17.19
CA GLU A 494 -4.84 -25.45 -17.68
C GLU A 494 -4.97 -26.17 -19.04
N THR A 495 -3.94 -26.04 -19.91
CA THR A 495 -3.97 -26.72 -21.19
C THR A 495 -4.05 -28.25 -21.05
N ILE A 496 -3.25 -28.82 -20.15
CA ILE A 496 -3.21 -30.26 -19.95
C ILE A 496 -4.50 -30.74 -19.30
N LYS A 497 -5.00 -29.92 -18.34
CA LYS A 497 -6.26 -30.15 -17.66
C LYS A 497 -7.43 -30.31 -18.63
N ASP A 498 -7.54 -29.41 -19.60
CA ASP A 498 -8.65 -29.44 -20.54
C ASP A 498 -8.53 -30.61 -21.49
N ALA A 499 -7.32 -31.13 -21.70
CA ALA A 499 -7.08 -32.25 -22.58
C ALA A 499 -7.40 -33.55 -21.87
N LEU A 500 -6.98 -33.69 -20.61
CA LEU A 500 -7.25 -34.92 -19.88
C LEU A 500 -8.66 -34.90 -19.29
N ASP A 501 -9.18 -33.71 -18.94
CA ASP A 501 -10.45 -33.58 -18.23
C ASP A 501 -11.38 -32.56 -18.87
N PRO A 502 -11.84 -32.75 -20.12
CA PRO A 502 -12.58 -31.71 -20.82
C PRO A 502 -13.86 -31.27 -20.10
N ASN A 503 -14.47 -32.16 -19.30
CA ASN A 503 -15.71 -31.85 -18.60
C ASN A 503 -15.43 -31.37 -17.19
N GLY A 504 -14.17 -31.39 -16.78
CA GLY A 504 -13.75 -30.78 -15.53
C GLY A 504 -14.41 -31.43 -14.33
N ILE A 505 -14.35 -32.76 -14.24
CA ILE A 505 -15.11 -33.41 -13.18
C ILE A 505 -14.17 -33.96 -12.10
N LEU A 506 -12.88 -33.58 -12.13
CA LEU A 506 -11.89 -33.98 -11.13
C LEU A 506 -11.31 -32.79 -10.33
N ALA A 507 -11.60 -32.81 -9.03
CA ALA A 507 -11.09 -31.87 -8.04
C ALA A 507 -10.86 -30.49 -8.65
N PRO A 508 -11.94 -29.82 -9.10
CA PRO A 508 -11.85 -28.44 -9.56
C PRO A 508 -11.23 -27.56 -8.49
N GLY A 509 -10.13 -26.89 -8.82
CA GLY A 509 -9.50 -26.01 -7.85
C GLY A 509 -8.31 -26.59 -7.09
N LYS A 510 -8.03 -27.89 -7.15
CA LYS A 510 -6.80 -28.42 -6.58
C LYS A 510 -5.61 -27.68 -7.21
N SER A 511 -4.69 -27.19 -6.36
CA SER A 511 -3.48 -26.49 -6.79
C SER A 511 -3.81 -25.28 -7.68
N GLY A 512 -5.07 -24.84 -7.60
CA GLY A 512 -5.49 -23.67 -8.33
C GLY A 512 -5.64 -23.89 -9.82
N ILE A 513 -6.01 -25.13 -10.20
CA ILE A 513 -6.30 -25.54 -11.57
C ILE A 513 -7.81 -25.79 -11.73
N TRP A 514 -8.50 -25.16 -12.69
CA TRP A 514 -9.97 -25.20 -12.63
C TRP A 514 -10.66 -26.04 -13.74
N GLY A 515 -10.14 -25.73 -14.97
CA GLY A 515 -10.66 -26.26 -16.22
C GLY A 515 -11.60 -25.26 -16.89
N LYS A 516 -11.92 -25.45 -18.16
CA LYS A 516 -12.44 -24.35 -18.98
C LYS A 516 -13.86 -23.99 -18.54
N ASN A 517 -14.60 -24.94 -17.96
CA ASN A 517 -15.97 -24.70 -17.56
C ASN A 517 -16.09 -23.84 -16.29
N ARG A 518 -15.06 -23.79 -15.41
CA ARG A 518 -15.18 -23.05 -14.16
C ARG A 518 -14.22 -21.85 -14.20
N ARG A 519 -13.64 -21.61 -15.36
CA ARG A 519 -12.64 -20.57 -15.54
C ARG A 519 -13.23 -19.60 -16.58
N ALA B 2 -16.45 -4.64 -35.86
CA ALA B 2 -17.70 -4.15 -35.22
C ALA B 2 -17.69 -4.55 -33.74
N ALA B 3 -18.27 -3.69 -32.89
CA ALA B 3 -18.14 -3.82 -31.44
C ALA B 3 -19.41 -4.42 -30.83
N PRO B 4 -19.28 -5.38 -29.88
CA PRO B 4 -20.44 -6.02 -29.26
C PRO B 4 -21.05 -5.18 -28.15
N LEU B 5 -22.21 -5.63 -27.64
CA LEU B 5 -22.86 -5.00 -26.50
C LEU B 5 -22.03 -5.24 -25.24
N PRO B 6 -22.13 -4.36 -24.22
CA PRO B 6 -21.63 -4.67 -22.88
C PRO B 6 -22.51 -5.71 -22.19
N GLU B 7 -21.83 -6.70 -21.61
CA GLU B 7 -22.44 -7.83 -20.94
C GLU B 7 -23.52 -7.36 -19.96
N GLY B 8 -24.72 -7.95 -20.06
CA GLY B 8 -25.85 -7.62 -19.21
C GLY B 8 -26.79 -6.61 -19.86
N VAL B 9 -26.37 -6.04 -20.99
CA VAL B 9 -27.11 -4.95 -21.61
C VAL B 9 -27.73 -5.43 -22.92
N SER B 10 -29.06 -5.32 -22.97
CA SER B 10 -29.83 -5.67 -24.15
C SER B 10 -29.71 -4.57 -25.19
N ALA B 11 -30.08 -4.90 -26.43
CA ALA B 11 -30.02 -3.96 -27.54
C ALA B 11 -31.09 -2.88 -27.40
N GLU B 12 -32.21 -3.19 -26.70
CA GLU B 12 -33.29 -2.23 -26.51
C GLU B 12 -32.88 -1.18 -25.48
N ALA B 13 -32.29 -1.67 -24.37
CA ALA B 13 -31.78 -0.79 -23.33
C ALA B 13 -30.71 0.15 -23.91
N MET B 14 -29.91 -0.35 -24.86
CA MET B 14 -28.93 0.49 -25.53
C MET B 14 -29.63 1.52 -26.41
N SER B 15 -30.44 1.06 -27.38
CA SER B 15 -31.14 1.92 -28.33
C SER B 15 -31.86 3.07 -27.63
N SER B 16 -32.60 2.76 -26.56
CA SER B 16 -33.39 3.76 -25.85
C SER B 16 -32.48 4.78 -25.16
N ALA B 17 -31.30 4.32 -24.72
CA ALA B 17 -30.35 5.15 -23.99
C ALA B 17 -29.60 6.08 -24.95
N LEU B 18 -29.10 5.54 -26.08
CA LEU B 18 -28.49 6.37 -27.11
C LEU B 18 -29.49 7.41 -27.62
N ASP B 19 -30.79 7.16 -27.42
CA ASP B 19 -31.81 8.01 -28.00
C ASP B 19 -32.06 9.16 -27.02
N ARG B 20 -32.15 8.82 -25.74
CA ARG B 20 -32.15 9.84 -24.70
C ARG B 20 -30.83 10.65 -24.70
N PHE B 21 -29.69 10.09 -25.13
CA PHE B 21 -28.45 10.86 -25.15
C PHE B 21 -28.57 11.94 -26.23
N ALA B 22 -29.23 11.58 -27.34
CA ALA B 22 -29.39 12.47 -28.49
C ALA B 22 -30.32 13.64 -28.16
N ARG B 23 -31.30 13.41 -27.31
CA ARG B 23 -32.18 14.49 -26.87
C ARG B 23 -31.40 15.52 -26.03
N ILE B 24 -30.38 15.06 -25.30
CA ILE B 24 -29.67 15.90 -24.34
C ILE B 24 -28.62 16.76 -25.05
N VAL B 25 -27.80 16.16 -25.93
CA VAL B 25 -26.63 16.84 -26.46
C VAL B 25 -26.84 17.28 -27.90
N GLY B 26 -27.91 16.77 -28.54
CA GLY B 26 -28.14 16.93 -29.96
C GLY B 26 -27.92 15.62 -30.72
N ALA B 27 -28.45 15.55 -31.94
CA ALA B 27 -28.29 14.38 -32.78
C ALA B 27 -26.90 14.36 -33.39
N ASP B 28 -26.26 15.54 -33.47
CA ASP B 28 -25.01 15.69 -34.20
C ASP B 28 -23.84 15.20 -33.36
N TRP B 29 -24.06 15.05 -32.05
CA TRP B 29 -22.99 14.72 -31.12
C TRP B 29 -23.23 13.38 -30.46
N VAL B 30 -23.61 12.35 -31.25
CA VAL B 30 -23.70 10.99 -30.77
C VAL B 30 -23.13 10.06 -31.84
N PHE B 31 -21.86 9.68 -31.71
CA PHE B 31 -21.14 8.98 -32.76
C PHE B 31 -21.23 7.47 -32.59
N THR B 32 -21.98 6.82 -33.49
CA THR B 32 -21.95 5.37 -33.68
C THR B 32 -20.96 5.05 -34.81
N GLU B 33 -21.14 3.91 -35.50
CA GLU B 33 -20.07 3.15 -36.12
C GLU B 33 -19.32 3.96 -37.18
N ASP B 34 -18.06 3.57 -37.46
CA ASP B 34 -17.22 4.20 -38.49
C ASP B 34 -16.76 5.58 -38.01
N LYS B 35 -17.67 6.33 -37.40
CA LYS B 35 -17.33 7.54 -36.69
C LYS B 35 -16.74 7.20 -35.31
N ILE B 36 -16.47 5.91 -35.06
CA ILE B 36 -15.95 5.44 -33.79
C ILE B 36 -14.43 5.19 -33.87
N THR B 37 -13.85 5.20 -35.08
CA THR B 37 -12.48 4.73 -35.25
C THR B 37 -11.47 5.73 -34.66
N PRO B 38 -11.78 7.04 -34.46
CA PRO B 38 -10.90 7.91 -33.66
C PRO B 38 -10.72 7.50 -32.19
N TYR B 39 -11.67 6.73 -31.63
CA TYR B 39 -11.74 6.41 -30.21
C TYR B 39 -11.17 5.03 -29.91
N GLU B 40 -10.70 4.32 -30.95
CA GLU B 40 -9.98 3.06 -30.81
C GLU B 40 -8.60 3.35 -30.21
N ASP B 41 -7.90 2.29 -29.79
CA ASP B 41 -6.51 2.42 -29.37
C ASP B 41 -5.65 2.71 -30.62
N PRO B 42 -5.00 3.89 -30.71
CA PRO B 42 -4.09 4.14 -31.84
C PRO B 42 -2.94 3.14 -31.95
N TYR B 43 -2.48 2.58 -30.79
CA TYR B 43 -1.36 1.63 -30.74
C TYR B 43 -1.81 0.27 -30.18
N THR B 44 -2.42 -0.54 -31.06
CA THR B 44 -2.94 -1.87 -30.75
C THR B 44 -1.86 -2.76 -30.14
N ILE B 45 -2.23 -3.55 -29.11
CA ILE B 45 -1.39 -4.60 -28.52
C ILE B 45 -2.10 -5.97 -28.62
N SER B 46 -3.43 -5.95 -28.50
CA SER B 46 -4.29 -7.11 -28.56
C SER B 46 -4.37 -7.64 -30.01
N ASN B 47 -4.22 -8.97 -30.16
CA ASN B 47 -4.41 -9.68 -31.42
C ASN B 47 -5.86 -10.16 -31.58
N ASP B 48 -6.57 -10.29 -30.46
CA ASP B 48 -8.01 -10.49 -30.46
C ASP B 48 -8.67 -9.13 -30.57
N GLU B 49 -9.55 -8.99 -31.59
CA GLU B 49 -10.15 -7.72 -31.98
C GLU B 49 -11.47 -7.46 -31.27
N THR B 50 -11.76 -8.18 -30.18
CA THR B 50 -13.01 -8.04 -29.44
C THR B 50 -12.78 -7.29 -28.13
N GLU B 51 -11.53 -6.90 -27.82
CA GLU B 51 -11.17 -6.31 -26.53
C GLU B 51 -10.90 -4.82 -26.69
N HIS B 52 -11.29 -4.00 -25.71
CA HIS B 52 -11.08 -2.55 -25.72
C HIS B 52 -11.71 -1.84 -26.93
N ARG B 53 -12.99 -2.17 -27.22
CA ARG B 53 -13.76 -1.69 -28.37
C ARG B 53 -14.94 -0.83 -27.92
N PRO B 54 -14.95 0.49 -28.20
CA PRO B 54 -16.07 1.34 -27.79
C PRO B 54 -17.28 1.08 -28.68
N TYR B 55 -18.48 1.27 -28.12
CA TYR B 55 -19.73 1.05 -28.84
C TYR B 55 -20.27 2.35 -29.43
N ALA B 56 -20.30 3.41 -28.61
CA ALA B 56 -20.76 4.70 -29.07
C ALA B 56 -20.02 5.80 -28.30
N ALA B 57 -20.11 7.03 -28.79
CA ALA B 57 -19.56 8.17 -28.08
C ALA B 57 -20.61 9.26 -28.03
N VAL B 58 -20.70 9.97 -26.90
CA VAL B 58 -21.60 11.11 -26.71
C VAL B 58 -20.73 12.25 -26.19
N ALA B 59 -21.07 13.50 -26.53
CA ALA B 59 -20.12 14.57 -26.44
C ALA B 59 -20.82 15.84 -25.98
N PRO B 60 -21.02 16.02 -24.66
CA PRO B 60 -21.79 17.15 -24.13
C PRO B 60 -21.05 18.48 -24.10
N ALA B 61 -21.79 19.55 -23.80
CA ALA B 61 -21.28 20.91 -23.90
C ALA B 61 -21.31 21.61 -22.54
N SER B 62 -21.64 20.86 -21.48
CA SER B 62 -21.87 21.50 -20.20
C SER B 62 -22.08 20.47 -19.10
N THR B 63 -22.00 20.97 -17.86
CA THR B 63 -22.05 20.14 -16.69
C THR B 63 -23.43 19.52 -16.55
N GLU B 64 -24.48 20.25 -16.93
CA GLU B 64 -25.85 19.76 -16.74
C GLU B 64 -26.13 18.67 -17.77
N GLU B 65 -25.52 18.74 -18.96
CA GLU B 65 -25.66 17.68 -19.94
C GLU B 65 -24.96 16.41 -19.44
N VAL B 66 -23.79 16.57 -18.79
CA VAL B 66 -23.10 15.43 -18.20
C VAL B 66 -23.99 14.77 -17.16
N GLN B 67 -24.67 15.59 -16.34
CA GLN B 67 -25.53 15.10 -15.28
C GLN B 67 -26.69 14.31 -15.87
N GLU B 68 -27.28 14.82 -16.97
CA GLU B 68 -28.40 14.17 -17.63
C GLU B 68 -27.95 12.80 -18.15
N ILE B 69 -26.83 12.80 -18.88
CA ILE B 69 -26.27 11.58 -19.44
C ILE B 69 -26.14 10.53 -18.36
N VAL B 70 -25.60 10.93 -17.19
CA VAL B 70 -25.30 9.98 -16.14
C VAL B 70 -26.57 9.41 -15.54
N ARG B 71 -27.59 10.27 -15.37
CA ARG B 71 -28.84 9.81 -14.80
C ARG B 71 -29.46 8.77 -15.72
N VAL B 72 -29.33 9.00 -17.03
CA VAL B 72 -29.86 8.07 -18.02
C VAL B 72 -29.07 6.77 -18.00
N ALA B 73 -27.73 6.88 -18.09
CA ALA B 73 -26.84 5.71 -17.99
C ALA B 73 -27.27 4.84 -16.82
N ASN B 74 -27.62 5.49 -15.70
CA ASN B 74 -28.16 4.79 -14.55
C ASN B 74 -29.44 4.06 -14.94
N GLU B 75 -30.38 4.79 -15.56
CA GLU B 75 -31.71 4.29 -15.81
C GLU B 75 -31.67 3.04 -16.68
N PHE B 76 -30.60 2.83 -17.47
CA PHE B 76 -30.55 1.73 -18.43
C PHE B 76 -29.35 0.79 -18.22
N GLY B 77 -28.62 0.94 -17.11
CA GLY B 77 -27.47 0.09 -16.82
C GLY B 77 -26.38 0.11 -17.91
N VAL B 78 -26.23 1.26 -18.58
CA VAL B 78 -25.28 1.44 -19.67
C VAL B 78 -24.00 2.06 -19.15
N PRO B 79 -22.83 1.40 -19.27
CA PRO B 79 -21.58 1.99 -18.82
C PRO B 79 -20.97 3.06 -19.74
N LEU B 80 -20.23 3.99 -19.09
CA LEU B 80 -19.64 5.18 -19.70
C LEU B 80 -18.14 5.20 -19.42
N TRP B 81 -17.36 5.68 -20.40
CA TRP B 81 -15.92 5.84 -20.23
C TRP B 81 -15.57 7.32 -20.40
N PRO B 82 -15.46 8.12 -19.32
CA PRO B 82 -15.19 9.56 -19.46
C PRO B 82 -13.77 9.81 -19.91
N VAL B 83 -13.62 10.70 -20.89
CA VAL B 83 -12.31 11.18 -21.29
C VAL B 83 -12.42 12.68 -21.55
N SER B 84 -11.33 13.40 -21.25
CA SER B 84 -11.30 14.85 -21.34
C SER B 84 -11.10 15.25 -22.79
N ARG B 85 -10.04 14.72 -23.40
CA ARG B 85 -9.80 14.92 -24.82
C ARG B 85 -9.54 13.59 -25.51
N GLY B 86 -8.92 12.67 -24.76
CA GLY B 86 -8.77 11.29 -25.18
C GLY B 86 -7.42 11.04 -25.84
N LYS B 87 -6.44 11.93 -25.59
CA LYS B 87 -5.15 11.91 -26.26
C LYS B 87 -4.15 11.16 -25.37
N ASN B 88 -4.65 10.09 -24.72
CA ASN B 88 -3.89 9.28 -23.79
C ASN B 88 -3.15 8.21 -24.60
N PHE B 89 -2.02 8.58 -25.20
CA PHE B 89 -1.30 7.69 -26.10
C PHE B 89 -0.29 6.89 -25.29
N ALA B 90 -0.15 5.60 -25.64
CA ALA B 90 0.74 4.65 -24.95
C ALA B 90 0.00 3.97 -23.79
N TYR B 91 -1.24 4.48 -23.58
CA TYR B 91 -2.11 4.12 -22.47
C TYR B 91 -3.49 3.74 -23.00
N GLY B 92 -3.72 3.93 -24.29
CA GLY B 92 -4.92 3.39 -24.94
C GLY B 92 -5.75 4.41 -25.74
N GLY B 93 -5.24 5.65 -25.91
CA GLY B 93 -6.03 6.74 -26.45
C GLY B 93 -7.30 7.01 -25.63
N ALA B 94 -8.44 6.97 -26.31
CA ALA B 94 -9.73 7.17 -25.69
C ALA B 94 -10.45 5.85 -25.39
N ALA B 95 -9.87 4.70 -25.80
CA ALA B 95 -10.58 3.43 -25.75
C ALA B 95 -10.83 3.00 -24.28
N PRO B 96 -11.86 2.16 -24.01
CA PRO B 96 -12.06 1.53 -22.70
C PRO B 96 -11.48 0.12 -22.48
N VAL B 97 -11.23 -0.23 -21.20
CA VAL B 97 -10.84 -1.58 -20.79
C VAL B 97 -11.88 -2.56 -21.31
N MET B 98 -13.14 -2.29 -20.95
CA MET B 98 -14.23 -3.19 -21.30
C MET B 98 -14.81 -2.80 -22.66
N SER B 99 -15.22 -3.81 -23.44
CA SER B 99 -15.88 -3.62 -24.73
C SER B 99 -17.34 -3.24 -24.53
N GLY B 100 -17.86 -2.42 -25.44
CA GLY B 100 -19.27 -2.04 -25.44
C GLY B 100 -19.54 -0.77 -24.64
N THR B 101 -18.47 -0.13 -24.16
CA THR B 101 -18.63 0.99 -23.27
C THR B 101 -18.85 2.24 -24.11
N VAL B 102 -19.84 3.05 -23.73
CA VAL B 102 -20.11 4.29 -24.42
C VAL B 102 -19.13 5.34 -23.94
N VAL B 103 -18.33 5.89 -24.86
CA VAL B 103 -17.35 6.89 -24.49
C VAL B 103 -18.04 8.21 -24.20
N LEU B 104 -17.67 8.83 -23.07
CA LEU B 104 -18.16 10.15 -22.69
C LEU B 104 -17.04 11.15 -22.92
N ASP B 105 -17.01 11.68 -24.15
CA ASP B 105 -15.99 12.60 -24.60
C ASP B 105 -16.33 14.03 -24.19
N MET B 106 -15.32 14.80 -23.75
CA MET B 106 -15.59 16.13 -23.23
C MET B 106 -14.72 17.19 -23.91
N ASN B 107 -14.33 16.89 -25.16
CA ASN B 107 -13.69 17.84 -26.06
C ASN B 107 -14.39 19.20 -26.01
N ARG B 108 -15.73 19.18 -26.00
CA ARG B 108 -16.50 20.38 -26.31
C ARG B 108 -16.53 21.32 -25.12
N MET B 109 -16.54 20.75 -23.92
CA MET B 109 -16.34 21.50 -22.70
C MET B 109 -14.89 21.97 -22.62
N ASN B 110 -14.57 23.06 -23.33
CA ASN B 110 -13.19 23.55 -23.44
C ASN B 110 -13.06 25.03 -23.05
N ARG B 111 -13.97 25.54 -22.19
CA ARG B 111 -13.87 26.87 -21.60
C ARG B 111 -12.65 27.00 -20.68
N ILE B 112 -11.76 27.97 -20.99
CA ILE B 112 -10.85 28.47 -19.96
C ILE B 112 -11.63 29.40 -19.04
N LEU B 113 -12.00 28.95 -17.85
CA LEU B 113 -12.91 29.73 -17.02
C LEU B 113 -12.21 30.91 -16.36
N GLU B 114 -10.89 30.82 -16.14
CA GLU B 114 -10.14 31.90 -15.53
C GLU B 114 -8.64 31.61 -15.55
N VAL B 115 -7.86 32.62 -15.96
CA VAL B 115 -6.46 32.65 -15.67
C VAL B 115 -6.17 33.94 -14.90
N ASN B 116 -5.58 33.76 -13.71
CA ASN B 116 -5.26 34.79 -12.75
C ASN B 116 -3.75 34.92 -12.57
N GLU B 117 -3.18 36.04 -12.99
CA GLU B 117 -1.74 36.24 -13.02
C GLU B 117 -1.17 36.48 -11.61
N GLU B 118 -1.92 37.22 -10.77
CA GLU B 118 -1.37 37.71 -9.52
C GLU B 118 -1.29 36.60 -8.48
N PHE B 119 -2.24 35.65 -8.54
CA PHE B 119 -2.26 34.48 -7.69
C PHE B 119 -1.69 33.24 -8.41
N GLY B 120 -1.32 33.39 -9.70
CA GLY B 120 -0.70 32.32 -10.46
C GLY B 120 -1.57 31.07 -10.55
N TYR B 121 -2.74 31.15 -11.22
CA TYR B 121 -3.55 29.96 -11.35
C TYR B 121 -4.45 30.00 -12.56
N ALA B 122 -4.96 28.84 -12.99
CA ALA B 122 -6.08 28.77 -13.92
C ALA B 122 -7.19 27.87 -13.38
N LEU B 123 -8.41 28.13 -13.88
CA LEU B 123 -9.53 27.22 -13.74
C LEU B 123 -9.98 26.81 -15.15
N VAL B 124 -9.97 25.50 -15.43
CA VAL B 124 -10.15 24.99 -16.79
C VAL B 124 -11.16 23.85 -16.78
N GLU B 125 -11.90 23.75 -17.90
CA GLU B 125 -12.73 22.59 -18.20
C GLU B 125 -11.88 21.49 -18.84
N PRO B 126 -12.39 20.24 -18.93
CA PRO B 126 -11.59 19.13 -19.45
C PRO B 126 -11.07 19.23 -20.88
N GLY B 127 -11.76 19.99 -21.74
CA GLY B 127 -11.41 20.10 -23.15
C GLY B 127 -10.24 21.04 -23.43
N VAL B 128 -9.76 21.75 -22.41
CA VAL B 128 -8.71 22.73 -22.65
C VAL B 128 -7.44 21.95 -22.94
N SER B 129 -6.92 22.09 -24.15
CA SER B 129 -5.62 21.50 -24.41
C SER B 129 -4.57 22.39 -23.77
N TYR B 130 -3.37 21.83 -23.64
CA TYR B 130 -2.18 22.62 -23.33
C TYR B 130 -1.94 23.69 -24.39
N PHE B 131 -2.13 23.36 -25.68
CA PHE B 131 -2.00 24.35 -26.75
C PHE B 131 -2.93 25.55 -26.53
N GLU B 132 -4.20 25.29 -26.25
CA GLU B 132 -5.15 26.36 -26.02
C GLU B 132 -4.69 27.24 -24.86
N LEU B 133 -4.26 26.63 -23.74
CA LEU B 133 -3.96 27.41 -22.55
C LEU B 133 -2.67 28.21 -22.72
N TYR B 134 -1.65 27.63 -23.38
CA TYR B 134 -0.44 28.39 -23.69
C TYR B 134 -0.82 29.58 -24.58
N ASP B 135 -1.66 29.32 -25.59
CA ASP B 135 -2.00 30.31 -26.58
C ASP B 135 -2.82 31.42 -25.92
N TYR B 136 -3.84 31.05 -25.14
CA TYR B 136 -4.65 32.01 -24.38
C TYR B 136 -3.77 32.89 -23.48
N ILE B 137 -2.67 32.34 -22.94
CA ILE B 137 -1.75 33.10 -22.09
C ILE B 137 -0.87 34.01 -22.94
N GLN B 138 -0.36 33.52 -24.07
CA GLN B 138 0.54 34.34 -24.90
C GLN B 138 -0.20 35.57 -25.44
N GLU B 139 -1.43 35.35 -25.98
CA GLU B 139 -2.25 36.41 -26.55
C GLU B 139 -2.56 37.48 -25.52
N LYS B 140 -2.94 37.08 -24.30
CA LYS B 140 -3.26 38.05 -23.26
C LYS B 140 -1.99 38.62 -22.63
N GLY B 141 -0.80 38.16 -23.01
CA GLY B 141 0.44 38.70 -22.47
C GLY B 141 0.69 38.41 -20.98
N LEU B 142 -0.06 37.49 -20.35
CA LEU B 142 0.07 37.12 -18.92
C LEU B 142 1.45 36.52 -18.61
N LYS B 143 2.00 36.82 -17.43
CA LYS B 143 3.37 36.45 -17.09
C LYS B 143 3.39 35.12 -16.31
N LEU B 144 2.89 34.05 -16.93
CA LEU B 144 2.80 32.74 -16.33
C LEU B 144 3.37 31.71 -17.29
N TRP B 145 3.95 30.65 -16.73
CA TRP B 145 4.28 29.47 -17.50
C TRP B 145 3.26 28.38 -17.25
N ILE B 146 3.07 27.48 -18.22
CA ILE B 146 2.35 26.26 -17.94
C ILE B 146 3.43 25.19 -17.81
N ASP B 147 3.00 23.96 -17.48
CA ASP B 147 3.93 22.85 -17.40
C ASP B 147 3.42 21.70 -18.30
N VAL B 148 4.22 21.31 -19.30
CA VAL B 148 3.65 20.53 -20.41
C VAL B 148 4.27 19.16 -20.43
N PRO B 149 3.49 18.14 -20.79
CA PRO B 149 4.04 16.86 -21.25
C PRO B 149 4.62 17.04 -22.66
N ASP B 150 5.05 15.91 -23.23
CA ASP B 150 5.69 15.91 -24.54
C ASP B 150 4.69 16.15 -25.68
N GLY B 151 3.40 15.89 -25.46
CA GLY B 151 2.40 16.21 -26.47
C GLY B 151 1.43 17.27 -25.99
N GLY B 152 1.53 18.47 -26.57
CA GLY B 152 0.68 19.60 -26.23
C GLY B 152 -0.82 19.37 -26.52
N TRP B 153 -1.12 18.47 -27.47
CA TRP B 153 -2.44 17.89 -27.46
C TRP B 153 -2.44 16.92 -26.28
N GLY B 154 -3.50 16.98 -25.52
CA GLY B 154 -3.50 16.53 -24.14
C GLY B 154 -4.33 17.50 -23.33
N SER B 155 -5.16 16.96 -22.43
CA SER B 155 -5.94 17.78 -21.51
C SER B 155 -5.10 18.13 -20.28
N VAL B 156 -4.97 19.44 -20.02
CA VAL B 156 -4.58 19.94 -18.70
C VAL B 156 -5.27 19.11 -17.61
N VAL B 157 -6.59 18.91 -17.71
CA VAL B 157 -7.32 18.12 -16.71
C VAL B 157 -6.96 16.62 -16.81
N GLY B 158 -7.32 15.97 -17.92
CA GLY B 158 -7.10 14.54 -18.10
C GLY B 158 -5.71 14.08 -17.67
N ASN B 159 -4.69 14.86 -18.01
CA ASN B 159 -3.32 14.49 -17.74
C ASN B 159 -3.01 14.48 -16.24
N ALA B 160 -3.26 15.60 -15.58
CA ALA B 160 -3.15 15.67 -14.13
C ALA B 160 -3.89 14.52 -13.44
N LEU B 161 -5.09 14.19 -13.92
CA LEU B 161 -5.91 13.18 -13.27
C LEU B 161 -5.29 11.78 -13.37
N ASP B 162 -4.44 11.53 -14.37
CA ASP B 162 -3.76 10.26 -14.52
C ASP B 162 -2.34 10.38 -13.98
N HIS B 163 -2.06 11.41 -13.18
CA HIS B 163 -0.83 11.54 -12.43
C HIS B 163 0.30 11.79 -13.42
N GLY B 164 -0.01 12.61 -14.42
CA GLY B 164 0.94 12.93 -15.47
C GLY B 164 2.00 13.93 -15.02
N ILE B 165 3.11 14.00 -15.79
CA ILE B 165 4.29 14.78 -15.45
C ILE B 165 4.71 15.70 -16.59
N GLY B 166 5.48 16.74 -16.24
CA GLY B 166 6.17 17.61 -17.17
C GLY B 166 7.55 17.93 -16.64
N TYR B 167 8.13 19.05 -17.06
CA TYR B 167 9.58 19.18 -17.03
C TYR B 167 9.98 20.55 -16.53
N THR B 168 9.07 21.25 -15.82
CA THR B 168 9.44 22.43 -15.06
C THR B 168 9.33 22.13 -13.56
N PRO B 169 9.58 23.09 -12.64
CA PRO B 169 9.33 22.84 -11.22
C PRO B 169 7.89 22.48 -10.87
N TYR B 170 6.95 22.78 -11.77
CA TYR B 170 5.54 22.44 -11.62
C TYR B 170 5.25 21.10 -12.32
N GLY B 171 6.25 20.22 -12.34
CA GLY B 171 6.17 18.99 -13.11
C GLY B 171 5.13 18.00 -12.58
N ASP B 172 4.86 18.00 -11.26
CA ASP B 172 3.91 17.04 -10.72
C ASP B 172 2.49 17.60 -10.88
N HIS B 173 1.85 17.28 -12.00
CA HIS B 173 0.69 18.06 -12.42
C HIS B 173 -0.40 17.95 -11.36
N PHE B 174 -0.60 16.74 -10.81
CA PHE B 174 -1.69 16.56 -9.87
C PHE B 174 -1.39 17.23 -8.52
N ALA B 175 -0.12 17.43 -8.17
CA ALA B 175 0.23 18.14 -6.96
C ALA B 175 -0.12 19.62 -7.05
N MET B 176 -0.13 20.17 -8.27
CA MET B 176 -0.44 21.57 -8.53
C MET B 176 -1.94 21.76 -8.76
N GLN B 177 -2.69 20.67 -8.75
CA GLN B 177 -4.15 20.78 -8.83
C GLN B 177 -4.69 21.39 -7.53
N CYS B 178 -5.81 22.08 -7.64
CA CYS B 178 -6.38 22.82 -6.52
C CYS B 178 -7.82 23.19 -6.83
N GLY B 179 -8.75 22.36 -6.32
CA GLY B 179 -10.18 22.59 -6.43
C GLY B 179 -10.71 21.89 -7.67
N MET B 180 -11.84 21.19 -7.53
CA MET B 180 -12.48 20.61 -8.69
C MET B 180 -13.99 20.52 -8.48
N GLU B 181 -14.69 20.42 -9.62
CA GLU B 181 -16.09 20.03 -9.66
C GLU B 181 -16.18 18.65 -10.31
N VAL B 182 -17.10 17.84 -9.78
CA VAL B 182 -17.20 16.44 -10.11
C VAL B 182 -18.68 16.08 -10.21
N VAL B 183 -19.06 15.38 -11.27
CA VAL B 183 -20.36 14.77 -11.32
C VAL B 183 -20.24 13.36 -10.78
N LEU B 184 -20.94 13.09 -9.68
CA LEU B 184 -20.93 11.79 -9.05
C LEU B 184 -21.71 10.78 -9.90
N PRO B 185 -21.50 9.47 -9.73
CA PRO B 185 -22.19 8.47 -10.53
C PRO B 185 -23.72 8.52 -10.51
N ASN B 186 -24.30 9.19 -9.52
CA ASN B 186 -25.76 9.31 -9.41
C ASN B 186 -26.27 10.55 -10.13
N GLY B 187 -25.38 11.44 -10.55
CA GLY B 187 -25.78 12.62 -11.32
C GLY B 187 -25.66 13.94 -10.57
N GLU B 188 -25.51 13.91 -9.25
CA GLU B 188 -25.36 15.12 -8.45
C GLU B 188 -23.97 15.74 -8.66
N VAL B 189 -23.84 17.05 -8.48
CA VAL B 189 -22.58 17.76 -8.69
C VAL B 189 -22.05 18.23 -7.35
N VAL B 190 -20.73 18.19 -7.14
CA VAL B 190 -20.08 18.54 -5.88
C VAL B 190 -18.81 19.34 -6.19
N ARG B 191 -18.46 20.23 -5.28
CA ARG B 191 -17.20 20.95 -5.39
C ARG B 191 -16.35 20.68 -4.16
N THR B 192 -15.05 20.42 -4.42
CA THR B 192 -14.10 20.14 -3.35
C THR B 192 -13.49 21.43 -2.83
N GLY B 193 -12.81 21.33 -1.68
CA GLY B 193 -12.06 22.42 -1.14
C GLY B 193 -12.95 23.60 -0.74
N MET B 194 -12.43 24.81 -0.98
CA MET B 194 -13.10 26.06 -0.68
C MET B 194 -14.29 26.27 -1.63
N GLY B 195 -14.36 25.51 -2.73
CA GLY B 195 -15.46 25.67 -3.65
C GLY B 195 -16.78 25.17 -3.07
N ALA B 196 -16.72 24.47 -1.92
CA ALA B 196 -17.93 24.04 -1.25
C ALA B 196 -18.52 25.18 -0.41
N MET B 197 -17.86 26.33 -0.40
CA MET B 197 -18.30 27.48 0.37
C MET B 197 -18.83 28.57 -0.59
N PRO B 198 -20.13 28.89 -0.49
CA PRO B 198 -20.71 29.98 -1.25
C PRO B 198 -19.95 31.28 -1.01
N GLY B 199 -19.64 32.00 -2.10
CA GLY B 199 -19.12 33.35 -1.99
C GLY B 199 -17.61 33.39 -1.85
N ASN B 200 -16.98 32.23 -1.92
CA ASN B 200 -15.54 32.17 -1.75
C ASN B 200 -14.85 32.77 -2.97
N ASN B 201 -13.60 33.19 -2.77
CA ASN B 201 -12.70 33.53 -3.85
C ASN B 201 -11.39 32.79 -3.64
N THR B 202 -11.50 31.55 -3.12
CA THR B 202 -10.30 30.84 -2.66
C THR B 202 -10.22 29.41 -3.16
N TRP B 203 -11.06 29.05 -4.15
CA TRP B 203 -11.11 27.73 -4.76
C TRP B 203 -9.74 27.25 -5.26
N GLN B 204 -8.97 28.16 -5.85
CA GLN B 204 -7.72 27.80 -6.48
C GLN B 204 -6.59 28.29 -5.60
N LEU B 205 -6.91 28.59 -4.34
CA LEU B 205 -5.93 29.25 -3.48
C LEU B 205 -5.49 28.35 -2.33
N PHE B 206 -6.35 27.43 -1.89
CA PHE B 206 -6.08 26.54 -0.78
C PHE B 206 -6.74 25.18 -1.05
N LYS B 207 -5.92 24.10 -1.00
CA LYS B 207 -6.33 22.77 -1.47
C LYS B 207 -7.40 22.16 -0.58
N TYR B 208 -7.25 22.28 0.76
CA TYR B 208 -7.93 21.36 1.68
C TYR B 208 -9.42 21.70 1.82
N GLY B 209 -9.75 22.98 1.92
CA GLY B 209 -11.00 23.34 2.54
C GLY B 209 -11.02 22.82 3.98
N TYR B 210 -12.12 22.16 4.34
CA TYR B 210 -12.30 21.70 5.70
C TYR B 210 -12.75 20.25 5.62
N GLY B 211 -12.16 19.35 6.41
CA GLY B 211 -12.63 17.97 6.44
C GLY B 211 -11.84 17.08 5.47
N PRO B 212 -12.34 15.86 5.18
CA PRO B 212 -11.58 14.89 4.38
C PRO B 212 -11.07 15.45 3.08
N TYR B 213 -9.76 15.37 2.84
CA TYR B 213 -9.21 15.77 1.55
C TYR B 213 -9.51 14.63 0.56
N VAL B 214 -10.37 14.93 -0.44
CA VAL B 214 -10.95 13.91 -1.29
C VAL B 214 -10.63 14.10 -2.77
N ASP B 215 -9.95 15.20 -3.14
CA ASP B 215 -9.65 15.49 -4.53
C ASP B 215 -8.92 14.33 -5.21
N GLY B 216 -8.05 13.64 -4.47
CA GLY B 216 -7.26 12.54 -4.99
C GLY B 216 -8.09 11.31 -5.39
N ILE B 217 -9.31 11.15 -4.84
CA ILE B 217 -10.03 9.90 -5.09
C ILE B 217 -10.61 9.92 -6.50
N PHE B 218 -10.59 11.08 -7.16
CA PHE B 218 -11.07 11.19 -8.52
C PHE B 218 -9.93 11.20 -9.52
N SER B 219 -8.71 10.90 -9.06
CA SER B 219 -7.58 10.66 -9.95
C SER B 219 -7.38 9.13 -10.12
N GLN B 220 -6.91 8.69 -11.29
CA GLN B 220 -6.80 7.29 -11.69
C GLN B 220 -7.97 6.48 -11.13
N SER B 221 -9.19 6.84 -11.58
CA SER B 221 -10.37 6.49 -10.81
C SER B 221 -11.65 6.50 -11.67
N ASN B 222 -12.67 5.78 -11.20
CA ASN B 222 -13.97 5.73 -11.86
C ASN B 222 -15.09 6.12 -10.89
N PHE B 223 -14.81 7.07 -9.99
CA PHE B 223 -15.68 7.43 -8.88
C PHE B 223 -16.44 8.70 -9.20
N GLY B 224 -16.13 9.32 -10.34
CA GLY B 224 -16.76 10.58 -10.70
C GLY B 224 -16.20 11.17 -11.98
N VAL B 225 -16.96 12.11 -12.55
CA VAL B 225 -16.55 12.78 -13.77
C VAL B 225 -16.17 14.20 -13.43
N VAL B 226 -14.92 14.55 -13.72
CA VAL B 226 -14.46 15.89 -13.40
C VAL B 226 -14.86 16.86 -14.52
N THR B 227 -15.54 17.93 -14.13
CA THR B 227 -16.06 18.89 -15.09
C THR B 227 -15.36 20.25 -14.96
N LYS B 228 -14.63 20.48 -13.86
CA LYS B 228 -13.75 21.65 -13.75
C LYS B 228 -12.62 21.32 -12.77
N MET B 229 -11.48 21.98 -12.98
CA MET B 229 -10.33 21.70 -12.16
C MET B 229 -9.42 22.91 -12.24
N GLY B 230 -9.00 23.36 -11.05
CA GLY B 230 -8.06 24.45 -10.94
C GLY B 230 -6.65 23.87 -10.92
N ILE B 231 -5.69 24.61 -11.47
CA ILE B 231 -4.29 24.24 -11.40
C ILE B 231 -3.49 25.50 -11.12
N TRP B 232 -2.44 25.31 -10.32
CA TRP B 232 -1.43 26.31 -10.05
C TRP B 232 -0.48 26.40 -11.24
N LEU B 233 -0.13 27.65 -11.59
CA LEU B 233 0.79 27.99 -12.66
C LEU B 233 1.97 28.77 -12.07
N MET B 234 3.18 28.55 -12.61
CA MET B 234 4.36 29.20 -12.08
C MET B 234 4.48 30.63 -12.62
N PRO B 235 4.78 31.67 -11.80
CA PRO B 235 5.09 33.01 -12.32
C PRO B 235 6.31 32.96 -13.22
N GLU B 236 6.27 33.67 -14.34
CA GLU B 236 7.44 33.81 -15.21
C GLU B 236 8.64 34.07 -14.33
N PRO B 237 9.68 33.24 -14.31
CA PRO B 237 10.87 33.51 -13.52
C PRO B 237 11.75 34.58 -14.16
N ALA B 238 12.82 34.94 -13.46
CA ALA B 238 13.63 36.09 -13.86
C ALA B 238 14.76 35.65 -14.78
N GLY B 239 14.84 34.35 -15.08
CA GLY B 239 15.96 33.79 -15.82
C GLY B 239 15.75 32.30 -16.06
N TYR B 240 16.35 31.77 -17.13
CA TYR B 240 16.21 30.37 -17.53
C TYR B 240 17.50 29.97 -18.23
N ARG B 241 18.21 28.95 -17.72
CA ARG B 241 19.39 28.39 -18.36
C ARG B 241 19.24 26.87 -18.55
N PRO B 242 18.81 26.38 -19.72
CA PRO B 242 18.80 24.93 -19.97
C PRO B 242 20.18 24.40 -20.30
N TYR B 243 20.42 23.13 -19.97
CA TYR B 243 21.72 22.53 -20.16
C TYR B 243 21.61 21.04 -20.46
N LEU B 244 22.71 20.46 -20.95
CA LEU B 244 22.81 19.04 -21.20
C LEU B 244 24.19 18.56 -20.78
N ILE B 245 24.23 17.55 -19.89
CA ILE B 245 25.45 16.89 -19.45
C ILE B 245 25.48 15.47 -20.01
N THR B 246 26.54 15.11 -20.75
CA THR B 246 26.61 13.80 -21.39
C THR B 246 27.66 12.91 -20.73
N PHE B 247 27.48 11.58 -20.85
CA PHE B 247 28.38 10.60 -20.27
C PHE B 247 28.67 9.49 -21.31
N GLU B 248 29.95 9.09 -21.44
CA GLU B 248 30.41 8.15 -22.45
C GLU B 248 29.93 6.70 -22.25
N ASN B 249 29.84 6.25 -21.00
CA ASN B 249 29.77 4.82 -20.72
C ASN B 249 28.42 4.41 -20.13
N GLU B 250 27.96 3.23 -20.55
CA GLU B 250 26.67 2.74 -20.07
C GLU B 250 26.69 2.62 -18.54
N ASP B 251 27.80 2.17 -17.93
CA ASP B 251 27.92 2.00 -16.48
C ASP B 251 27.99 3.30 -15.70
N ASP B 252 28.18 4.43 -16.38
CA ASP B 252 28.18 5.72 -15.72
C ASP B 252 26.85 5.95 -15.00
N ILE B 253 25.78 5.22 -15.37
CA ILE B 253 24.48 5.58 -14.81
C ILE B 253 24.45 5.35 -13.31
N GLU B 254 25.37 4.52 -12.80
CA GLU B 254 25.43 4.20 -11.37
C GLU B 254 25.89 5.44 -10.59
N THR B 255 27.08 5.92 -10.88
CA THR B 255 27.61 7.07 -10.17
C THR B 255 26.73 8.31 -10.43
N VAL B 256 26.12 8.40 -11.61
CA VAL B 256 25.34 9.58 -11.94
C VAL B 256 24.14 9.65 -11.03
N THR B 257 23.47 8.51 -10.79
CA THR B 257 22.25 8.50 -9.96
C THR B 257 22.61 8.82 -8.50
N GLU B 258 23.72 8.25 -8.00
CA GLU B 258 24.23 8.56 -6.66
C GLU B 258 24.34 10.06 -6.43
N ARG B 259 24.90 10.78 -7.42
CA ARG B 259 25.19 12.19 -7.32
C ARG B 259 23.93 13.03 -7.56
N LEU B 260 22.96 12.48 -8.30
CA LEU B 260 21.73 13.21 -8.50
C LEU B 260 20.93 13.28 -7.20
N ARG B 261 21.05 12.24 -6.37
CA ARG B 261 20.21 12.07 -5.19
C ARG B 261 20.24 13.33 -4.31
N PRO B 262 21.40 13.70 -3.70
CA PRO B 262 21.45 14.84 -2.77
C PRO B 262 20.90 16.11 -3.39
N LEU B 263 21.26 16.33 -4.65
CA LEU B 263 20.83 17.50 -5.41
C LEU B 263 19.30 17.57 -5.52
N LYS B 264 18.70 16.38 -5.57
CA LYS B 264 17.27 16.29 -5.79
C LYS B 264 16.47 16.35 -4.48
N VAL B 265 16.96 15.72 -3.41
CA VAL B 265 16.22 15.70 -2.14
C VAL B 265 16.19 17.12 -1.57
N ALA B 266 17.31 17.85 -1.69
CA ALA B 266 17.45 19.19 -1.16
C ALA B 266 16.85 20.27 -2.06
N GLY B 267 16.40 19.93 -3.28
CA GLY B 267 15.77 20.91 -4.16
C GLY B 267 16.75 21.83 -4.92
N VAL B 268 18.01 21.41 -5.05
CA VAL B 268 19.00 22.19 -5.79
C VAL B 268 18.71 22.10 -7.29
N ILE B 269 18.27 20.93 -7.74
CA ILE B 269 17.79 20.78 -9.10
C ILE B 269 16.27 21.01 -9.06
N GLN B 270 15.81 22.06 -9.74
CA GLN B 270 14.51 22.63 -9.46
C GLN B 270 13.42 21.89 -10.22
N ASN B 271 13.75 21.24 -11.33
CA ASN B 271 12.75 20.46 -12.04
C ASN B 271 13.04 18.97 -11.86
N GLY B 272 12.15 18.14 -12.43
CA GLY B 272 12.46 16.74 -12.69
C GLY B 272 13.80 16.59 -13.43
N ALA B 273 14.69 15.77 -12.87
CA ALA B 273 15.91 15.40 -13.52
C ALA B 273 15.66 14.15 -14.38
N THR B 274 15.99 14.30 -15.67
CA THR B 274 15.85 13.22 -16.64
C THR B 274 17.24 12.85 -17.17
N VAL B 275 17.59 11.57 -17.21
CA VAL B 275 18.83 11.12 -17.83
C VAL B 275 18.50 10.05 -18.86
N ARG B 276 18.58 10.44 -20.14
CA ARG B 276 18.08 9.63 -21.25
C ARG B 276 19.21 8.88 -21.92
N SER B 277 18.87 7.71 -22.48
CA SER B 277 19.82 6.84 -23.16
C SER B 277 19.98 7.31 -24.60
N LEU B 278 21.14 6.93 -25.17
CA LEU B 278 21.58 7.38 -26.48
C LEU B 278 20.44 7.31 -27.48
N VAL B 279 19.79 6.14 -27.58
CA VAL B 279 18.85 5.89 -28.65
C VAL B 279 17.59 6.74 -28.46
N LEU B 280 17.21 7.02 -27.22
CA LEU B 280 15.93 7.67 -27.00
C LEU B 280 16.08 9.16 -27.35
N ASP B 281 17.26 9.71 -27.04
CA ASP B 281 17.63 11.03 -27.50
C ASP B 281 17.84 11.09 -29.02
N ALA B 282 18.66 10.19 -29.56
CA ALA B 282 18.93 10.15 -30.99
C ALA B 282 17.63 10.06 -31.77
N ALA B 283 16.63 9.36 -31.24
CA ALA B 283 15.43 9.08 -32.00
C ALA B 283 14.60 10.36 -32.20
N ILE B 284 15.04 11.46 -31.57
CA ILE B 284 14.36 12.74 -31.73
C ILE B 284 14.71 13.30 -33.10
N THR B 285 15.95 13.10 -33.59
CA THR B 285 16.40 13.73 -34.82
C THR B 285 16.89 12.75 -35.89
N ARG B 286 16.75 11.43 -35.70
CA ARG B 286 17.34 10.42 -36.56
C ARG B 286 16.55 9.12 -36.47
N THR B 287 16.74 8.23 -37.47
CA THR B 287 16.09 6.93 -37.49
C THR B 287 17.15 5.83 -37.50
N LYS B 288 16.75 4.60 -37.13
CA LYS B 288 17.64 3.45 -37.13
C LYS B 288 18.25 3.25 -38.51
N SER B 289 17.43 3.32 -39.56
CA SER B 289 17.82 2.87 -40.89
C SER B 289 18.81 3.84 -41.52
N GLN B 290 18.96 5.01 -40.93
CA GLN B 290 20.04 5.92 -41.27
C GLN B 290 21.38 5.54 -40.61
N TYR B 291 21.41 4.57 -39.68
CA TYR B 291 22.70 4.20 -39.06
C TYR B 291 23.00 2.70 -39.10
N TYR B 292 21.98 1.86 -39.38
CA TYR B 292 22.14 0.42 -39.34
C TYR B 292 21.06 -0.23 -40.21
N ASP B 293 21.46 -1.28 -40.93
CA ASP B 293 20.63 -1.91 -41.94
C ASP B 293 19.95 -3.16 -41.37
N GLY B 294 20.44 -3.68 -40.22
CA GLY B 294 20.00 -4.96 -39.68
C GLY B 294 18.60 -4.91 -39.08
N ASP B 295 17.99 -6.10 -38.88
CA ASP B 295 16.63 -6.22 -38.33
C ASP B 295 16.69 -6.07 -36.80
N GLY B 296 17.84 -6.42 -36.23
CA GLY B 296 18.03 -6.44 -34.78
C GLY B 296 18.36 -5.06 -34.22
N PRO B 297 18.73 -5.00 -32.94
CA PRO B 297 19.08 -3.72 -32.33
C PRO B 297 20.50 -3.38 -32.75
N ILE B 298 20.89 -2.14 -32.48
CA ILE B 298 22.11 -1.57 -33.01
C ILE B 298 23.27 -2.18 -32.27
N PRO B 299 24.40 -2.47 -32.94
CA PRO B 299 25.60 -2.94 -32.28
C PRO B 299 26.39 -1.78 -31.67
N PRO B 300 27.30 -2.07 -30.72
CA PRO B 300 28.04 -1.00 -30.04
C PRO B 300 28.74 -0.04 -31.00
N SER B 301 29.28 -0.56 -32.09
CA SER B 301 30.06 0.26 -33.01
C SER B 301 29.20 1.36 -33.63
N VAL B 302 27.95 1.05 -33.97
CA VAL B 302 27.02 2.07 -34.50
C VAL B 302 26.77 3.13 -33.42
N ALA B 303 26.69 2.68 -32.16
CA ALA B 303 26.35 3.56 -31.06
C ALA B 303 27.44 4.63 -30.90
N LYS B 304 28.71 4.18 -30.93
CA LYS B 304 29.87 5.05 -30.83
C LYS B 304 29.81 6.15 -31.90
N THR B 305 29.26 5.78 -33.05
CA THR B 305 29.20 6.59 -34.23
C THR B 305 28.04 7.58 -34.13
N MET B 306 26.91 7.12 -33.58
CA MET B 306 25.79 8.03 -33.32
C MET B 306 26.22 9.11 -32.32
N MET B 307 27.08 8.75 -31.35
CA MET B 307 27.55 9.62 -30.29
C MET B 307 28.46 10.72 -30.82
N ALA B 308 29.38 10.36 -31.74
CA ALA B 308 30.29 11.35 -32.32
C ALA B 308 29.48 12.24 -33.26
N ASP B 309 28.59 11.66 -34.05
CA ASP B 309 27.85 12.50 -34.96
C ASP B 309 27.01 13.54 -34.22
N LEU B 310 26.38 13.11 -33.11
CA LEU B 310 25.25 13.87 -32.57
C LEU B 310 25.67 14.63 -31.31
N ASP B 311 26.92 14.46 -30.85
CA ASP B 311 27.39 14.98 -29.58
C ASP B 311 26.39 14.61 -28.46
N LEU B 312 26.11 13.30 -28.33
CA LEU B 312 25.36 12.69 -27.23
C LEU B 312 26.23 11.62 -26.59
N GLY B 313 25.98 11.33 -25.31
CA GLY B 313 26.60 10.20 -24.64
C GLY B 313 25.71 8.95 -24.64
N MET B 314 26.17 7.89 -23.96
CA MET B 314 25.32 6.75 -23.63
C MET B 314 24.19 7.15 -22.67
N TRP B 315 24.45 8.11 -21.80
CA TRP B 315 23.43 8.69 -20.92
C TRP B 315 23.47 10.21 -21.10
N ASN B 316 22.29 10.85 -21.11
CA ASN B 316 22.16 12.26 -21.45
C ASN B 316 21.25 13.01 -20.46
N PHE B 317 21.88 13.80 -19.59
CA PHE B 317 21.21 14.49 -18.53
C PHE B 317 20.79 15.87 -18.99
N CYS B 318 19.48 16.05 -19.23
CA CYS B 318 18.94 17.34 -19.64
C CYS B 318 18.14 17.95 -18.49
N GLY B 319 18.46 19.21 -18.17
CA GLY B 319 17.89 19.92 -17.03
C GLY B 319 17.88 21.43 -17.26
N ALA B 320 17.55 22.18 -16.21
CA ALA B 320 17.40 23.62 -16.38
C ALA B 320 17.47 24.33 -15.04
N LEU B 321 18.24 25.42 -15.02
CA LEU B 321 18.23 26.38 -13.93
C LEU B 321 17.11 27.39 -14.15
N TYR B 322 16.49 27.83 -13.05
CA TYR B 322 15.44 28.85 -13.10
C TYR B 322 15.77 29.91 -12.06
N GLY B 323 15.39 31.17 -12.31
CA GLY B 323 15.54 32.23 -11.33
C GLY B 323 16.62 33.24 -11.71
N PRO B 324 16.89 34.23 -10.84
CA PRO B 324 17.83 35.32 -11.17
C PRO B 324 19.20 34.75 -11.43
N PRO B 325 19.99 35.36 -12.36
CA PRO B 325 21.35 34.91 -12.66
C PRO B 325 22.29 34.59 -11.50
N PRO B 326 22.40 35.43 -10.45
CA PRO B 326 23.19 35.04 -9.26
C PRO B 326 22.79 33.70 -8.61
N VAL B 327 21.49 33.36 -8.69
CA VAL B 327 20.94 32.11 -8.17
C VAL B 327 21.38 30.98 -9.09
N MET B 328 20.99 31.11 -10.37
CA MET B 328 21.35 30.16 -11.41
C MET B 328 22.84 29.82 -11.35
N ASP B 329 23.72 30.84 -11.23
CA ASP B 329 25.16 30.63 -11.12
C ASP B 329 25.51 29.65 -10.00
N THR B 330 24.90 29.87 -8.85
CA THR B 330 25.25 29.16 -7.61
C THR B 330 24.81 27.70 -7.68
N LEU B 331 23.54 27.50 -8.10
CA LEU B 331 23.02 26.19 -8.46
C LEU B 331 23.96 25.54 -9.48
N TRP B 332 24.28 26.21 -10.58
CA TRP B 332 25.13 25.62 -11.61
C TRP B 332 26.46 25.13 -11.04
N THR B 333 27.03 25.89 -10.10
CA THR B 333 28.32 25.54 -9.53
C THR B 333 28.20 24.19 -8.83
N ALA B 334 27.10 23.99 -8.08
CA ALA B 334 26.92 22.77 -7.29
C ALA B 334 26.65 21.56 -8.18
N ILE B 335 25.90 21.77 -9.26
CA ILE B 335 25.51 20.69 -10.16
C ILE B 335 26.74 20.24 -10.92
N ARG B 336 27.42 21.17 -11.58
CA ARG B 336 28.60 20.88 -12.36
C ARG B 336 29.64 20.18 -11.49
N ASP B 337 29.91 20.72 -10.29
CA ASP B 337 30.96 20.15 -9.48
C ASP B 337 30.58 18.74 -9.01
N SER B 338 29.28 18.39 -9.08
CA SER B 338 28.88 17.04 -8.69
C SER B 338 29.23 16.04 -9.78
N PHE B 339 29.56 16.50 -11.01
CA PHE B 339 29.76 15.59 -12.13
C PHE B 339 31.14 15.73 -12.79
N ALA B 340 31.85 16.84 -12.57
CA ALA B 340 33.15 17.15 -13.20
C ALA B 340 34.14 15.98 -13.31
N ASP B 341 34.38 15.24 -12.21
CA ASP B 341 35.47 14.26 -12.15
C ASP B 341 35.14 12.91 -12.81
N ILE B 342 33.93 12.72 -13.38
CA ILE B 342 33.65 11.52 -14.17
C ILE B 342 34.41 11.57 -15.52
N PRO B 343 35.24 10.55 -15.82
CA PRO B 343 35.77 10.38 -17.18
C PRO B 343 34.73 10.41 -18.29
N GLY B 344 34.93 11.35 -19.23
CA GLY B 344 34.19 11.41 -20.47
C GLY B 344 33.06 12.43 -20.40
N VAL B 345 32.90 13.09 -19.25
CA VAL B 345 31.76 13.96 -19.07
C VAL B 345 31.96 15.21 -19.91
N LYS B 346 30.87 15.68 -20.52
CA LYS B 346 30.87 16.91 -21.30
C LYS B 346 29.65 17.73 -20.89
N PHE B 347 29.85 19.06 -20.78
CA PHE B 347 28.76 19.96 -20.40
C PHE B 347 28.41 20.88 -21.56
N TYR B 348 27.11 21.09 -21.77
CA TYR B 348 26.67 21.84 -22.95
C TYR B 348 25.58 22.83 -22.54
N PHE B 349 25.78 24.11 -22.88
CA PHE B 349 24.67 25.05 -22.95
C PHE B 349 24.20 25.15 -24.40
N PRO B 350 23.02 25.72 -24.71
CA PRO B 350 22.52 25.74 -26.09
C PRO B 350 23.46 26.37 -27.14
N GLU B 351 24.13 27.46 -26.75
CA GLU B 351 25.19 28.04 -27.56
C GLU B 351 26.30 27.02 -27.88
N ASP B 352 26.55 26.02 -27.02
CA ASP B 352 27.59 25.04 -27.28
C ASP B 352 27.14 23.90 -28.21
N ARG B 353 25.88 23.91 -28.67
CA ARG B 353 25.41 22.86 -29.57
C ARG B 353 25.63 23.28 -31.04
N ARG B 354 26.34 22.44 -31.78
CA ARG B 354 26.75 22.79 -33.13
C ARG B 354 25.64 22.48 -34.12
N HIS B 355 24.68 21.63 -33.78
CA HIS B 355 23.58 21.36 -34.69
C HIS B 355 22.38 22.27 -34.39
N LYS B 356 21.73 22.76 -35.45
CA LYS B 356 20.62 23.70 -35.37
C LYS B 356 19.35 22.94 -35.00
N VAL B 357 19.33 21.66 -35.42
CA VAL B 357 18.28 20.73 -35.04
C VAL B 357 18.94 19.74 -34.09
N ASP B 358 18.44 19.67 -32.86
CA ASP B 358 19.26 19.16 -31.76
C ASP B 358 18.42 18.89 -30.51
N LEU B 359 18.86 17.90 -29.74
CA LEU B 359 18.14 17.45 -28.57
C LEU B 359 17.95 18.58 -27.55
N LEU B 360 19.05 19.23 -27.13
CA LEU B 360 19.00 20.29 -26.14
C LEU B 360 18.11 21.44 -26.60
N LEU B 361 18.09 21.75 -27.92
CA LEU B 361 17.30 22.89 -28.36
C LEU B 361 15.83 22.55 -28.29
N HIS B 362 15.48 21.25 -28.52
CA HIS B 362 14.10 20.78 -28.39
C HIS B 362 13.68 20.75 -26.91
N ARG B 363 14.56 20.32 -26.00
CA ARG B 363 14.19 20.15 -24.60
C ARG B 363 14.16 21.49 -23.86
N ALA B 364 14.93 22.46 -24.36
CA ALA B 364 14.88 23.82 -23.85
C ALA B 364 13.46 24.38 -23.97
N GLU B 365 12.70 23.94 -24.97
CA GLU B 365 11.35 24.44 -25.15
C GLU B 365 10.41 23.75 -24.15
N THR B 366 10.67 22.47 -23.87
CA THR B 366 9.79 21.71 -22.98
C THR B 366 9.99 22.13 -21.52
N MET B 367 11.23 22.44 -21.17
CA MET B 367 11.57 22.69 -19.80
C MET B 367 11.18 24.13 -19.39
N LYS B 368 10.65 24.95 -20.33
CA LYS B 368 10.03 26.21 -19.94
C LYS B 368 8.56 26.22 -20.33
N GLY B 369 8.02 25.05 -20.65
CA GLY B 369 6.58 24.89 -20.68
C GLY B 369 5.93 25.22 -22.03
N VAL B 370 6.71 25.20 -23.13
CA VAL B 370 6.19 25.44 -24.46
C VAL B 370 5.78 24.11 -25.09
N PRO B 371 4.50 23.92 -25.42
CA PRO B 371 4.06 22.65 -25.99
C PRO B 371 4.45 22.57 -27.46
N LYS B 372 5.19 21.51 -27.81
CA LYS B 372 5.56 21.16 -29.18
C LYS B 372 5.13 19.72 -29.43
N LEU B 373 5.25 19.26 -30.68
CA LEU B 373 4.84 17.91 -31.05
C LEU B 373 6.03 17.01 -31.32
N THR B 374 7.25 17.56 -31.23
CA THR B 374 8.42 16.96 -31.84
C THR B 374 8.96 15.76 -31.04
N GLU B 375 8.37 15.41 -29.89
CA GLU B 375 8.85 14.23 -29.18
C GLU B 375 8.33 12.94 -29.84
N PHE B 376 7.08 12.96 -30.36
CA PHE B 376 6.48 11.83 -31.06
C PHE B 376 7.33 11.36 -32.25
N ASN B 377 8.49 12.02 -32.45
CA ASN B 377 9.45 11.65 -33.47
C ASN B 377 10.16 10.34 -33.15
N PHE B 378 10.24 9.95 -31.86
CA PHE B 378 10.88 8.69 -31.49
C PHE B 378 10.07 7.50 -32.04
N LEU B 379 8.78 7.69 -32.33
CA LEU B 379 7.96 6.63 -32.91
C LEU B 379 8.41 6.27 -34.33
N ASN B 380 9.15 7.18 -35.00
CA ASN B 380 9.63 6.95 -36.36
C ASN B 380 10.93 6.13 -36.37
N TRP B 381 11.46 5.81 -35.19
CA TRP B 381 12.79 5.23 -35.08
C TRP B 381 12.98 3.99 -35.94
N ASP B 382 12.00 3.06 -35.94
CA ASP B 382 12.13 1.83 -36.70
C ASP B 382 11.05 1.79 -37.79
N GLY B 383 10.68 2.96 -38.33
CA GLY B 383 9.96 3.05 -39.59
C GLY B 383 8.50 3.46 -39.42
N GLY B 384 8.08 3.68 -38.18
CA GLY B 384 6.67 3.92 -37.90
C GLY B 384 6.09 2.80 -37.02
N GLY B 385 5.59 3.20 -35.87
CA GLY B 385 4.92 2.27 -34.98
C GLY B 385 4.24 2.98 -33.82
N GLY B 386 3.74 2.17 -32.89
CA GLY B 386 3.30 2.69 -31.61
C GLY B 386 4.37 2.44 -30.54
N HIS B 387 4.13 3.06 -29.38
CA HIS B 387 4.97 2.83 -28.21
C HIS B 387 4.15 2.15 -27.13
N VAL B 388 4.89 1.52 -26.23
CA VAL B 388 4.42 1.31 -24.88
C VAL B 388 5.57 1.65 -23.95
N GLY B 389 5.21 2.19 -22.79
CA GLY B 389 6.20 2.51 -21.79
C GLY B 389 5.86 1.89 -20.44
N PHE B 390 6.91 1.71 -19.64
CA PHE B 390 6.83 1.07 -18.35
C PHE B 390 7.72 1.88 -17.42
N SER B 391 7.16 2.40 -16.33
CA SER B 391 7.85 3.41 -15.54
C SER B 391 7.74 3.14 -14.03
N PRO B 392 8.17 1.97 -13.55
CA PRO B 392 8.07 1.69 -12.11
C PRO B 392 8.91 2.60 -11.21
N VAL B 393 8.50 2.68 -9.94
CA VAL B 393 9.13 3.48 -8.92
C VAL B 393 10.19 2.68 -8.16
N SER B 394 11.27 3.37 -7.80
CA SER B 394 12.39 2.77 -7.10
C SER B 394 13.09 3.87 -6.34
N PRO B 395 13.89 3.52 -5.32
CA PRO B 395 14.73 4.48 -4.62
C PRO B 395 15.82 5.05 -5.52
N ILE B 396 16.19 6.31 -5.27
CA ILE B 396 17.26 6.98 -6.00
C ILE B 396 18.62 6.44 -5.52
N THR B 397 19.07 5.37 -6.14
CA THR B 397 20.29 4.65 -5.84
C THR B 397 20.91 4.22 -7.16
N GLY B 398 22.25 4.25 -7.22
CA GLY B 398 23.02 3.70 -8.31
C GLY B 398 22.69 2.23 -8.55
N LYS B 399 22.89 1.41 -7.52
CA LYS B 399 22.61 -0.02 -7.55
C LYS B 399 21.23 -0.28 -8.20
N ASP B 400 20.24 0.53 -7.86
CA ASP B 400 18.88 0.34 -8.33
C ASP B 400 18.73 0.72 -9.82
N ALA B 401 19.43 1.79 -10.22
CA ALA B 401 19.37 2.28 -11.57
C ALA B 401 20.04 1.31 -12.55
N ILE B 402 21.23 0.82 -12.18
CA ILE B 402 21.99 0.03 -13.10
C ILE B 402 21.38 -1.36 -13.17
N LYS B 403 20.86 -1.85 -12.04
CA LYS B 403 20.16 -3.12 -12.03
C LYS B 403 18.96 -3.01 -12.99
N GLN B 404 18.17 -1.93 -12.90
CA GLN B 404 17.02 -1.82 -13.78
C GLN B 404 17.45 -1.68 -15.24
N TYR B 405 18.58 -1.01 -15.47
CA TYR B 405 19.10 -0.86 -16.82
C TYR B 405 19.54 -2.25 -17.35
N ASN B 406 20.27 -3.00 -16.54
CA ASN B 406 20.75 -4.31 -16.94
C ASN B 406 19.58 -5.25 -17.24
N MET B 407 18.55 -5.25 -16.39
CA MET B 407 17.43 -6.17 -16.49
C MET B 407 16.66 -5.96 -17.80
N VAL B 408 16.41 -4.69 -18.13
CA VAL B 408 15.51 -4.31 -19.21
C VAL B 408 16.23 -4.36 -20.56
N SER B 409 17.42 -3.75 -20.65
CA SER B 409 18.16 -3.69 -21.90
C SER B 409 18.55 -5.10 -22.41
N SER B 410 18.95 -6.02 -21.52
CA SER B 410 19.07 -7.44 -21.85
C SER B 410 17.81 -7.95 -22.51
N ARG B 411 16.67 -7.73 -21.85
CA ARG B 411 15.47 -8.40 -22.28
C ARG B 411 14.99 -7.85 -23.61
N VAL B 412 14.89 -6.50 -23.66
CA VAL B 412 14.43 -5.75 -24.85
C VAL B 412 15.29 -6.07 -26.09
N ARG B 413 16.62 -6.18 -25.92
CA ARG B 413 17.51 -6.45 -27.03
C ARG B 413 17.50 -7.92 -27.40
N GLU B 414 17.12 -8.81 -26.49
CA GLU B 414 16.97 -10.21 -26.85
C GLU B 414 15.76 -10.37 -27.78
N TYR B 415 14.72 -9.57 -27.54
CA TYR B 415 13.48 -9.64 -28.30
C TYR B 415 13.60 -8.89 -29.63
N GLY B 416 14.77 -8.27 -29.94
CA GLY B 416 14.99 -7.60 -31.21
C GLY B 416 14.73 -6.08 -31.24
N PHE B 417 14.34 -5.48 -30.09
CA PHE B 417 14.09 -4.05 -30.04
C PHE B 417 15.31 -3.30 -29.55
N ASP B 418 15.38 -2.00 -29.87
CA ASP B 418 16.45 -1.18 -29.32
C ASP B 418 16.03 -0.76 -27.93
N TYR B 419 17.01 -0.67 -27.03
CA TYR B 419 16.80 -0.18 -25.69
C TYR B 419 16.63 1.35 -25.73
N MET B 420 15.40 1.81 -25.44
CA MET B 420 15.13 3.23 -25.19
C MET B 420 14.70 3.41 -23.73
N GLY B 421 15.58 4.00 -22.94
CA GLY B 421 15.33 4.14 -21.52
C GLY B 421 15.66 5.56 -21.04
N LEU B 422 15.07 5.88 -19.88
CA LEU B 422 15.02 7.19 -19.25
C LEU B 422 15.17 6.96 -17.75
N LEU B 423 16.08 7.66 -17.06
CA LEU B 423 16.05 7.68 -15.60
C LEU B 423 15.56 9.04 -15.14
N ALA B 424 14.36 9.03 -14.56
CA ALA B 424 13.63 10.19 -14.13
C ALA B 424 13.60 10.23 -12.59
N ILE B 425 13.89 11.42 -12.04
CA ILE B 425 13.72 11.64 -10.61
C ILE B 425 12.78 12.82 -10.44
N GLY B 426 11.77 12.67 -9.59
CA GLY B 426 10.78 13.71 -9.35
C GLY B 426 11.19 14.61 -8.20
N TRP B 427 11.08 14.05 -6.99
CA TRP B 427 11.67 14.68 -5.82
C TRP B 427 12.52 13.68 -5.07
N ARG B 428 11.89 12.61 -4.56
CA ARG B 428 12.54 11.55 -3.80
C ARG B 428 12.44 10.20 -4.52
N ASP B 429 11.68 10.18 -5.63
CA ASP B 429 11.31 8.96 -6.33
C ASP B 429 12.14 8.78 -7.62
N LEU B 430 12.81 7.63 -7.81
CA LEU B 430 13.44 7.28 -9.09
C LEU B 430 12.47 6.45 -9.93
N HIS B 431 12.41 6.73 -11.24
CA HIS B 431 11.72 5.87 -12.19
C HIS B 431 12.64 5.53 -13.35
N HIS B 432 12.84 4.23 -13.58
CA HIS B 432 13.45 3.74 -14.81
C HIS B 432 12.32 3.49 -15.80
N VAL B 433 12.10 4.47 -16.70
CA VAL B 433 11.09 4.41 -17.75
C VAL B 433 11.68 3.69 -18.96
N THR B 434 11.08 2.54 -19.31
CA THR B 434 11.41 1.82 -20.52
C THR B 434 10.43 2.24 -21.61
N VAL B 435 10.97 2.57 -22.78
CA VAL B 435 10.15 2.91 -23.94
C VAL B 435 10.44 1.90 -25.06
N ILE B 436 9.40 1.25 -25.58
CA ILE B 436 9.52 0.22 -26.60
C ILE B 436 8.65 0.63 -27.78
N VAL B 437 9.28 0.71 -28.95
CA VAL B 437 8.67 1.08 -30.20
C VAL B 437 8.53 -0.18 -31.06
N TYR B 438 7.33 -0.39 -31.63
CA TYR B 438 6.97 -1.65 -32.23
C TYR B 438 6.01 -1.40 -33.41
N ASP B 439 6.05 -2.31 -34.39
CA ASP B 439 5.09 -2.31 -35.48
C ASP B 439 3.72 -2.77 -34.96
N LYS B 440 2.80 -1.82 -34.74
CA LYS B 440 1.47 -2.10 -34.25
C LYS B 440 0.56 -2.71 -35.31
N THR B 441 1.07 -2.93 -36.54
CA THR B 441 0.30 -3.54 -37.62
C THR B 441 0.67 -5.01 -37.81
N ASP B 442 1.76 -5.46 -37.19
CA ASP B 442 2.29 -6.80 -37.39
C ASP B 442 1.95 -7.65 -36.17
N PRO B 443 1.01 -8.63 -36.28
CA PRO B 443 0.62 -9.47 -35.15
C PRO B 443 1.72 -10.32 -34.46
N ASP B 444 2.71 -10.79 -35.23
CA ASP B 444 3.83 -11.50 -34.64
C ASP B 444 4.63 -10.57 -33.73
N GLU B 445 4.76 -9.30 -34.14
CA GLU B 445 5.53 -8.30 -33.41
C GLU B 445 4.73 -7.87 -32.18
N ARG B 446 3.42 -7.71 -32.34
CA ARG B 446 2.52 -7.41 -31.24
C ARG B 446 2.60 -8.48 -30.15
N LYS B 447 2.80 -9.73 -30.54
CA LYS B 447 2.83 -10.83 -29.58
C LYS B 447 4.11 -10.72 -28.76
N LYS B 448 5.24 -10.55 -29.43
CA LYS B 448 6.51 -10.37 -28.76
C LYS B 448 6.44 -9.23 -27.74
N LEU B 449 5.86 -8.09 -28.13
CA LEU B 449 5.82 -6.96 -27.24
C LEU B 449 4.99 -7.32 -26.00
N ASP B 450 3.81 -7.86 -26.22
CA ASP B 450 2.88 -8.15 -25.15
C ASP B 450 3.57 -9.03 -24.09
N GLU B 451 4.32 -10.01 -24.59
CA GLU B 451 4.98 -10.99 -23.77
C GLU B 451 6.12 -10.31 -23.01
N LEU B 452 6.89 -9.50 -23.72
CA LEU B 452 8.05 -8.83 -23.17
C LEU B 452 7.59 -7.89 -22.06
N PHE B 453 6.46 -7.21 -22.30
CA PHE B 453 5.89 -6.32 -21.31
C PHE B 453 5.62 -7.07 -20.01
N ASN B 454 4.97 -8.25 -20.13
CA ASN B 454 4.52 -9.03 -18.99
C ASN B 454 5.73 -9.46 -18.15
N ILE B 455 6.81 -9.82 -18.81
CA ILE B 455 8.00 -10.28 -18.12
C ILE B 455 8.67 -9.10 -17.41
N LEU B 456 8.66 -7.92 -18.03
CA LEU B 456 9.30 -6.78 -17.40
C LEU B 456 8.54 -6.40 -16.12
N VAL B 457 7.21 -6.39 -16.20
CA VAL B 457 6.39 -6.06 -15.04
C VAL B 457 6.66 -7.08 -13.92
N ASP B 458 6.76 -8.35 -14.32
CA ASP B 458 6.96 -9.43 -13.37
C ASP B 458 8.35 -9.31 -12.74
N GLU B 459 9.40 -9.21 -13.55
CA GLU B 459 10.75 -9.25 -13.02
C GLU B 459 11.05 -8.01 -12.14
N ALA B 460 10.42 -6.88 -12.46
CA ALA B 460 10.61 -5.63 -11.73
C ALA B 460 9.79 -5.63 -10.42
N ALA B 461 8.54 -6.14 -10.44
CA ALA B 461 7.75 -6.19 -9.21
C ALA B 461 8.48 -7.01 -8.15
N ALA B 462 9.06 -8.12 -8.58
CA ALA B 462 9.77 -9.02 -7.70
C ALA B 462 11.00 -8.35 -7.09
N GLU B 463 11.50 -7.26 -7.67
CA GLU B 463 12.58 -6.50 -7.07
C GLU B 463 12.01 -5.30 -6.33
N GLY B 464 10.69 -5.26 -6.15
CA GLY B 464 10.10 -4.17 -5.38
C GLY B 464 9.82 -2.90 -6.18
N TYR B 465 9.88 -2.97 -7.52
CA TYR B 465 9.57 -1.83 -8.35
C TYR B 465 8.18 -1.98 -8.98
N GLY B 466 7.26 -1.05 -8.61
CA GLY B 466 5.88 -1.06 -9.05
C GLY B 466 5.45 0.15 -9.88
N GLU B 467 4.60 -0.12 -10.87
CA GLU B 467 4.16 0.86 -11.86
C GLU B 467 3.17 1.83 -11.22
N TYR B 468 3.12 3.07 -11.70
CA TYR B 468 2.21 4.08 -11.18
C TYR B 468 1.19 4.50 -12.23
N ARG B 469 1.42 4.11 -13.49
CA ARG B 469 0.56 4.54 -14.58
C ARG B 469 0.76 3.66 -15.80
N THR B 470 -0.33 3.29 -16.47
CA THR B 470 -0.29 2.22 -17.45
C THR B 470 -1.45 2.28 -18.45
N HIS B 471 -1.28 1.44 -19.50
CA HIS B 471 -2.17 1.24 -20.64
C HIS B 471 -3.47 0.56 -20.19
N ILE B 472 -4.63 0.92 -20.77
CA ILE B 472 -5.89 0.26 -20.41
C ILE B 472 -5.74 -1.27 -20.36
N ARG B 473 -5.01 -1.84 -21.31
CA ARG B 473 -4.86 -3.29 -21.39
C ARG B 473 -4.29 -3.89 -20.11
N TYR B 474 -3.49 -3.11 -19.36
CA TYR B 474 -2.66 -3.67 -18.31
C TYR B 474 -3.13 -3.20 -16.94
N MET B 475 -4.30 -2.60 -16.86
CA MET B 475 -4.74 -1.94 -15.64
C MET B 475 -5.01 -2.95 -14.51
N ASP B 476 -5.60 -4.11 -14.83
CA ASP B 476 -5.82 -5.16 -13.84
C ASP B 476 -4.47 -5.72 -13.44
N ARG B 477 -3.56 -5.82 -14.41
CA ARG B 477 -2.30 -6.46 -14.13
C ARG B 477 -1.56 -5.57 -13.13
N ILE B 478 -1.52 -4.26 -13.36
CA ILE B 478 -0.85 -3.35 -12.44
C ILE B 478 -1.53 -3.33 -11.07
N ALA B 479 -2.86 -3.33 -11.01
CA ALA B 479 -3.56 -3.39 -9.73
C ALA B 479 -3.07 -4.56 -8.89
N LYS B 480 -2.83 -5.69 -9.54
CA LYS B 480 -2.52 -6.92 -8.83
C LYS B 480 -1.11 -6.86 -8.23
N THR B 481 -0.32 -5.81 -8.48
CA THR B 481 0.95 -5.70 -7.79
C THR B 481 0.78 -5.05 -6.42
N TYR B 482 -0.37 -4.41 -6.17
CA TYR B 482 -0.59 -3.71 -4.91
C TYR B 482 -1.40 -4.62 -3.97
N SER B 483 -0.84 -5.81 -3.70
CA SER B 483 -1.60 -6.97 -3.25
C SER B 483 -1.45 -7.21 -1.74
N TRP B 484 -0.79 -6.31 -1.01
CA TRP B 484 -0.58 -6.51 0.43
C TRP B 484 -1.90 -6.82 1.17
N ASN B 485 -1.81 -7.83 2.05
CA ASN B 485 -2.93 -8.28 2.88
C ASN B 485 -4.11 -8.69 2.01
N ASP B 486 -3.87 -9.66 1.14
CA ASP B 486 -4.84 -10.14 0.18
C ASP B 486 -5.63 -9.03 -0.53
N ASN B 487 -4.95 -8.06 -1.16
CA ASN B 487 -5.60 -7.04 -1.98
C ASN B 487 -6.56 -6.20 -1.13
N ALA B 488 -6.10 -5.85 0.07
CA ALA B 488 -6.84 -5.06 1.03
C ALA B 488 -7.19 -3.67 0.49
N LEU B 489 -6.25 -3.01 -0.21
CA LEU B 489 -6.51 -1.66 -0.71
C LEU B 489 -7.64 -1.71 -1.73
N TRP B 490 -7.58 -2.63 -2.69
CA TRP B 490 -8.51 -2.64 -3.81
C TRP B 490 -9.89 -3.02 -3.29
N LYS B 491 -9.93 -3.85 -2.28
CA LYS B 491 -11.16 -4.14 -1.58
C LYS B 491 -11.78 -2.87 -1.02
N MET B 492 -10.95 -1.98 -0.46
CA MET B 492 -11.46 -0.69 -0.02
C MET B 492 -12.01 0.13 -1.20
N HIS B 493 -11.26 0.25 -2.30
CA HIS B 493 -11.71 0.94 -3.50
C HIS B 493 -13.05 0.38 -4.01
N GLU B 494 -13.21 -0.95 -4.00
CA GLU B 494 -14.46 -1.58 -4.39
C GLU B 494 -15.57 -1.15 -3.43
N THR B 495 -15.27 -1.02 -2.12
CA THR B 495 -16.28 -0.57 -1.17
C THR B 495 -16.78 0.83 -1.52
N ILE B 496 -15.87 1.75 -1.92
CA ILE B 496 -16.22 3.14 -2.19
C ILE B 496 -16.99 3.22 -3.50
N LYS B 497 -16.50 2.47 -4.48
CA LYS B 497 -17.09 2.35 -5.80
C LYS B 497 -18.58 1.93 -5.72
N ASP B 498 -18.91 1.02 -4.81
CA ASP B 498 -20.26 0.46 -4.73
C ASP B 498 -21.19 1.40 -3.99
N ALA B 499 -20.60 2.19 -3.07
CA ALA B 499 -21.31 3.26 -2.39
C ALA B 499 -21.65 4.38 -3.37
N LEU B 500 -20.67 4.87 -4.15
CA LEU B 500 -20.88 6.03 -5.02
C LEU B 500 -21.59 5.65 -6.32
N ASP B 501 -21.15 4.54 -6.95
CA ASP B 501 -21.68 4.07 -8.22
C ASP B 501 -22.30 2.69 -8.05
N PRO B 502 -23.42 2.53 -7.32
CA PRO B 502 -24.03 1.21 -7.17
C PRO B 502 -24.38 0.51 -8.48
N ASN B 503 -24.72 1.24 -9.55
CA ASN B 503 -25.12 0.58 -10.79
C ASN B 503 -23.95 0.29 -11.70
N GLY B 504 -22.73 0.68 -11.29
CA GLY B 504 -21.51 0.36 -12.02
C GLY B 504 -21.51 0.88 -13.46
N ILE B 505 -21.97 2.14 -13.68
CA ILE B 505 -21.97 2.78 -14.99
C ILE B 505 -20.77 3.72 -15.23
N LEU B 506 -19.74 3.75 -14.39
CA LEU B 506 -18.58 4.59 -14.69
C LEU B 506 -17.30 3.78 -14.92
N ALA B 507 -16.75 3.89 -16.14
CA ALA B 507 -15.46 3.34 -16.53
C ALA B 507 -15.19 2.02 -15.81
N PRO B 508 -16.01 0.98 -16.02
CA PRO B 508 -15.70 -0.33 -15.46
C PRO B 508 -14.29 -0.82 -15.80
N GLY B 509 -13.55 -1.17 -14.74
CA GLY B 509 -12.21 -1.74 -14.88
C GLY B 509 -11.06 -0.73 -14.86
N LYS B 510 -11.38 0.56 -14.70
CA LYS B 510 -10.39 1.64 -14.59
C LYS B 510 -9.54 1.42 -13.33
N SER B 511 -8.23 1.30 -13.50
CA SER B 511 -7.31 1.06 -12.39
C SER B 511 -7.62 -0.26 -11.72
N GLY B 512 -8.36 -1.14 -12.40
CA GLY B 512 -8.73 -2.43 -11.86
C GLY B 512 -9.90 -2.41 -10.86
N ILE B 513 -10.79 -1.43 -10.95
CA ILE B 513 -11.94 -1.30 -10.06
C ILE B 513 -13.25 -1.60 -10.79
N TRP B 514 -14.01 -2.67 -10.42
CA TRP B 514 -15.08 -3.13 -11.32
C TRP B 514 -16.51 -2.73 -10.90
N GLY B 515 -16.74 -2.96 -9.59
CA GLY B 515 -18.04 -2.85 -8.94
C GLY B 515 -18.73 -4.21 -8.78
N LYS B 516 -19.65 -4.34 -7.79
CA LYS B 516 -20.33 -5.60 -7.48
C LYS B 516 -21.02 -6.26 -8.69
N ASN B 517 -21.52 -5.48 -9.65
CA ASN B 517 -22.23 -6.11 -10.76
C ASN B 517 -21.34 -6.96 -11.65
N ARG B 518 -20.00 -6.77 -11.62
CA ARG B 518 -19.10 -7.40 -12.59
C ARG B 518 -17.84 -8.00 -11.95
N ARG B 519 -17.76 -8.27 -10.64
CA ARG B 519 -16.51 -8.82 -10.10
C ARG B 519 -16.77 -10.07 -9.26
N ALA C 2 -20.14 12.13 36.48
CA ALA C 2 -20.11 10.98 35.57
C ALA C 2 -20.23 11.47 34.13
N ALA C 3 -19.93 10.58 33.19
CA ALA C 3 -20.35 10.76 31.81
C ALA C 3 -21.41 9.69 31.48
N PRO C 4 -22.41 10.05 30.64
CA PRO C 4 -23.53 9.15 30.34
C PRO C 4 -23.17 8.10 29.29
N LEU C 5 -23.94 7.00 29.26
CA LEU C 5 -23.89 6.08 28.14
C LEU C 5 -24.19 6.89 26.88
N PRO C 6 -23.72 6.47 25.67
CA PRO C 6 -24.01 7.22 24.46
C PRO C 6 -25.34 6.73 23.88
N GLU C 7 -26.01 7.63 23.16
CA GLU C 7 -27.32 7.42 22.56
C GLU C 7 -27.37 6.10 21.79
N GLY C 8 -28.28 5.20 22.18
CA GLY C 8 -28.47 3.92 21.49
C GLY C 8 -27.84 2.71 22.18
N VAL C 9 -26.95 2.92 23.18
CA VAL C 9 -26.16 1.84 23.76
C VAL C 9 -26.60 1.51 25.19
N SER C 10 -26.79 0.22 25.46
CA SER C 10 -27.23 -0.26 26.76
C SER C 10 -26.07 -0.20 27.78
N ALA C 11 -26.32 -0.64 29.02
CA ALA C 11 -25.26 -0.78 30.00
C ALA C 11 -24.67 -2.19 29.94
N GLU C 12 -25.48 -3.18 29.57
CA GLU C 12 -24.98 -4.54 29.40
C GLU C 12 -23.96 -4.56 28.25
N ALA C 13 -24.27 -3.80 27.20
CA ALA C 13 -23.46 -3.72 25.99
C ALA C 13 -22.12 -3.03 26.29
N MET C 14 -22.19 -1.84 26.90
CA MET C 14 -21.01 -1.08 27.23
C MET C 14 -20.12 -1.87 28.19
N SER C 15 -20.74 -2.67 29.04
CA SER C 15 -19.99 -3.39 30.07
C SER C 15 -19.22 -4.55 29.44
N SER C 16 -19.86 -5.27 28.50
CA SER C 16 -19.27 -6.45 27.90
C SER C 16 -18.21 -6.06 26.86
N ALA C 17 -18.36 -4.85 26.31
CA ALA C 17 -17.37 -4.30 25.40
C ALA C 17 -16.10 -3.91 26.16
N LEU C 18 -16.21 -3.38 27.39
CA LEU C 18 -15.03 -3.01 28.16
C LEU C 18 -14.33 -4.26 28.69
N ASP C 19 -15.09 -5.35 28.83
CA ASP C 19 -14.54 -6.65 29.18
C ASP C 19 -13.60 -7.12 28.07
N ARG C 20 -14.13 -7.11 26.85
CA ARG C 20 -13.42 -7.68 25.71
C ARG C 20 -12.23 -6.78 25.37
N PHE C 21 -12.35 -5.46 25.61
CA PHE C 21 -11.23 -4.54 25.47
C PHE C 21 -10.13 -4.94 26.43
N ALA C 22 -10.51 -5.25 27.67
CA ALA C 22 -9.53 -5.58 28.70
C ALA C 22 -8.80 -6.87 28.33
N ARG C 23 -9.49 -7.86 27.78
CA ARG C 23 -8.81 -9.06 27.31
C ARG C 23 -7.78 -8.69 26.25
N ILE C 24 -8.13 -7.75 25.36
CA ILE C 24 -7.28 -7.41 24.23
C ILE C 24 -6.03 -6.68 24.71
N VAL C 25 -6.20 -5.63 25.53
CA VAL C 25 -5.08 -4.74 25.79
C VAL C 25 -4.45 -5.05 27.15
N GLY C 26 -5.09 -5.91 27.96
CA GLY C 26 -4.78 -6.00 29.38
C GLY C 26 -5.59 -5.01 30.21
N ALA C 27 -6.08 -5.46 31.37
CA ALA C 27 -7.06 -4.71 32.16
C ALA C 27 -6.49 -3.36 32.65
N ASP C 28 -5.16 -3.19 32.64
CA ASP C 28 -4.50 -1.99 33.13
C ASP C 28 -4.56 -0.84 32.11
N TRP C 29 -5.06 -1.12 30.90
CA TRP C 29 -5.06 -0.15 29.81
C TRP C 29 -6.49 0.16 29.34
N VAL C 30 -7.52 -0.24 30.09
CA VAL C 30 -8.85 0.34 30.01
C VAL C 30 -9.03 1.27 31.20
N PHE C 31 -9.74 2.38 31.03
CA PHE C 31 -9.77 3.44 32.03
C PHE C 31 -11.20 3.97 32.16
N THR C 32 -11.73 3.91 33.40
CA THR C 32 -13.10 4.29 33.70
C THR C 32 -13.08 5.26 34.88
N GLU C 33 -14.21 5.36 35.61
CA GLU C 33 -14.28 5.99 36.94
C GLU C 33 -13.72 7.41 36.83
N ASP C 34 -12.84 7.79 37.78
CA ASP C 34 -12.27 9.13 37.82
C ASP C 34 -10.82 9.11 37.29
N LYS C 35 -10.47 8.06 36.54
CA LYS C 35 -9.22 8.01 35.78
C LYS C 35 -9.39 8.72 34.43
N ILE C 36 -10.59 9.27 34.18
CA ILE C 36 -10.98 9.72 32.85
C ILE C 36 -10.80 11.24 32.71
N THR C 37 -10.13 11.91 33.66
CA THR C 37 -10.10 13.37 33.70
C THR C 37 -8.97 13.97 32.84
N PRO C 38 -7.85 13.29 32.54
CA PRO C 38 -6.91 13.79 31.52
C PRO C 38 -7.44 13.87 30.08
N TYR C 39 -8.60 13.23 29.82
CA TYR C 39 -9.22 13.26 28.50
C TYR C 39 -10.33 14.32 28.43
N GLU C 40 -10.59 15.01 29.55
CA GLU C 40 -11.50 16.15 29.55
C GLU C 40 -10.86 17.29 28.78
N ASP C 41 -11.64 17.93 27.89
CA ASP C 41 -11.27 19.18 27.24
C ASP C 41 -10.58 20.08 28.28
N PRO C 42 -9.23 20.29 28.20
CA PRO C 42 -8.51 21.11 29.19
C PRO C 42 -8.87 22.59 29.14
N TYR C 43 -9.37 23.08 27.99
CA TYR C 43 -9.93 24.43 27.90
C TYR C 43 -11.43 24.35 27.63
N THR C 44 -12.23 24.32 28.70
CA THR C 44 -13.68 24.11 28.64
C THR C 44 -14.33 25.35 28.00
N ILE C 45 -15.39 25.15 27.19
CA ILE C 45 -16.06 26.22 26.46
C ILE C 45 -17.57 26.27 26.76
N SER C 46 -18.22 25.10 26.92
CA SER C 46 -19.65 25.07 27.21
C SER C 46 -19.88 25.11 28.72
N ASN C 47 -21.03 25.70 29.08
CA ASN C 47 -21.51 25.74 30.45
C ASN C 47 -22.27 24.45 30.77
N ASP C 48 -22.57 23.67 29.74
CA ASP C 48 -23.18 22.36 29.91
C ASP C 48 -22.07 21.37 30.24
N GLU C 49 -22.28 20.56 31.29
CA GLU C 49 -21.29 19.59 31.75
C GLU C 49 -21.74 18.19 31.38
N THR C 50 -22.73 18.09 30.49
CA THR C 50 -23.14 16.83 29.87
C THR C 50 -22.51 16.67 28.49
N GLU C 51 -21.66 17.63 28.08
CA GLU C 51 -21.12 17.71 26.71
C GLU C 51 -19.61 17.49 26.68
N HIS C 52 -19.14 16.76 25.64
CA HIS C 52 -17.73 16.45 25.42
C HIS C 52 -17.12 15.65 26.57
N ARG C 53 -17.89 14.68 27.11
CA ARG C 53 -17.51 13.81 28.21
C ARG C 53 -17.28 12.40 27.68
N PRO C 54 -16.08 11.80 27.86
CA PRO C 54 -15.83 10.43 27.42
C PRO C 54 -16.19 9.39 28.48
N TYR C 55 -16.85 8.30 28.07
CA TYR C 55 -17.24 7.28 29.02
C TYR C 55 -16.01 6.55 29.52
N ALA C 56 -15.14 6.11 28.59
CA ALA C 56 -13.94 5.35 28.94
C ALA C 56 -12.82 5.64 27.95
N ALA C 57 -11.65 5.04 28.21
CA ALA C 57 -10.51 5.11 27.33
C ALA C 57 -9.84 3.74 27.28
N VAL C 58 -9.18 3.48 26.16
CA VAL C 58 -8.43 2.25 25.99
C VAL C 58 -7.14 2.62 25.23
N ALA C 59 -6.02 2.05 25.69
CA ALA C 59 -4.70 2.39 25.17
C ALA C 59 -4.02 1.17 24.56
N PRO C 60 -4.24 0.84 23.27
CA PRO C 60 -3.66 -0.36 22.68
C PRO C 60 -2.16 -0.22 22.44
N ALA C 61 -1.47 -1.36 22.35
CA ALA C 61 -0.03 -1.41 22.18
C ALA C 61 0.39 -1.49 20.70
N SER C 62 -0.55 -1.75 19.78
CA SER C 62 -0.19 -2.13 18.43
C SER C 62 -1.36 -2.02 17.47
N THR C 63 -1.04 -2.04 16.18
CA THR C 63 -2.02 -1.98 15.12
C THR C 63 -3.06 -3.08 15.31
N GLU C 64 -2.60 -4.32 15.59
CA GLU C 64 -3.47 -5.49 15.58
C GLU C 64 -4.43 -5.48 16.79
N GLU C 65 -3.97 -5.02 17.95
CA GLU C 65 -4.90 -4.69 19.03
C GLU C 65 -5.99 -3.71 18.56
N VAL C 66 -5.59 -2.62 17.87
CA VAL C 66 -6.52 -1.60 17.40
C VAL C 66 -7.60 -2.24 16.53
N GLN C 67 -7.22 -3.17 15.66
CA GLN C 67 -8.19 -3.86 14.83
C GLN C 67 -9.17 -4.68 15.66
N GLU C 68 -8.65 -5.38 16.69
CA GLU C 68 -9.49 -6.21 17.55
C GLU C 68 -10.52 -5.35 18.29
N ILE C 69 -10.06 -4.23 18.88
CA ILE C 69 -10.93 -3.24 19.50
C ILE C 69 -12.03 -2.82 18.55
N VAL C 70 -11.64 -2.38 17.35
CA VAL C 70 -12.61 -1.88 16.40
C VAL C 70 -13.64 -2.95 16.09
N ARG C 71 -13.26 -4.23 16.09
CA ARG C 71 -14.18 -5.31 15.72
C ARG C 71 -15.22 -5.47 16.82
N VAL C 72 -14.75 -5.39 18.07
CA VAL C 72 -15.60 -5.41 19.24
C VAL C 72 -16.57 -4.23 19.27
N ALA C 73 -16.12 -3.02 18.91
CA ALA C 73 -17.01 -1.86 18.86
C ALA C 73 -18.12 -2.06 17.84
N ASN C 74 -17.85 -2.73 16.72
CA ASN C 74 -18.93 -3.04 15.79
C ASN C 74 -19.90 -4.03 16.44
N GLU C 75 -19.38 -4.91 17.30
CA GLU C 75 -20.12 -6.06 17.79
C GLU C 75 -21.22 -5.61 18.79
N PHE C 76 -21.07 -4.40 19.38
CA PHE C 76 -21.82 -3.92 20.53
C PHE C 76 -22.25 -2.46 20.33
N GLY C 77 -22.17 -1.97 19.09
CA GLY C 77 -22.32 -0.56 18.75
C GLY C 77 -21.69 0.46 19.72
N VAL C 78 -20.49 0.22 20.25
CA VAL C 78 -19.84 1.25 21.07
C VAL C 78 -18.94 2.16 20.21
N PRO C 79 -19.18 3.49 20.20
CA PRO C 79 -18.37 4.41 19.41
C PRO C 79 -17.04 4.76 20.03
N LEU C 80 -16.07 5.19 19.18
CA LEU C 80 -14.66 5.33 19.51
C LEU C 80 -14.14 6.69 19.07
N TRP C 81 -13.28 7.31 19.88
CA TRP C 81 -12.67 8.58 19.51
C TRP C 81 -11.15 8.44 19.48
N PRO C 82 -10.51 8.36 18.31
CA PRO C 82 -9.07 8.13 18.22
C PRO C 82 -8.29 9.40 18.50
N VAL C 83 -7.25 9.23 19.30
CA VAL C 83 -6.31 10.30 19.56
C VAL C 83 -4.89 9.72 19.53
N SER C 84 -3.97 10.43 18.86
CA SER C 84 -2.61 9.96 18.74
C SER C 84 -1.93 10.17 20.10
N ARG C 85 -2.05 11.40 20.59
CA ARG C 85 -1.45 11.81 21.86
C ARG C 85 -2.39 12.75 22.60
N GLY C 86 -3.38 13.29 21.89
CA GLY C 86 -4.52 13.95 22.53
C GLY C 86 -4.15 15.32 23.09
N LYS C 87 -3.06 15.89 22.57
CA LYS C 87 -2.50 17.14 23.07
C LYS C 87 -2.90 18.28 22.13
N ASN C 88 -4.16 18.27 21.68
CA ASN C 88 -4.69 19.18 20.67
C ASN C 88 -5.43 20.35 21.35
N PHE C 89 -4.65 21.14 22.12
CA PHE C 89 -5.18 22.26 22.89
C PHE C 89 -5.73 23.31 21.93
N ALA C 90 -6.87 23.92 22.32
CA ALA C 90 -7.59 24.97 21.58
C ALA C 90 -8.55 24.41 20.53
N TYR C 91 -8.53 23.08 20.36
CA TYR C 91 -9.39 22.37 19.41
C TYR C 91 -10.17 21.26 20.14
N GLY C 92 -9.93 21.09 21.45
CA GLY C 92 -10.75 20.23 22.28
C GLY C 92 -9.94 19.35 23.25
N GLY C 93 -8.62 19.39 23.09
CA GLY C 93 -7.76 18.40 23.74
C GLY C 93 -8.07 16.99 23.23
N ALA C 94 -8.40 16.09 24.15
CA ALA C 94 -8.57 14.67 23.86
C ALA C 94 -10.05 14.27 23.89
N ALA C 95 -10.98 15.25 23.91
CA ALA C 95 -12.38 14.98 24.21
C ALA C 95 -13.22 14.69 22.95
N PRO C 96 -14.26 13.84 23.05
CA PRO C 96 -15.16 13.58 21.93
C PRO C 96 -16.40 14.47 21.79
N VAL C 97 -16.59 15.04 20.59
CA VAL C 97 -17.80 15.73 20.15
C VAL C 97 -19.01 15.16 20.87
N MET C 98 -19.26 13.86 20.67
CA MET C 98 -20.40 13.24 21.32
C MET C 98 -19.91 12.68 22.65
N SER C 99 -20.78 12.77 23.67
CA SER C 99 -20.49 12.18 24.96
C SER C 99 -20.81 10.70 24.93
N GLY C 100 -20.13 9.97 25.82
CA GLY C 100 -20.29 8.53 25.96
C GLY C 100 -19.41 7.76 24.98
N THR C 101 -18.54 8.52 24.28
CA THR C 101 -17.60 7.95 23.33
C THR C 101 -16.42 7.42 24.13
N VAL C 102 -15.97 6.21 23.81
CA VAL C 102 -14.76 5.65 24.38
C VAL C 102 -13.57 6.22 23.61
N VAL C 103 -12.61 6.80 24.32
CA VAL C 103 -11.41 7.32 23.69
C VAL C 103 -10.51 6.14 23.31
N LEU C 104 -10.02 6.15 22.05
CA LEU C 104 -8.96 5.25 21.64
C LEU C 104 -7.66 6.02 21.68
N ASP C 105 -6.87 5.75 22.72
CA ASP C 105 -5.67 6.52 22.99
C ASP C 105 -4.49 5.72 22.47
N MET C 106 -3.71 6.31 21.56
CA MET C 106 -2.68 5.53 20.90
C MET C 106 -1.30 6.03 21.31
N ASN C 107 -1.24 6.61 22.51
CA ASN C 107 -0.01 7.05 23.15
C ASN C 107 1.09 5.99 23.17
N ARG C 108 0.73 4.74 23.40
CA ARG C 108 1.70 3.70 23.69
C ARG C 108 2.37 3.24 22.39
N MET C 109 1.65 3.43 21.29
CA MET C 109 2.15 3.10 19.98
C MET C 109 3.04 4.26 19.55
N ASN C 110 4.28 4.27 20.06
CA ASN C 110 5.17 5.41 19.97
C ASN C 110 6.53 5.08 19.35
N ARG C 111 6.62 4.02 18.53
CA ARG C 111 7.91 3.66 17.94
C ARG C 111 8.21 4.59 16.77
N ILE C 112 9.47 5.01 16.65
CA ILE C 112 9.99 5.55 15.40
C ILE C 112 10.51 4.41 14.52
N LEU C 113 9.76 3.97 13.50
CA LEU C 113 10.08 2.75 12.76
C LEU C 113 11.24 2.95 11.78
N GLU C 114 11.40 4.16 11.22
CA GLU C 114 12.58 4.48 10.42
C GLU C 114 12.78 5.99 10.38
N VAL C 115 14.04 6.38 10.39
CA VAL C 115 14.46 7.70 9.94
C VAL C 115 15.64 7.49 8.99
N ASN C 116 15.47 7.99 7.75
CA ASN C 116 16.37 7.76 6.63
C ASN C 116 16.98 9.10 6.25
N GLU C 117 18.30 9.21 6.37
CA GLU C 117 19.00 10.46 6.11
C GLU C 117 19.15 10.72 4.59
N GLU C 118 19.55 9.70 3.80
CA GLU C 118 19.88 9.92 2.39
C GLU C 118 18.63 10.35 1.62
N PHE C 119 17.44 9.86 2.02
CA PHE C 119 16.20 10.17 1.33
C PHE C 119 15.33 11.15 2.12
N GLY C 120 15.76 11.53 3.32
CA GLY C 120 15.08 12.55 4.11
C GLY C 120 13.63 12.18 4.44
N TYR C 121 13.42 11.17 5.28
CA TYR C 121 12.07 10.83 5.67
C TYR C 121 12.06 10.14 7.01
N ALA C 122 10.87 10.07 7.62
CA ALA C 122 10.64 9.22 8.78
C ALA C 122 9.33 8.46 8.65
N LEU C 123 9.28 7.31 9.31
CA LEU C 123 8.08 6.50 9.47
C LEU C 123 7.82 6.36 10.97
N VAL C 124 6.62 6.75 11.41
CA VAL C 124 6.33 6.97 12.81
C VAL C 124 4.95 6.42 13.16
N GLU C 125 4.82 5.94 14.40
CA GLU C 125 3.53 5.60 14.97
C GLU C 125 2.89 6.85 15.59
N PRO C 126 1.58 6.84 15.86
CA PRO C 126 0.90 8.07 16.28
C PRO C 126 1.45 8.71 17.56
N GLY C 127 1.94 7.87 18.49
CA GLY C 127 2.37 8.30 19.80
C GLY C 127 3.67 9.08 19.79
N VAL C 128 4.42 9.03 18.70
CA VAL C 128 5.65 9.79 18.64
C VAL C 128 5.33 11.28 18.69
N SER C 129 6.03 11.99 19.58
CA SER C 129 5.92 13.43 19.69
C SER C 129 7.02 14.08 18.86
N TYR C 130 6.89 15.39 18.64
CA TYR C 130 7.96 16.19 18.06
C TYR C 130 9.22 16.07 18.91
N PHE C 131 9.08 16.15 20.24
CA PHE C 131 10.22 16.11 21.13
C PHE C 131 10.97 14.82 20.91
N GLU C 132 10.23 13.70 20.95
CA GLU C 132 10.84 12.40 20.74
C GLU C 132 11.62 12.33 19.41
N LEU C 133 11.08 12.91 18.32
CA LEU C 133 11.63 12.76 16.97
C LEU C 133 12.85 13.66 16.77
N TYR C 134 12.76 14.92 17.24
CA TYR C 134 13.93 15.78 17.32
C TYR C 134 15.07 15.09 18.08
N ASP C 135 14.76 14.51 19.25
CA ASP C 135 15.76 13.90 20.13
C ASP C 135 16.33 12.63 19.51
N TYR C 136 15.54 11.86 18.73
CA TYR C 136 16.03 10.68 18.03
C TYR C 136 16.98 11.10 16.93
N ILE C 137 16.56 12.11 16.15
CA ILE C 137 17.40 12.63 15.08
C ILE C 137 18.75 13.11 15.64
N GLN C 138 18.75 13.72 16.83
CA GLN C 138 19.96 14.35 17.35
C GLN C 138 20.91 13.27 17.90
N GLU C 139 20.37 12.32 18.65
CA GLU C 139 21.15 11.17 19.08
C GLU C 139 21.97 10.59 17.92
N LYS C 140 21.26 10.17 16.86
CA LYS C 140 21.86 9.39 15.80
C LYS C 140 22.66 10.28 14.85
N GLY C 141 22.61 11.61 15.05
CA GLY C 141 23.49 12.54 14.35
C GLY C 141 23.06 12.83 12.90
N LEU C 142 21.80 12.52 12.58
CA LEU C 142 21.28 12.65 11.24
C LEU C 142 21.08 14.12 10.90
N LYS C 143 21.50 14.55 9.71
CA LYS C 143 21.43 15.93 9.26
C LYS C 143 20.07 16.23 8.63
N LEU C 144 19.03 16.25 9.47
CA LEU C 144 17.65 16.47 9.03
C LEU C 144 17.01 17.47 9.97
N TRP C 145 16.07 18.27 9.45
CA TRP C 145 15.17 19.02 10.30
C TRP C 145 13.75 18.44 10.29
N ILE C 146 13.08 18.58 11.42
CA ILE C 146 11.65 18.37 11.52
C ILE C 146 10.97 19.73 11.40
N ASP C 147 9.64 19.74 11.27
CA ASP C 147 8.90 20.98 11.20
C ASP C 147 7.81 20.94 12.27
N VAL C 148 7.90 21.90 13.21
CA VAL C 148 7.14 21.78 14.45
C VAL C 148 6.11 22.90 14.53
N PRO C 149 4.97 22.61 15.16
CA PRO C 149 4.05 23.64 15.65
C PRO C 149 4.65 24.33 16.88
N ASP C 150 3.91 25.22 17.54
CA ASP C 150 4.43 25.89 18.72
C ASP C 150 4.66 24.89 19.86
N GLY C 151 3.70 23.97 20.08
CA GLY C 151 3.90 22.95 21.10
C GLY C 151 4.52 21.66 20.56
N GLY C 152 5.70 21.32 21.11
CA GLY C 152 6.48 20.16 20.71
C GLY C 152 5.96 18.82 21.26
N TRP C 153 4.95 18.86 22.13
CA TRP C 153 4.50 17.68 22.87
C TRP C 153 3.44 16.94 22.05
N GLY C 154 3.00 17.58 20.96
CA GLY C 154 2.00 17.02 20.04
C GLY C 154 2.54 15.86 19.20
N SER C 155 1.61 15.20 18.49
CA SER C 155 1.89 14.06 17.63
C SER C 155 2.24 14.50 16.21
N VAL C 156 3.42 14.09 15.76
CA VAL C 156 3.73 14.22 14.35
C VAL C 156 2.52 13.81 13.51
N VAL C 157 1.92 12.62 13.78
CA VAL C 157 0.85 12.09 12.97
C VAL C 157 -0.43 12.89 13.16
N GLY C 158 -0.94 12.93 14.40
CA GLY C 158 -2.20 13.58 14.72
C GLY C 158 -2.27 14.99 14.14
N ASN C 159 -1.20 15.75 14.34
CA ASN C 159 -1.18 17.14 13.91
C ASN C 159 -1.21 17.22 12.38
N ALA C 160 -0.41 16.38 11.72
CA ALA C 160 -0.46 16.29 10.27
C ALA C 160 -1.87 15.96 9.78
N LEU C 161 -2.52 14.97 10.41
CA LEU C 161 -3.86 14.58 10.02
C LEU C 161 -4.88 15.69 10.24
N ASP C 162 -4.62 16.64 11.16
CA ASP C 162 -5.59 17.71 11.43
C ASP C 162 -5.26 18.96 10.61
N HIS C 163 -4.50 18.77 9.53
CA HIS C 163 -4.07 19.77 8.56
C HIS C 163 -3.23 20.84 9.23
N GLY C 164 -2.35 20.39 10.13
CA GLY C 164 -1.51 21.28 10.91
C GLY C 164 -0.44 21.98 10.06
N ILE C 165 0.05 23.12 10.58
CA ILE C 165 1.11 23.91 9.96
C ILE C 165 2.28 24.09 10.94
N GLY C 166 3.41 24.55 10.38
CA GLY C 166 4.59 24.95 11.14
C GLY C 166 5.37 26.01 10.38
N TYR C 167 6.68 26.17 10.65
CA TYR C 167 7.32 27.46 10.38
C TYR C 167 8.61 27.32 9.56
N THR C 168 8.87 26.14 8.98
CA THR C 168 9.96 25.95 8.03
C THR C 168 9.44 25.84 6.59
N PRO C 169 10.31 25.71 5.56
CA PRO C 169 9.81 25.40 4.21
C PRO C 169 8.95 24.13 4.14
N TYR C 170 9.13 23.19 5.08
CA TYR C 170 8.27 22.01 5.20
C TYR C 170 7.08 22.26 6.12
N GLY C 171 6.56 23.49 6.18
CA GLY C 171 5.54 23.89 7.15
C GLY C 171 4.14 23.32 6.89
N ASP C 172 3.82 22.88 5.66
CA ASP C 172 2.51 22.25 5.41
C ASP C 172 2.60 20.74 5.69
N HIS C 173 2.11 20.30 6.84
CA HIS C 173 2.53 19.03 7.40
C HIS C 173 1.91 17.89 6.61
N PHE C 174 0.61 17.99 6.27
CA PHE C 174 -0.04 16.90 5.57
C PHE C 174 0.43 16.83 4.13
N ALA C 175 0.89 17.95 3.58
CA ALA C 175 1.48 17.95 2.25
C ALA C 175 2.71 17.04 2.18
N MET C 176 3.46 16.97 3.30
CA MET C 176 4.71 16.26 3.37
C MET C 176 4.48 14.81 3.80
N GLN C 177 3.22 14.44 4.06
CA GLN C 177 2.94 13.05 4.42
C GLN C 177 3.13 12.16 3.20
N CYS C 178 3.47 10.90 3.42
CA CYS C 178 3.72 9.97 2.34
C CYS C 178 3.70 8.54 2.84
N GLY C 179 2.64 7.82 2.46
CA GLY C 179 2.38 6.50 3.00
C GLY C 179 1.73 6.55 4.38
N MET C 180 0.67 5.74 4.57
CA MET C 180 0.10 5.49 5.89
C MET C 180 -0.44 4.06 5.91
N GLU C 181 -0.54 3.50 7.13
CA GLU C 181 -1.32 2.30 7.41
C GLU C 181 -2.56 2.74 8.17
N VAL C 182 -3.69 2.13 7.82
CA VAL C 182 -5.00 2.52 8.35
C VAL C 182 -5.75 1.27 8.74
N VAL C 183 -6.33 1.30 9.95
CA VAL C 183 -7.36 0.35 10.36
C VAL C 183 -8.69 0.96 9.97
N LEU C 184 -9.42 0.30 9.07
CA LEU C 184 -10.70 0.82 8.60
C LEU C 184 -11.75 0.51 9.66
N PRO C 185 -12.94 1.13 9.59
CA PRO C 185 -13.99 0.94 10.59
C PRO C 185 -14.61 -0.46 10.68
N ASN C 186 -14.35 -1.32 9.68
CA ASN C 186 -14.69 -2.75 9.77
C ASN C 186 -13.56 -3.56 10.44
N GLY C 187 -12.43 -2.92 10.79
CA GLY C 187 -11.32 -3.59 11.45
C GLY C 187 -10.28 -4.22 10.50
N GLU C 188 -10.40 -4.03 9.17
CA GLU C 188 -9.40 -4.49 8.22
C GLU C 188 -8.27 -3.47 8.14
N VAL C 189 -7.04 -3.92 7.85
CA VAL C 189 -5.91 -3.01 7.75
C VAL C 189 -5.51 -2.86 6.28
N VAL C 190 -5.07 -1.64 5.90
CA VAL C 190 -4.62 -1.30 4.56
C VAL C 190 -3.38 -0.39 4.67
N ARG C 191 -2.56 -0.47 3.63
CA ARG C 191 -1.48 0.45 3.41
C ARG C 191 -1.71 1.16 2.08
N THR C 192 -1.48 2.45 2.11
CA THR C 192 -1.69 3.29 0.93
C THR C 192 -0.41 3.39 0.13
N GLY C 193 -0.56 3.91 -1.10
CA GLY C 193 0.59 4.23 -1.91
C GLY C 193 1.39 2.98 -2.18
N MET C 194 2.73 3.12 -2.16
CA MET C 194 3.60 2.04 -2.60
C MET C 194 3.62 0.93 -1.56
N GLY C 195 3.15 1.23 -0.32
CA GLY C 195 3.02 0.27 0.76
C GLY C 195 2.01 -0.86 0.52
N ALA C 196 1.04 -0.67 -0.40
CA ALA C 196 0.19 -1.76 -0.83
C ALA C 196 0.99 -2.82 -1.60
N MET C 197 2.20 -2.46 -2.07
CA MET C 197 3.04 -3.42 -2.80
C MET C 197 3.96 -4.12 -1.79
N PRO C 198 3.87 -5.44 -1.61
CA PRO C 198 4.87 -6.13 -0.81
C PRO C 198 6.24 -6.06 -1.48
N GLY C 199 7.29 -5.97 -0.66
CA GLY C 199 8.65 -6.01 -1.15
C GLY C 199 9.20 -4.64 -1.56
N ASN C 200 8.40 -3.59 -1.38
CA ASN C 200 8.76 -2.25 -1.83
C ASN C 200 9.78 -1.64 -0.88
N ASN C 201 10.55 -0.69 -1.37
CA ASN C 201 11.31 0.20 -0.50
C ASN C 201 10.95 1.64 -0.81
N THR C 202 9.71 1.88 -1.29
CA THR C 202 9.33 3.19 -1.80
C THR C 202 8.13 3.85 -1.09
N TRP C 203 7.62 3.24 -0.01
CA TRP C 203 6.49 3.76 0.77
C TRP C 203 6.61 5.26 1.06
N GLN C 204 7.79 5.68 1.53
CA GLN C 204 8.00 7.06 1.94
C GLN C 204 8.62 7.88 0.81
N LEU C 205 8.65 7.38 -0.44
CA LEU C 205 9.38 8.07 -1.47
C LEU C 205 8.48 8.59 -2.58
N PHE C 206 7.27 8.04 -2.68
CA PHE C 206 6.36 8.35 -3.77
C PHE C 206 4.94 8.22 -3.25
N LYS C 207 4.19 9.32 -3.23
CA LYS C 207 2.90 9.40 -2.56
C LYS C 207 1.83 8.53 -3.21
N TYR C 208 1.74 8.52 -4.54
CA TYR C 208 0.49 8.11 -5.18
C TYR C 208 0.26 6.61 -5.09
N GLY C 209 1.33 5.83 -5.29
CA GLY C 209 1.14 4.47 -5.74
C GLY C 209 0.40 4.45 -7.08
N TYR C 210 -0.60 3.59 -7.17
CA TYR C 210 -1.38 3.43 -8.38
C TYR C 210 -2.85 3.51 -7.97
N GLY C 211 -3.66 4.10 -8.84
CA GLY C 211 -5.09 4.14 -8.59
C GLY C 211 -5.52 5.36 -7.77
N PRO C 212 -6.74 5.36 -7.21
CA PRO C 212 -7.22 6.52 -6.44
C PRO C 212 -6.24 6.93 -5.35
N TYR C 213 -5.98 8.24 -5.27
CA TYR C 213 -5.20 8.79 -4.19
C TYR C 213 -6.12 9.07 -2.99
N VAL C 214 -5.97 8.27 -1.94
CA VAL C 214 -6.90 8.18 -0.83
C VAL C 214 -6.27 8.58 0.51
N ASP C 215 -4.98 8.91 0.61
CA ASP C 215 -4.42 9.23 1.93
C ASP C 215 -5.25 10.37 2.54
N GLY C 216 -5.61 11.34 1.69
CA GLY C 216 -6.33 12.55 2.08
C GLY C 216 -7.62 12.24 2.84
N ILE C 217 -8.26 11.10 2.54
CA ILE C 217 -9.57 10.85 3.09
C ILE C 217 -9.48 10.47 4.56
N PHE C 218 -8.28 10.15 5.05
CA PHE C 218 -8.08 9.83 6.46
C PHE C 218 -7.55 11.01 7.25
N SER C 219 -7.49 12.21 6.64
CA SER C 219 -7.17 13.44 7.38
C SER C 219 -8.47 14.18 7.69
N GLN C 220 -8.50 14.89 8.84
CA GLN C 220 -9.71 15.49 9.40
C GLN C 220 -10.93 14.61 9.13
N SER C 221 -10.85 13.36 9.59
CA SER C 221 -11.75 12.35 9.10
C SER C 221 -12.21 11.44 10.23
N ASN C 222 -13.37 10.80 10.07
CA ASN C 222 -13.66 9.63 10.88
C ASN C 222 -13.79 8.39 10.00
N PHE C 223 -12.92 8.24 8.98
CA PHE C 223 -13.01 7.14 8.01
C PHE C 223 -12.06 5.99 8.32
N GLY C 224 -11.15 6.18 9.28
CA GLY C 224 -10.23 5.14 9.67
C GLY C 224 -9.29 5.61 10.77
N VAL C 225 -8.56 4.65 11.37
CA VAL C 225 -7.57 4.98 12.38
C VAL C 225 -6.18 4.72 11.81
N VAL C 226 -5.37 5.77 11.77
CA VAL C 226 -4.05 5.70 11.20
C VAL C 226 -3.08 5.17 12.25
N THR C 227 -2.34 4.11 11.91
CA THR C 227 -1.44 3.46 12.85
C THR C 227 0.05 3.67 12.53
N LYS C 228 0.35 4.02 11.28
CA LYS C 228 1.71 4.35 10.87
C LYS C 228 1.61 5.46 9.82
N MET C 229 2.61 6.32 9.73
CA MET C 229 2.54 7.36 8.72
C MET C 229 3.96 7.78 8.31
N GLY C 230 4.21 7.83 6.99
CA GLY C 230 5.41 8.46 6.48
C GLY C 230 5.32 9.98 6.55
N ILE C 231 6.45 10.66 6.80
CA ILE C 231 6.55 12.09 6.54
C ILE C 231 7.95 12.42 6.00
N TRP C 232 8.01 13.40 5.09
CA TRP C 232 9.25 13.86 4.53
C TRP C 232 9.90 14.86 5.48
N LEU C 233 11.24 14.80 5.52
CA LEU C 233 12.10 15.57 6.41
C LEU C 233 13.07 16.42 5.59
N MET C 234 13.05 17.73 5.82
CA MET C 234 13.95 18.64 5.12
C MET C 234 15.38 18.33 5.51
N PRO C 235 16.30 18.13 4.55
CA PRO C 235 17.72 18.00 4.86
C PRO C 235 18.28 19.32 5.38
N GLU C 236 19.26 19.21 6.28
CA GLU C 236 19.89 20.34 6.90
C GLU C 236 20.40 21.28 5.82
N PRO C 237 19.95 22.54 5.81
CA PRO C 237 20.43 23.52 4.82
C PRO C 237 21.85 23.94 5.12
N ALA C 238 22.47 24.57 4.12
CA ALA C 238 23.82 25.06 4.25
C ALA C 238 23.85 26.43 4.91
N GLY C 239 22.70 26.94 5.38
CA GLY C 239 22.66 28.24 6.04
C GLY C 239 21.27 28.61 6.57
N TYR C 240 21.24 29.47 7.60
CA TYR C 240 19.98 29.89 8.22
C TYR C 240 20.15 31.29 8.79
N ARG C 241 19.34 32.25 8.31
CA ARG C 241 19.29 33.61 8.85
C ARG C 241 17.84 34.02 9.16
N PRO C 242 17.41 34.01 10.43
CA PRO C 242 16.12 34.62 10.80
C PRO C 242 16.19 36.14 10.77
N TYR C 243 15.01 36.77 10.75
CA TYR C 243 14.90 38.21 10.59
C TYR C 243 13.53 38.69 11.05
N LEU C 244 13.43 40.00 11.34
CA LEU C 244 12.19 40.59 11.82
C LEU C 244 12.00 41.97 11.20
N ILE C 245 10.77 42.25 10.73
CA ILE C 245 10.43 43.54 10.17
C ILE C 245 9.19 44.09 10.90
N THR C 246 9.36 45.29 11.50
CA THR C 246 8.30 45.97 12.23
C THR C 246 7.73 47.10 11.37
N PHE C 247 6.43 47.35 11.55
CA PHE C 247 5.72 48.46 10.93
C PHE C 247 4.95 49.21 12.02
N GLU C 248 4.92 50.56 11.97
CA GLU C 248 4.43 51.39 13.08
C GLU C 248 2.91 51.45 13.14
N ASN C 249 2.28 51.52 11.96
CA ASN C 249 0.86 51.85 11.87
C ASN C 249 0.02 50.61 11.61
N GLU C 250 -1.17 50.57 12.22
CA GLU C 250 -2.08 49.46 12.01
C GLU C 250 -2.47 49.36 10.54
N ASP C 251 -2.52 50.48 9.79
CA ASP C 251 -2.99 50.44 8.42
C ASP C 251 -1.90 49.89 7.47
N ASP C 252 -0.68 49.70 7.97
CA ASP C 252 0.42 49.25 7.15
C ASP C 252 0.20 47.80 6.69
N ILE C 253 -0.70 47.07 7.37
CA ILE C 253 -0.95 45.67 7.03
C ILE C 253 -1.51 45.60 5.60
N GLU C 254 -2.27 46.62 5.17
CA GLU C 254 -2.81 46.58 3.81
C GLU C 254 -1.68 46.52 2.80
N THR C 255 -0.74 47.47 2.88
CA THR C 255 0.31 47.54 1.89
C THR C 255 1.27 46.34 2.03
N VAL C 256 1.41 45.81 3.27
CA VAL C 256 2.37 44.75 3.55
C VAL C 256 1.90 43.43 2.91
N THR C 257 0.61 43.14 3.03
CA THR C 257 0.04 41.98 2.40
C THR C 257 0.25 42.11 0.89
N GLU C 258 0.16 43.33 0.34
CA GLU C 258 0.24 43.51 -1.11
C GLU C 258 1.61 43.10 -1.60
N ARG C 259 2.65 43.43 -0.83
CA ARG C 259 4.04 43.18 -1.22
C ARG C 259 4.45 41.72 -0.98
N LEU C 260 3.82 41.09 0.01
CA LEU C 260 4.11 39.71 0.35
C LEU C 260 3.63 38.79 -0.77
N ARG C 261 2.50 39.13 -1.40
CA ARG C 261 1.87 38.29 -2.41
C ARG C 261 2.88 37.78 -3.44
N PRO C 262 3.52 38.60 -4.30
CA PRO C 262 4.44 38.04 -5.29
C PRO C 262 5.60 37.28 -4.65
N LEU C 263 6.13 37.77 -3.54
CA LEU C 263 7.31 37.17 -2.92
C LEU C 263 7.00 35.75 -2.48
N LYS C 264 5.73 35.54 -2.12
CA LYS C 264 5.29 34.28 -1.56
C LYS C 264 4.88 33.34 -2.70
N VAL C 265 4.19 33.88 -3.71
CA VAL C 265 3.68 33.13 -4.82
C VAL C 265 4.82 32.55 -5.64
N ALA C 266 5.87 33.33 -5.83
CA ALA C 266 7.03 32.88 -6.60
C ALA C 266 8.02 32.14 -5.71
N GLY C 267 7.69 31.91 -4.45
CA GLY C 267 8.58 31.16 -3.57
C GLY C 267 9.88 31.86 -3.19
N VAL C 268 9.90 33.21 -3.17
CA VAL C 268 11.07 33.98 -2.73
C VAL C 268 11.24 33.89 -1.20
N ILE C 269 10.15 34.16 -0.47
CA ILE C 269 10.07 33.71 0.90
C ILE C 269 9.80 32.21 0.91
N GLN C 270 10.60 31.45 1.65
CA GLN C 270 10.67 30.00 1.51
C GLN C 270 9.81 29.25 2.54
N ASN C 271 9.49 29.90 3.67
CA ASN C 271 8.62 29.30 4.68
C ASN C 271 7.27 30.02 4.68
N GLY C 272 6.45 29.74 5.70
CA GLY C 272 5.24 30.52 5.92
C GLY C 272 5.60 31.92 6.41
N ALA C 273 4.88 32.91 5.88
CA ALA C 273 5.05 34.31 6.27
C ALA C 273 4.05 34.65 7.38
N THR C 274 4.61 35.02 8.55
CA THR C 274 3.81 35.42 9.69
C THR C 274 3.99 36.92 9.97
N VAL C 275 2.86 37.63 10.00
CA VAL C 275 2.82 39.03 10.41
C VAL C 275 1.88 39.14 11.60
N ARG C 276 2.47 39.34 12.78
CA ARG C 276 1.78 39.21 14.06
C ARG C 276 1.53 40.60 14.64
N SER C 277 0.37 40.77 15.30
CA SER C 277 -0.05 42.05 15.90
C SER C 277 0.73 42.34 17.18
N LEU C 278 0.72 43.61 17.58
CA LEU C 278 1.52 44.08 18.68
C LEU C 278 1.32 43.25 19.96
N VAL C 279 0.06 43.06 20.33
CA VAL C 279 -0.25 42.45 21.62
C VAL C 279 0.18 40.99 21.61
N LEU C 280 -0.06 40.29 20.49
CA LEU C 280 0.23 38.87 20.45
C LEU C 280 1.72 38.64 20.62
N ASP C 281 2.53 39.44 19.90
CA ASP C 281 3.99 39.29 20.00
C ASP C 281 4.43 39.77 21.37
N ALA C 282 3.80 40.81 21.91
CA ALA C 282 4.19 41.33 23.20
C ALA C 282 3.91 40.32 24.30
N ALA C 283 2.83 39.55 24.20
CA ALA C 283 2.36 38.74 25.31
C ALA C 283 3.27 37.54 25.53
N ILE C 284 4.29 37.43 24.69
CA ILE C 284 5.33 36.42 24.88
C ILE C 284 6.19 36.80 26.08
N THR C 285 6.57 38.08 26.24
CA THR C 285 7.53 38.49 27.26
C THR C 285 6.98 39.57 28.19
N ARG C 286 5.65 39.71 28.26
CA ARG C 286 5.02 40.68 29.15
C ARG C 286 3.61 40.22 29.54
N THR C 287 3.02 40.92 30.51
CA THR C 287 1.59 40.84 30.78
C THR C 287 0.97 42.23 30.71
N LYS C 288 -0.37 42.27 30.65
CA LYS C 288 -1.12 43.51 30.52
C LYS C 288 -0.84 44.44 31.71
N SER C 289 -0.81 43.86 32.92
CA SER C 289 -0.68 44.62 34.16
C SER C 289 0.59 45.48 34.20
N GLN C 290 1.65 45.09 33.46
CA GLN C 290 2.90 45.83 33.50
C GLN C 290 2.82 47.09 32.63
N TYR C 291 1.67 47.31 31.96
CA TYR C 291 1.45 48.46 31.09
C TYR C 291 0.09 49.14 31.30
N TYR C 292 -0.94 48.44 31.84
CA TYR C 292 -2.28 49.00 31.97
C TYR C 292 -3.04 48.45 33.19
N ASP C 293 -3.68 49.35 33.96
CA ASP C 293 -4.36 49.00 35.20
C ASP C 293 -5.69 48.30 34.92
N GLY C 294 -6.54 48.96 34.11
CA GLY C 294 -7.97 48.70 34.02
C GLY C 294 -8.32 47.28 33.56
N ASP C 295 -9.60 46.92 33.73
CA ASP C 295 -10.08 45.56 33.48
C ASP C 295 -10.37 45.36 31.99
N GLY C 296 -10.57 46.47 31.25
CA GLY C 296 -10.91 46.44 29.84
C GLY C 296 -9.73 46.06 28.94
N PRO C 297 -9.93 46.01 27.60
CA PRO C 297 -8.82 45.93 26.66
C PRO C 297 -7.99 47.22 26.57
N ILE C 298 -6.73 47.09 26.13
CA ILE C 298 -5.77 48.18 26.21
C ILE C 298 -6.23 49.32 25.30
N PRO C 299 -6.07 50.58 25.75
CA PRO C 299 -6.24 51.75 24.87
C PRO C 299 -5.00 52.12 24.04
N PRO C 300 -5.14 53.03 23.05
CA PRO C 300 -4.13 53.19 22.00
C PRO C 300 -2.84 53.86 22.46
N SER C 301 -2.92 54.64 23.54
CA SER C 301 -1.79 55.37 24.10
C SER C 301 -0.82 54.39 24.78
N VAL C 302 -1.39 53.34 25.38
CA VAL C 302 -0.64 52.28 26.02
C VAL C 302 0.01 51.37 24.96
N ALA C 303 -0.60 51.35 23.76
CA ALA C 303 0.00 50.63 22.64
C ALA C 303 1.32 51.29 22.25
N LYS C 304 1.33 52.62 22.08
CA LYS C 304 2.53 53.33 21.62
C LYS C 304 3.66 53.14 22.62
N THR C 305 3.31 53.03 23.91
CA THR C 305 4.27 52.77 24.96
C THR C 305 4.92 51.40 24.80
N MET C 306 4.09 50.34 24.72
CA MET C 306 4.52 48.94 24.58
C MET C 306 5.51 48.74 23.43
N MET C 307 5.39 49.59 22.39
CA MET C 307 6.14 49.51 21.14
C MET C 307 7.56 50.05 21.29
N ALA C 308 7.67 51.28 21.82
CA ALA C 308 8.96 51.87 22.12
C ALA C 308 9.68 51.05 23.19
N ASP C 309 8.92 50.47 24.14
CA ASP C 309 9.51 49.66 25.20
C ASP C 309 10.12 48.37 24.64
N LEU C 310 9.36 47.63 23.81
CA LEU C 310 9.72 46.27 23.43
C LEU C 310 10.42 46.19 22.08
N ASP C 311 10.43 47.30 21.32
CA ASP C 311 11.01 47.37 19.98
C ASP C 311 10.15 46.59 18.99
N LEU C 312 8.83 46.74 19.13
CA LEU C 312 7.88 46.17 18.21
C LEU C 312 7.15 47.29 17.47
N GLY C 313 6.54 46.91 16.34
CA GLY C 313 5.54 47.70 15.64
C GLY C 313 4.12 47.23 16.00
N MET C 314 3.12 47.79 15.32
CA MET C 314 1.76 47.31 15.43
C MET C 314 1.68 45.95 14.71
N TRP C 315 2.54 45.81 13.68
CA TRP C 315 2.66 44.57 12.91
C TRP C 315 4.12 44.14 12.85
N ASN C 316 4.36 42.85 13.11
CA ASN C 316 5.70 42.29 13.22
C ASN C 316 5.80 41.03 12.37
N PHE C 317 6.64 41.11 11.32
CA PHE C 317 6.81 40.06 10.33
C PHE C 317 8.09 39.30 10.64
N CYS C 318 7.96 38.10 11.24
CA CYS C 318 9.09 37.20 11.46
C CYS C 318 9.14 36.15 10.33
N GLY C 319 10.34 36.01 9.76
CA GLY C 319 10.60 35.09 8.66
C GLY C 319 12.03 34.57 8.72
N ALA C 320 12.41 33.79 7.71
CA ALA C 320 13.73 33.20 7.67
C ALA C 320 14.18 32.91 6.25
N LEU C 321 15.49 33.09 6.04
CA LEU C 321 16.17 32.71 4.83
C LEU C 321 16.84 31.36 5.07
N TYR C 322 16.82 30.49 4.06
CA TYR C 322 17.47 29.19 4.14
C TYR C 322 18.33 29.00 2.91
N GLY C 323 19.56 28.50 3.09
CA GLY C 323 20.42 28.11 1.99
C GLY C 323 21.85 28.60 2.13
N PRO C 324 22.67 28.44 1.06
CA PRO C 324 24.05 28.88 1.07
C PRO C 324 24.09 30.40 1.19
N PRO C 325 25.10 30.98 1.87
CA PRO C 325 25.23 32.45 1.98
C PRO C 325 25.05 33.30 0.72
N PRO C 326 25.59 32.96 -0.49
CA PRO C 326 25.22 33.67 -1.72
C PRO C 326 23.71 33.81 -1.99
N VAL C 327 22.93 32.76 -1.69
CA VAL C 327 21.52 32.65 -2.05
C VAL C 327 20.67 33.46 -1.08
N MET C 328 21.08 33.45 0.20
CA MET C 328 20.40 34.19 1.23
C MET C 328 20.56 35.69 1.01
N ASP C 329 21.71 36.12 0.49
CA ASP C 329 21.93 37.53 0.16
C ASP C 329 20.92 37.94 -0.91
N THR C 330 20.79 37.12 -1.98
CA THR C 330 19.94 37.50 -3.10
C THR C 330 18.51 37.75 -2.61
N LEU C 331 18.02 36.84 -1.76
CA LEU C 331 16.63 36.85 -1.35
C LEU C 331 16.36 38.04 -0.42
N TRP C 332 17.23 38.23 0.56
CA TRP C 332 17.12 39.37 1.45
C TRP C 332 16.97 40.69 0.70
N THR C 333 17.88 40.95 -0.26
CA THR C 333 17.75 42.08 -1.18
C THR C 333 16.33 42.22 -1.72
N ALA C 334 15.75 41.13 -2.20
CA ALA C 334 14.43 41.21 -2.81
C ALA C 334 13.41 41.53 -1.73
N ILE C 335 13.64 41.01 -0.53
CA ILE C 335 12.67 41.11 0.55
C ILE C 335 12.76 42.50 1.19
N ARG C 336 13.97 42.99 1.48
CA ARG C 336 14.15 44.35 2.00
C ARG C 336 13.57 45.39 1.03
N ASP C 337 13.93 45.36 -0.26
CA ASP C 337 13.54 46.44 -1.18
C ASP C 337 12.03 46.45 -1.41
N SER C 338 11.38 45.31 -1.20
CA SER C 338 9.92 45.20 -1.21
C SER C 338 9.28 46.01 -0.09
N PHE C 339 9.97 46.24 1.04
CA PHE C 339 9.35 46.87 2.20
C PHE C 339 9.96 48.22 2.59
N ALA C 340 11.00 48.71 1.89
CA ALA C 340 11.90 49.73 2.45
C ALA C 340 11.30 51.14 2.47
N ASP C 341 10.25 51.38 1.70
CA ASP C 341 9.69 52.70 1.48
C ASP C 341 8.40 52.90 2.27
N ILE C 342 8.15 52.03 3.25
CA ILE C 342 6.99 52.17 4.13
C ILE C 342 7.44 52.99 5.34
N PRO C 343 6.92 54.24 5.48
CA PRO C 343 7.22 55.08 6.63
C PRO C 343 7.11 54.28 7.93
N GLY C 344 8.19 54.27 8.72
CA GLY C 344 8.18 53.65 10.03
C GLY C 344 8.74 52.24 10.06
N VAL C 345 9.26 51.74 8.92
CA VAL C 345 9.73 50.37 8.83
C VAL C 345 11.11 50.25 9.46
N LYS C 346 11.29 49.18 10.23
CA LYS C 346 12.57 48.87 10.83
C LYS C 346 12.94 47.43 10.49
N PHE C 347 14.25 47.19 10.28
CA PHE C 347 14.76 45.89 9.89
C PHE C 347 15.71 45.37 10.95
N TYR C 348 15.47 44.14 11.41
CA TYR C 348 16.31 43.55 12.44
C TYR C 348 16.76 42.17 11.97
N PHE C 349 18.06 41.90 12.18
CA PHE C 349 18.59 40.56 12.35
C PHE C 349 18.79 40.32 13.85
N PRO C 350 18.97 39.06 14.31
CA PRO C 350 19.11 38.79 15.75
C PRO C 350 20.11 39.67 16.50
N GLU C 351 21.30 39.88 15.91
CA GLU C 351 22.36 40.67 16.52
C GLU C 351 21.93 42.13 16.71
N ASP C 352 20.86 42.56 16.04
CA ASP C 352 20.36 43.93 16.11
C ASP C 352 19.27 44.11 17.19
N ARG C 353 18.93 43.07 17.97
CA ARG C 353 17.95 43.23 19.05
C ARG C 353 18.65 43.46 20.40
N ARG C 354 18.29 44.54 21.11
CA ARG C 354 18.92 44.86 22.39
C ARG C 354 18.44 43.94 23.52
N HIS C 355 17.15 43.57 23.55
CA HIS C 355 16.67 42.57 24.51
C HIS C 355 17.23 41.19 24.14
N LYS C 356 17.63 40.41 25.16
CA LYS C 356 18.26 39.11 24.94
C LYS C 356 17.26 37.99 25.22
N VAL C 357 16.19 38.30 25.95
CA VAL C 357 14.99 37.50 25.90
C VAL C 357 14.02 38.30 25.02
N ASP C 358 13.85 37.83 23.78
CA ASP C 358 13.19 38.61 22.74
C ASP C 358 12.29 37.68 21.93
N LEU C 359 11.27 38.28 21.31
CA LEU C 359 10.43 37.60 20.35
C LEU C 359 11.29 36.87 19.31
N LEU C 360 12.09 37.62 18.56
CA LEU C 360 12.87 37.05 17.47
C LEU C 360 13.56 35.76 17.92
N LEU C 361 14.27 35.79 19.04
CA LEU C 361 15.13 34.68 19.39
C LEU C 361 14.30 33.43 19.64
N HIS C 362 13.18 33.55 20.35
CA HIS C 362 12.33 32.41 20.64
C HIS C 362 11.74 31.87 19.33
N ARG C 363 11.41 32.77 18.39
CA ARG C 363 10.79 32.39 17.13
C ARG C 363 11.84 31.84 16.15
N ALA C 364 13.12 32.20 16.33
CA ALA C 364 14.19 31.75 15.45
C ALA C 364 14.41 30.24 15.62
N GLU C 365 14.14 29.75 16.84
CA GLU C 365 14.20 28.34 17.17
C GLU C 365 13.15 27.56 16.36
N THR C 366 11.88 27.99 16.47
CA THR C 366 10.76 27.38 15.77
C THR C 366 11.05 27.25 14.28
N MET C 367 11.55 28.35 13.68
CA MET C 367 11.72 28.46 12.24
C MET C 367 12.95 27.69 11.75
N LYS C 368 13.67 27.00 12.66
CA LYS C 368 14.57 25.94 12.25
C LYS C 368 14.11 24.56 12.77
N GLY C 369 12.83 24.46 13.13
CA GLY C 369 12.24 23.18 13.53
C GLY C 369 12.77 22.65 14.86
N VAL C 370 13.03 23.55 15.85
CA VAL C 370 13.32 23.13 17.22
C VAL C 370 12.05 23.21 18.07
N PRO C 371 11.57 22.09 18.63
CA PRO C 371 10.36 22.13 19.43
C PRO C 371 10.64 22.82 20.78
N LYS C 372 9.71 23.69 21.17
CA LYS C 372 9.74 24.37 22.44
C LYS C 372 8.33 24.39 23.01
N LEU C 373 8.20 24.98 24.21
CA LEU C 373 6.91 25.17 24.86
C LEU C 373 6.58 26.66 25.00
N THR C 374 7.54 27.53 24.63
CA THR C 374 7.62 28.87 25.18
C THR C 374 6.62 29.82 24.49
N GLU C 375 5.94 29.40 23.42
CA GLU C 375 4.93 30.27 22.81
C GLU C 375 3.75 30.39 23.76
N PHE C 376 3.49 29.32 24.54
CA PHE C 376 2.34 29.22 25.44
C PHE C 376 2.29 30.33 26.50
N ASN C 377 3.23 31.29 26.47
CA ASN C 377 3.29 32.37 27.45
C ASN C 377 2.17 33.41 27.24
N PHE C 378 1.67 33.55 26.01
CA PHE C 378 0.66 34.57 25.71
C PHE C 378 -0.62 34.32 26.49
N LEU C 379 -0.76 33.10 27.05
CA LEU C 379 -1.84 32.77 27.98
C LEU C 379 -1.80 33.63 29.24
N ASN C 380 -0.60 34.04 29.69
CA ASN C 380 -0.39 34.77 30.94
C ASN C 380 -0.91 36.22 30.86
N TRP C 381 -1.02 36.75 29.64
CA TRP C 381 -1.74 38.00 29.44
C TRP C 381 -3.05 37.92 30.21
N ASP C 382 -3.36 38.95 31.01
CA ASP C 382 -4.62 39.02 31.72
C ASP C 382 -4.84 37.82 32.65
N GLY C 383 -3.76 37.35 33.31
CA GLY C 383 -3.88 36.53 34.49
C GLY C 383 -4.10 35.05 34.23
N GLY C 384 -3.97 34.59 32.97
CA GLY C 384 -3.89 33.18 32.65
C GLY C 384 -5.25 32.51 32.38
N GLY C 385 -5.29 31.66 31.35
CA GLY C 385 -6.41 30.77 31.13
C GLY C 385 -6.21 29.94 29.87
N GLY C 386 -7.32 29.59 29.19
CA GLY C 386 -7.26 28.84 27.94
C GLY C 386 -7.18 29.72 26.68
N HIS C 387 -7.06 29.07 25.51
CA HIS C 387 -7.16 29.78 24.25
C HIS C 387 -8.13 29.08 23.30
N VAL C 388 -8.56 29.84 22.28
CA VAL C 388 -9.21 29.29 21.11
C VAL C 388 -8.81 30.16 19.92
N GLY C 389 -8.73 29.53 18.75
CA GLY C 389 -8.27 30.15 17.52
C GLY C 389 -9.40 30.20 16.48
N PHE C 390 -9.28 31.14 15.54
CA PHE C 390 -10.12 31.18 14.36
C PHE C 390 -9.20 31.57 13.22
N SER C 391 -9.13 30.70 12.18
CA SER C 391 -8.14 30.79 11.11
C SER C 391 -8.74 30.59 9.71
N PRO C 392 -9.75 31.37 9.30
CA PRO C 392 -10.31 31.24 7.96
C PRO C 392 -9.34 31.60 6.84
N VAL C 393 -9.77 31.35 5.61
CA VAL C 393 -8.92 31.46 4.44
C VAL C 393 -9.47 32.55 3.52
N SER C 394 -8.53 33.29 2.92
CA SER C 394 -8.83 34.47 2.13
C SER C 394 -7.75 34.66 1.08
N PRO C 395 -8.02 35.50 0.08
CA PRO C 395 -6.98 35.91 -0.87
C PRO C 395 -5.89 36.75 -0.20
N ILE C 396 -4.67 36.67 -0.74
CA ILE C 396 -3.58 37.52 -0.31
C ILE C 396 -3.77 38.88 -0.99
N THR C 397 -4.59 39.70 -0.31
CA THR C 397 -4.98 41.05 -0.73
C THR C 397 -4.94 41.97 0.49
N GLY C 398 -4.27 43.11 0.34
CA GLY C 398 -4.22 44.15 1.36
C GLY C 398 -5.61 44.42 1.95
N LYS C 399 -6.56 44.56 1.04
CA LYS C 399 -7.96 44.87 1.30
C LYS C 399 -8.62 43.76 2.13
N ASP C 400 -8.33 42.47 1.84
CA ASP C 400 -8.85 41.36 2.62
C ASP C 400 -8.22 41.32 4.02
N ALA C 401 -6.89 41.56 4.07
CA ALA C 401 -6.16 41.62 5.33
C ALA C 401 -6.80 42.64 6.27
N ILE C 402 -6.84 43.91 5.82
CA ILE C 402 -7.29 44.98 6.69
C ILE C 402 -8.78 44.83 6.98
N LYS C 403 -9.55 44.33 6.00
CA LYS C 403 -10.96 44.08 6.25
C LYS C 403 -11.10 43.16 7.46
N GLN C 404 -10.27 42.12 7.55
CA GLN C 404 -10.45 41.11 8.59
C GLN C 404 -9.86 41.59 9.93
N TYR C 405 -8.72 42.29 9.90
CA TYR C 405 -8.28 43.07 11.05
C TYR C 405 -9.45 43.84 11.68
N ASN C 406 -10.08 44.73 10.89
CA ASN C 406 -11.14 45.58 11.38
C ASN C 406 -12.34 44.76 11.84
N MET C 407 -12.75 43.76 11.05
CA MET C 407 -13.88 42.94 11.43
C MET C 407 -13.67 42.40 12.83
N VAL C 408 -12.48 41.83 13.07
CA VAL C 408 -12.27 40.99 14.24
C VAL C 408 -11.90 41.85 15.45
N SER C 409 -10.91 42.76 15.32
CA SER C 409 -10.52 43.56 16.47
C SER C 409 -11.76 44.23 17.05
N SER C 410 -12.60 44.84 16.22
CA SER C 410 -13.78 45.55 16.72
C SER C 410 -14.68 44.63 17.55
N ARG C 411 -14.87 43.39 17.09
CA ARG C 411 -15.79 42.48 17.73
C ARG C 411 -15.19 41.93 19.02
N VAL C 412 -13.90 41.58 18.94
CA VAL C 412 -13.18 41.02 20.09
C VAL C 412 -13.18 42.04 21.23
N ARG C 413 -12.74 43.28 20.95
CA ARG C 413 -12.65 44.32 21.96
C ARG C 413 -14.04 44.64 22.48
N GLU C 414 -15.05 44.65 21.59
CA GLU C 414 -16.44 44.79 21.98
C GLU C 414 -16.77 43.83 23.13
N TYR C 415 -16.29 42.58 23.07
CA TYR C 415 -16.63 41.55 24.05
C TYR C 415 -15.61 41.44 25.20
N GLY C 416 -14.75 42.45 25.34
CA GLY C 416 -13.91 42.59 26.53
C GLY C 416 -12.71 41.66 26.55
N PHE C 417 -12.14 41.39 25.37
CA PHE C 417 -10.87 40.70 25.21
C PHE C 417 -9.90 41.57 24.42
N ASP C 418 -8.61 41.35 24.60
CA ASP C 418 -7.61 42.03 23.77
C ASP C 418 -7.53 41.32 22.42
N TYR C 419 -7.28 42.13 21.38
CA TYR C 419 -7.08 41.63 20.04
C TYR C 419 -5.66 41.10 19.85
N MET C 420 -5.60 39.78 19.64
CA MET C 420 -4.37 39.06 19.37
C MET C 420 -4.52 38.46 17.98
N GLY C 421 -3.68 38.94 17.06
CA GLY C 421 -3.85 38.61 15.65
C GLY C 421 -2.53 38.40 14.93
N LEU C 422 -2.67 37.98 13.68
CA LEU C 422 -1.67 37.24 12.94
C LEU C 422 -2.20 37.02 11.52
N LEU C 423 -1.59 37.67 10.54
CA LEU C 423 -1.76 37.27 9.16
C LEU C 423 -0.66 36.27 8.81
N ALA C 424 -1.08 35.04 8.44
CA ALA C 424 -0.16 33.97 8.02
C ALA C 424 -0.42 33.62 6.56
N ILE C 425 0.66 33.50 5.79
CA ILE C 425 0.55 33.09 4.40
C ILE C 425 1.26 31.77 4.19
N GLY C 426 0.55 30.84 3.52
CA GLY C 426 1.08 29.54 3.15
C GLY C 426 1.83 29.64 1.83
N TRP C 427 1.16 29.33 0.71
CA TRP C 427 1.73 29.57 -0.60
C TRP C 427 0.92 30.64 -1.35
N ARG C 428 -0.35 30.31 -1.67
CA ARG C 428 -1.28 31.24 -2.31
C ARG C 428 -2.47 31.58 -1.38
N ASP C 429 -2.32 31.31 -0.08
CA ASP C 429 -3.44 31.35 0.86
C ASP C 429 -3.08 32.30 2.01
N LEU C 430 -4.02 33.22 2.33
CA LEU C 430 -3.91 34.07 3.51
C LEU C 430 -4.85 33.56 4.59
N HIS C 431 -4.34 33.50 5.83
CA HIS C 431 -5.16 33.25 7.01
C HIS C 431 -5.05 34.42 7.99
N HIS C 432 -6.13 35.17 8.19
CA HIS C 432 -6.21 36.06 9.34
C HIS C 432 -6.53 35.18 10.54
N VAL C 433 -5.63 35.17 11.53
CA VAL C 433 -5.74 34.24 12.64
C VAL C 433 -5.95 35.06 13.92
N THR C 434 -7.12 34.88 14.51
CA THR C 434 -7.45 35.42 15.83
C THR C 434 -7.11 34.42 16.93
N VAL C 435 -6.24 34.80 17.89
CA VAL C 435 -6.18 33.99 19.09
C VAL C 435 -6.89 34.78 20.19
N ILE C 436 -7.80 34.10 20.90
CA ILE C 436 -8.57 34.71 21.96
C ILE C 436 -8.29 33.99 23.28
N VAL C 437 -7.68 34.73 24.21
CA VAL C 437 -7.31 34.21 25.51
C VAL C 437 -8.39 34.55 26.54
N TYR C 438 -8.95 33.51 27.15
CA TYR C 438 -10.06 33.70 28.05
C TYR C 438 -9.84 32.88 29.32
N ASP C 439 -10.45 33.33 30.43
CA ASP C 439 -10.40 32.59 31.69
C ASP C 439 -11.32 31.39 31.56
N LYS C 440 -10.74 30.19 31.41
CA LYS C 440 -11.44 28.93 31.42
C LYS C 440 -12.42 28.83 32.59
N THR C 441 -12.01 29.30 33.78
CA THR C 441 -12.71 29.02 35.04
C THR C 441 -14.09 29.68 35.03
N ASP C 442 -14.13 30.97 34.68
CA ASP C 442 -15.33 31.78 34.84
C ASP C 442 -16.40 31.37 33.82
N PRO C 443 -17.62 30.96 34.24
CA PRO C 443 -18.73 30.72 33.31
C PRO C 443 -19.32 31.91 32.55
N ASP C 444 -19.09 33.12 33.05
CA ASP C 444 -19.63 34.32 32.42
C ASP C 444 -18.75 34.63 31.22
N GLU C 445 -17.44 34.41 31.37
CA GLU C 445 -16.49 34.66 30.29
C GLU C 445 -16.58 33.56 29.24
N ARG C 446 -17.02 32.36 29.64
CA ARG C 446 -17.22 31.25 28.72
C ARG C 446 -18.50 31.41 27.89
N LYS C 447 -19.49 32.18 28.38
CA LYS C 447 -20.69 32.48 27.61
C LYS C 447 -20.38 33.59 26.60
N LYS C 448 -19.68 34.64 27.05
CA LYS C 448 -19.22 35.71 26.18
C LYS C 448 -18.42 35.14 25.01
N LEU C 449 -17.48 34.23 25.30
CA LEU C 449 -16.58 33.70 24.28
C LEU C 449 -17.37 32.95 23.21
N ASP C 450 -18.27 32.08 23.64
CA ASP C 450 -19.02 31.25 22.73
C ASP C 450 -19.86 32.15 21.81
N GLU C 451 -20.40 33.22 22.40
CA GLU C 451 -21.28 34.12 21.65
C GLU C 451 -20.47 34.85 20.57
N LEU C 452 -19.18 35.11 20.87
CA LEU C 452 -18.27 35.89 20.03
C LEU C 452 -17.71 35.05 18.90
N PHE C 453 -17.29 33.84 19.25
CA PHE C 453 -16.85 32.87 18.27
C PHE C 453 -17.93 32.65 17.21
N ASN C 454 -19.22 32.62 17.62
CA ASN C 454 -20.31 32.46 16.67
C ASN C 454 -20.41 33.67 15.74
N ILE C 455 -20.17 34.87 16.28
CA ILE C 455 -20.25 36.03 15.43
C ILE C 455 -19.07 36.03 14.45
N LEU C 456 -17.88 35.64 14.91
CA LEU C 456 -16.70 35.61 14.06
C LEU C 456 -16.89 34.68 12.87
N VAL C 457 -17.51 33.51 13.09
CA VAL C 457 -17.76 32.56 12.04
C VAL C 457 -18.79 33.07 11.03
N ASP C 458 -19.98 33.47 11.51
CA ASP C 458 -21.05 34.01 10.67
C ASP C 458 -20.53 35.14 9.78
N GLU C 459 -19.77 36.07 10.38
CA GLU C 459 -19.35 37.26 9.66
C GLU C 459 -18.25 36.91 8.66
N ALA C 460 -17.31 36.05 9.06
CA ALA C 460 -16.27 35.63 8.12
C ALA C 460 -16.92 34.84 6.97
N ALA C 461 -17.85 33.94 7.31
CA ALA C 461 -18.49 33.14 6.27
C ALA C 461 -19.17 34.05 5.25
N ALA C 462 -19.79 35.11 5.78
CA ALA C 462 -20.60 36.01 4.96
C ALA C 462 -19.74 36.75 3.93
N GLU C 463 -18.43 36.89 4.19
CA GLU C 463 -17.51 37.49 3.22
C GLU C 463 -16.81 36.41 2.36
N GLY C 464 -17.18 35.14 2.55
CA GLY C 464 -16.61 34.04 1.78
C GLY C 464 -15.30 33.52 2.38
N TYR C 465 -15.13 33.64 3.69
CA TYR C 465 -13.94 33.16 4.38
C TYR C 465 -14.35 32.02 5.32
N GLY C 466 -13.88 30.81 5.00
CA GLY C 466 -14.25 29.61 5.75
C GLY C 466 -13.05 29.06 6.50
N GLU C 467 -13.31 28.46 7.66
CA GLU C 467 -12.29 27.88 8.53
C GLU C 467 -11.78 26.55 7.93
N TYR C 468 -10.53 26.19 8.22
CA TYR C 468 -9.96 24.93 7.75
C TYR C 468 -9.64 24.01 8.92
N ARG C 469 -9.72 24.52 10.15
CA ARG C 469 -9.41 23.76 11.35
C ARG C 469 -10.16 24.33 12.54
N THR C 470 -10.85 23.49 13.32
CA THR C 470 -11.69 24.01 14.39
C THR C 470 -11.72 23.08 15.60
N HIS C 471 -12.41 23.56 16.65
CA HIS C 471 -12.51 22.97 17.96
C HIS C 471 -13.68 21.99 17.91
N ILE C 472 -13.61 20.92 18.73
CA ILE C 472 -14.61 19.86 18.70
C ILE C 472 -16.02 20.46 18.80
N ARG C 473 -16.15 21.53 19.58
CA ARG C 473 -17.44 22.11 19.90
C ARG C 473 -18.11 22.68 18.63
N TYR C 474 -17.31 23.18 17.68
CA TYR C 474 -17.82 23.92 16.55
C TYR C 474 -17.66 23.17 15.23
N MET C 475 -17.47 21.84 15.26
CA MET C 475 -17.27 21.13 14.01
C MET C 475 -18.55 21.19 13.16
N ASP C 476 -19.71 21.01 13.79
CA ASP C 476 -20.97 21.04 13.06
C ASP C 476 -21.15 22.41 12.40
N ARG C 477 -20.87 23.47 13.17
CA ARG C 477 -21.07 24.83 12.69
C ARG C 477 -20.22 25.11 11.45
N ILE C 478 -18.91 24.87 11.54
CA ILE C 478 -17.98 25.08 10.43
C ILE C 478 -18.34 24.21 9.22
N ALA C 479 -18.78 22.96 9.44
CA ALA C 479 -19.22 22.15 8.31
C ALA C 479 -20.44 22.81 7.62
N LYS C 480 -21.36 23.36 8.41
CA LYS C 480 -22.60 23.89 7.85
C LYS C 480 -22.31 25.10 6.97
N THR C 481 -21.07 25.64 7.02
CA THR C 481 -20.70 26.76 6.15
C THR C 481 -20.23 26.34 4.77
N TYR C 482 -20.03 25.03 4.54
CA TYR C 482 -19.57 24.53 3.24
C TYR C 482 -20.78 23.93 2.50
N SER C 483 -21.73 24.80 2.17
CA SER C 483 -23.12 24.43 2.01
C SER C 483 -23.55 24.42 0.55
N TRP C 484 -22.62 24.76 -0.34
CA TRP C 484 -22.89 24.79 -1.77
C TRP C 484 -23.71 23.59 -2.26
N ASN C 485 -24.75 23.93 -3.04
CA ASN C 485 -25.65 22.96 -3.64
C ASN C 485 -26.28 22.08 -2.54
N ASP C 486 -26.95 22.75 -1.58
CA ASP C 486 -27.55 22.14 -0.41
C ASP C 486 -26.60 21.12 0.24
N ASN C 487 -25.38 21.53 0.60
CA ASN C 487 -24.43 20.67 1.31
C ASN C 487 -24.07 19.44 0.48
N ALA C 488 -23.83 19.62 -0.81
CA ALA C 488 -23.51 18.51 -1.68
C ALA C 488 -22.25 17.80 -1.15
N LEU C 489 -21.28 18.57 -0.66
CA LEU C 489 -20.00 17.95 -0.30
C LEU C 489 -20.18 17.10 0.94
N TRP C 490 -20.94 17.58 1.93
CA TRP C 490 -21.11 16.82 3.16
C TRP C 490 -21.96 15.59 2.91
N LYS C 491 -22.86 15.63 1.92
CA LYS C 491 -23.71 14.50 1.59
C LYS C 491 -22.88 13.37 0.99
N MET C 492 -21.92 13.71 0.12
CA MET C 492 -20.94 12.73 -0.37
C MET C 492 -20.17 12.10 0.80
N HIS C 493 -19.70 12.92 1.75
CA HIS C 493 -18.90 12.41 2.87
C HIS C 493 -19.70 11.41 3.70
N GLU C 494 -21.01 11.62 3.83
CA GLU C 494 -21.87 10.75 4.62
C GLU C 494 -22.04 9.41 3.89
N THR C 495 -22.15 9.47 2.56
CA THR C 495 -22.19 8.29 1.71
C THR C 495 -20.96 7.42 1.94
N ILE C 496 -19.78 8.07 1.95
CA ILE C 496 -18.52 7.37 2.13
C ILE C 496 -18.49 6.81 3.54
N LYS C 497 -18.88 7.64 4.50
CA LYS C 497 -18.97 7.24 5.90
C LYS C 497 -19.84 6.02 6.08
N ASP C 498 -20.95 5.97 5.35
CA ASP C 498 -21.88 4.88 5.53
C ASP C 498 -21.33 3.55 4.94
N ALA C 499 -20.48 3.63 3.92
CA ALA C 499 -19.93 2.44 3.28
C ALA C 499 -18.78 1.85 4.09
N LEU C 500 -17.92 2.73 4.62
CA LEU C 500 -16.77 2.32 5.42
C LEU C 500 -17.20 2.02 6.85
N ASP C 501 -18.20 2.75 7.37
CA ASP C 501 -18.50 2.66 8.79
C ASP C 501 -20.00 2.52 9.02
N PRO C 502 -20.60 1.40 8.56
CA PRO C 502 -22.05 1.24 8.59
C PRO C 502 -22.65 1.25 10.00
N ASN C 503 -21.84 0.90 11.01
CA ASN C 503 -22.30 0.86 12.40
C ASN C 503 -22.00 2.14 13.16
N GLY C 504 -21.34 3.09 12.48
CA GLY C 504 -21.07 4.41 13.04
C GLY C 504 -20.31 4.32 14.36
N ILE C 505 -19.13 3.69 14.37
CA ILE C 505 -18.39 3.46 15.60
C ILE C 505 -17.12 4.29 15.69
N LEU C 506 -16.69 4.95 14.59
CA LEU C 506 -15.54 5.82 14.60
C LEU C 506 -15.98 7.28 14.71
N ALA C 507 -15.74 7.87 15.89
CA ALA C 507 -15.64 9.30 16.11
C ALA C 507 -16.87 10.05 15.58
N PRO C 508 -18.10 9.66 15.96
CA PRO C 508 -19.29 10.29 15.40
C PRO C 508 -19.22 11.75 15.76
N GLY C 509 -19.42 12.58 14.71
CA GLY C 509 -19.41 14.04 14.78
C GLY C 509 -18.17 14.69 14.17
N LYS C 510 -17.07 13.94 14.05
CA LYS C 510 -15.80 14.50 13.62
C LYS C 510 -16.02 15.23 12.29
N SER C 511 -15.55 16.49 12.20
CA SER C 511 -15.68 17.35 11.04
C SER C 511 -17.14 17.49 10.59
N GLY C 512 -18.09 17.15 11.46
CA GLY C 512 -19.50 17.31 11.12
C GLY C 512 -20.07 16.14 10.33
N ILE C 513 -19.49 14.94 10.53
CA ILE C 513 -19.87 13.73 9.81
C ILE C 513 -20.41 12.69 10.79
N TRP C 514 -21.63 12.19 10.55
CA TRP C 514 -22.34 11.46 11.59
C TRP C 514 -22.61 10.00 11.19
N GLY C 515 -23.14 9.83 9.96
CA GLY C 515 -23.49 8.51 9.46
C GLY C 515 -24.87 8.10 9.93
N LYS C 516 -25.50 7.13 9.23
CA LYS C 516 -26.96 7.10 9.12
C LYS C 516 -27.62 6.86 10.48
N ASN C 517 -26.96 6.08 11.35
CA ASN C 517 -27.51 5.73 12.65
C ASN C 517 -27.90 6.97 13.47
N ARG C 518 -27.28 8.12 13.19
CA ARG C 518 -27.25 9.23 14.13
C ARG C 518 -27.52 10.60 13.51
N ARG C 519 -27.87 10.73 12.22
CA ARG C 519 -28.04 12.07 11.68
C ARG C 519 -29.53 12.44 11.60
PA FAD D . -4.93 -37.70 1.74
O1A FAD D . -5.80 -36.82 2.61
O2A FAD D . -5.50 -39.00 1.27
O5B FAD D . -4.36 -36.92 0.45
C5B FAD D . -3.93 -35.54 0.51
C4B FAD D . -4.38 -34.85 -0.76
O4B FAD D . -3.75 -35.49 -1.90
C3B FAD D . -5.89 -34.90 -1.04
O3B FAD D . -6.59 -33.75 -0.61
C2B FAD D . -5.98 -34.91 -2.57
O2B FAD D . -6.11 -33.61 -3.15
C1B FAD D . -4.70 -35.63 -2.97
N9A FAD D . -4.92 -37.07 -3.21
C8A FAD D . -4.94 -38.10 -2.27
N7A FAD D . -5.11 -39.28 -2.81
C5A FAD D . -5.19 -39.02 -4.17
C6A FAD D . -5.34 -39.87 -5.28
N6A FAD D . -5.44 -41.20 -5.14
N1A FAD D . -5.38 -39.30 -6.51
C2A FAD D . -5.27 -37.96 -6.59
N3A FAD D . -5.10 -37.05 -5.63
C4A FAD D . -5.07 -37.66 -4.42
N1 FAD D . 2.67 -34.27 6.75
C2 FAD D . 3.92 -34.68 6.45
O2 FAD D . 4.23 -34.96 5.29
N3 FAD D . 4.91 -34.82 7.44
C4 FAD D . 4.66 -34.50 8.76
O4 FAD D . 5.54 -34.65 9.61
C4X FAD D . 3.38 -34.04 9.09
N5 FAD D . 3.13 -33.71 10.33
C5X FAD D . 1.89 -33.24 10.64
C6 FAD D . 1.63 -32.89 11.97
C7 FAD D . 0.41 -32.42 12.38
C7M FAD D . 0.19 -32.09 13.83
C8 FAD D . -0.64 -32.27 11.42
C8M FAD D . -1.96 -31.64 11.80
C9 FAD D . -0.37 -32.58 10.09
C9A FAD D . 0.87 -33.10 9.67
N10 FAD D . 1.17 -33.45 8.35
C10 FAD D . 2.41 -33.95 8.01
C1' FAD D . 0.12 -33.38 7.31
C2' FAD D . -0.66 -34.72 7.34
O2' FAD D . -0.78 -35.20 8.68
C3' FAD D . -0.02 -35.88 6.55
O3' FAD D . 0.66 -35.37 5.43
C4' FAD D . -1.07 -36.91 6.12
O4' FAD D . -0.47 -38.20 6.04
C5' FAD D . -1.75 -36.57 4.81
O5' FAD D . -3.11 -37.10 4.77
P FAD D . -3.39 -38.50 4.04
O1P FAD D . -2.08 -39.24 4.21
O2P FAD D . -4.73 -39.06 4.40
O3P FAD D . -3.57 -38.03 2.53
PA FAD E . -7.46 11.84 -21.34
O1A FAD E . -7.39 10.73 -22.34
O2A FAD E . -8.46 12.92 -21.59
O5B FAD E . -7.71 11.20 -19.89
C5B FAD E . -6.88 10.09 -19.40
C4B FAD E . -7.73 9.17 -18.55
O4B FAD E . -8.05 9.84 -17.30
C3B FAD E . -9.11 8.77 -19.13
O3B FAD E . -9.07 7.59 -19.93
C2B FAD E . -9.95 8.54 -17.89
O2B FAD E . -9.84 7.29 -17.25
C1B FAD E . -9.43 9.64 -16.98
N9A FAD E . -10.13 10.90 -17.14
C8A FAD E . -9.78 11.96 -17.97
N7A FAD E . -10.61 12.98 -17.86
C5A FAD E . -11.52 12.57 -16.90
C6A FAD E . -12.61 13.23 -16.30
N6A FAD E . -12.97 14.46 -16.63
N1A FAD E . -13.30 12.56 -15.34
C2A FAD E . -12.92 11.30 -15.03
N3A FAD E . -11.91 10.59 -15.51
C4A FAD E . -11.23 11.29 -16.44
N1 FAD E . 2.43 11.87 -20.40
C2 FAD E . 2.98 12.70 -19.51
O2 FAD E . 2.43 12.92 -18.42
N3 FAD E . 4.14 13.35 -19.75
C4 FAD E . 4.84 13.19 -20.91
O4 FAD E . 5.90 13.78 -21.08
C4X FAD E . 4.30 12.31 -21.86
N5 FAD E . 4.95 12.13 -22.98
C5X FAD E . 4.42 11.28 -23.90
C6 FAD E . 5.13 11.10 -25.09
C7 FAD E . 4.69 10.27 -26.08
C7M FAD E . 5.52 10.17 -27.34
C8 FAD E . 3.49 9.54 -25.90
C8M FAD E . 3.04 8.51 -26.93
C9 FAD E . 2.78 9.70 -24.71
C9A FAD E . 3.21 10.58 -23.69
N10 FAD E . 2.53 10.80 -22.47
C10 FAD E . 3.06 11.66 -21.53
C1' FAD E . 1.25 10.12 -22.17
C2' FAD E . 0.01 10.86 -22.72
O2' FAD E . 0.10 10.96 -24.13
C3' FAD E . -0.24 12.28 -22.16
O3' FAD E . -0.34 12.21 -20.73
C4' FAD E . -1.52 12.97 -22.66
O4' FAD E . -1.37 14.38 -22.55
C5' FAD E . -2.74 12.58 -21.88
O5' FAD E . -3.97 12.61 -22.70
P FAD E . -5.24 13.49 -22.24
O1P FAD E . -4.57 14.64 -21.57
O2P FAD E . -6.14 13.72 -23.43
O3P FAD E . -6.02 12.55 -21.20
PA FAD F . -4.14 14.67 18.44
O1A FAD F . -4.80 15.24 19.64
O2A FAD F . -3.41 13.40 18.68
O5B FAD F . -5.23 14.48 17.27
C5B FAD F . -6.12 15.57 16.86
C4B FAD F . -7.31 14.99 16.12
O4B FAD F . -6.84 14.25 14.98
C3B FAD F . -8.21 14.00 16.90
O3B FAD F . -9.30 14.65 17.55
C2B FAD F . -8.74 13.06 15.81
O2B FAD F . -9.95 13.48 15.22
C1B FAD F . -7.58 13.05 14.81
N9A FAD F . -6.65 11.93 14.92
C8A FAD F . -5.42 11.91 15.59
N7A FAD F . -4.78 10.76 15.45
C5A FAD F . -5.62 10.01 14.64
C6A FAD F . -5.51 8.70 14.09
N6A FAD F . -4.48 7.90 14.36
N1A FAD F . -6.51 8.28 13.28
C2A FAD F . -7.55 9.08 13.07
N3A FAD F . -7.77 10.32 13.52
C4A FAD F . -6.77 10.72 14.30
N1 FAD F . -1.31 23.60 15.91
C2 FAD F . -0.57 23.68 14.78
O2 FAD F . -0.77 22.92 13.84
N3 FAD F . 0.44 24.57 14.62
C4 FAD F . 0.79 25.46 15.60
O4 FAD F . 1.72 26.23 15.39
C4X FAD F . 0.05 25.40 16.84
N5 FAD F . 0.34 26.21 17.81
C5X FAD F . -0.40 26.15 18.95
C6 FAD F . -0.10 27.04 20.00
C7 FAD F . -0.79 27.04 21.18
C7M FAD F . -0.42 28.03 22.26
C8 FAD F . -1.85 26.10 21.37
C8M FAD F . -2.70 26.13 22.61
C9 FAD F . -2.17 25.24 20.34
C9A FAD F . -1.45 25.23 19.13
N10 FAD F . -1.75 24.38 18.07
C10 FAD F . -1.01 24.41 16.90
C1' FAD F . -2.80 23.36 18.23
C2' FAD F . -2.19 22.13 18.95
O2' FAD F . -1.43 22.48 20.14
C3' FAD F . -1.26 21.33 18.02
O3' FAD F . -1.86 21.20 16.76
C4' FAD F . -0.88 19.94 18.53
O4' FAD F . 0.49 19.71 18.24
C5' FAD F . -1.74 18.84 17.96
O5' FAD F . -2.14 17.85 18.97
P FAD F . -1.86 16.28 18.75
O1P FAD F . -0.62 16.17 17.91
O2P FAD F . -1.88 15.62 20.09
O3P FAD F . -3.11 15.76 17.89
#